data_7MD4
#
_entry.id   7MD4
#
loop_
_entity.id
_entity.type
_entity.pdbx_description
1 polymer 'Isoform Short of Insulin receptor subunit alpha'
2 polymer 'Isoform Short of Insulin receptor'
3 polymer 'Insulin chain A'
4 polymer 'Insulin B chain'
#
loop_
_entity_poly.entity_id
_entity_poly.type
_entity_poly.pdbx_seq_one_letter_code
_entity_poly.pdbx_strand_id
1 'polypeptide(L)' AAAKELEESSFRKTFEDYLHNVVFVPSPSR N,M
2 'polypeptide(L)'
;HLYPGEVCPGMDIRNNLTRLHELENCSVIEGHLQILLMFKTRPEDFRDLSFPKLIMITDYLLLFRVYGLESLKDLFPNLT
VIRGSRLFFNYALVIFEMVHLKELGLYNLMNITRGSVRIEKNNELCYLATIDWSRILDSVEDNYIVLNKDDNEECGDICP
GTAKGKTNCPATVINGQFVERCWTHSHCQKVCPTICKSHGCTAEGLCCHSECLGNCSQPDDPTKCVACRNFYLDGRCVET
CPPPYYHFQDWRCVNFSFCQDLHHKCKNSRRQGCHQYVIHNNKCIPECPSGYTMNSSNLLCTPCLGPCPKVCHLLEGEKT
IDSVTSAQELRGCTVINGSLIINIRGGNNLAAELEANLGLIEEISGYLKIRRSYALVSLSFFRKLRLIRGETLEIGNYSF
YALDNQNLRQLWDWSKHNLTITQGKLFFHYNPKLCLSEIHKMEEVSGTKGRQERNDIALKTNGDQASCENELLKFSYIRT
SFDKILLRWEPYWPPDFRDLLGFMLFYKEAPYQNVTEFDGQDACGSNSWTVVDIDPPLRSNDPKSQNHPGWLMRGLKPWT
QYAIFVKTLVTFSDERRTYGAKSDIIYVQTDATNPSVPLDPISVSNSSSQIILKWKPPSDPNGNITHYLVFWERQAEDSE
LFELDYCLKGLKLPSRTWSPPFESEDSQKHNQSEYEDSAGECCSCPKTDSQILKELEESSFRKTFEDYLHNVVFVPRPSR
KRRSLGDVGNVTVAVPTVAAFPNTSSTSVPTSPEEHRPFEKVVNKESLVISGLRHFTGYRIELQACNQDTPEERCSVAAY
VSARTMPEAKADDIVGPVTHEIFENNVVHLMWQEPKEPNGLIVLYEVSYRRYGDEELHLCVSRKHFALERGCRLRGLSPG
NYSVRIRATSLAGNGSWTEPTYFYVTDYLDVPSNIAKHHHHHHHHHH
;
B,A
3 'polypeptide(L)' GIVEQCCTSICSLYQLENYCN U,S,Q,O
4 'polypeptide(L)' FVNQHLCGSHLVEALYLVCGERGFFYTPKT V,T,R,P
#
# COMPACT_ATOMS: atom_id res chain seq x y z
N LYS A 4 30.05 -29.97 2.30
CA LYS A 4 30.74 -30.11 3.59
C LYS A 4 31.93 -29.12 3.72
N GLU A 5 32.74 -28.94 2.65
CA GLU A 5 33.87 -27.99 2.68
C GLU A 5 33.39 -26.53 2.74
N LEU A 6 32.13 -26.24 2.33
CA LEU A 6 31.53 -24.90 2.38
C LEU A 6 30.79 -24.61 3.69
N GLU A 7 30.74 -25.62 4.58
CA GLU A 7 30.21 -25.54 5.95
C GLU A 7 31.43 -25.11 6.77
N GLU A 8 32.62 -25.66 6.43
CA GLU A 8 33.92 -25.36 7.05
C GLU A 8 34.35 -23.94 6.59
N SER A 9 34.15 -23.60 5.30
CA SER A 9 34.50 -22.28 4.73
C SER A 9 33.80 -21.18 5.51
N SER A 10 32.47 -21.27 5.61
CA SER A 10 31.63 -20.34 6.35
C SER A 10 31.99 -20.29 7.86
N PHE A 11 32.48 -21.42 8.46
CA PHE A 11 32.94 -21.53 9.86
C PHE A 11 34.11 -20.59 10.16
N ARG A 12 35.22 -20.72 9.43
CA ARG A 12 36.39 -19.86 9.59
C ARG A 12 35.95 -18.41 9.43
N LYS A 13 35.05 -18.18 8.46
CA LYS A 13 34.50 -16.88 8.08
C LYS A 13 33.61 -16.33 9.23
N THR A 14 32.99 -17.20 10.05
CA THR A 14 32.12 -16.77 11.15
C THR A 14 32.91 -16.02 12.19
N PHE A 15 33.88 -16.51 12.40
CA PHE A 15 34.92 -15.95 13.26
C PHE A 15 35.28 -14.52 12.93
N GLU A 16 36.00 -14.75 11.38
CA GLU A 16 36.54 -13.43 11.04
C GLU A 16 35.44 -12.37 10.94
N ASP A 17 34.19 -12.80 10.76
CA ASP A 17 33.05 -11.94 11.05
C ASP A 17 33.07 -11.52 12.52
N TYR A 18 33.26 -12.50 13.41
CA TYR A 18 33.21 -12.24 14.84
C TYR A 18 34.51 -11.63 15.33
N LEU A 19 35.57 -11.70 14.51
CA LEU A 19 36.86 -11.12 14.85
C LEU A 19 36.83 -9.62 15.02
N HIS A 20 36.29 -8.90 14.04
CA HIS A 20 36.41 -7.45 14.05
C HIS A 20 35.25 -6.80 14.76
N ASN A 21 34.16 -7.54 14.94
CA ASN A 21 33.01 -7.01 15.68
C ASN A 21 33.33 -6.81 17.16
N VAL A 22 34.29 -7.55 17.69
CA VAL A 22 34.66 -7.44 19.10
C VAL A 22 35.84 -6.49 19.30
N VAL A 23 36.60 -6.22 18.24
CA VAL A 23 37.79 -5.39 18.37
C VAL A 23 37.44 -3.91 18.34
N PHE A 24 36.77 -3.47 17.28
CA PHE A 24 36.68 -2.06 16.93
C PHE A 24 35.46 -1.45 17.58
N VAL A 25 35.67 -0.41 18.36
CA VAL A 25 34.62 0.23 19.12
C VAL A 25 33.97 1.33 18.28
N PHE B 15 -24.31 -4.09 -29.59
CA PHE B 15 -25.74 -3.80 -29.61
C PHE B 15 -26.51 -4.49 -28.50
N GLU B 16 -26.45 -5.83 -28.44
CA GLU B 16 -27.32 -6.56 -27.52
C GLU B 16 -26.86 -6.42 -26.08
N ASP B 17 -25.59 -6.03 -25.87
CA ASP B 17 -25.18 -5.48 -24.58
C ASP B 17 -25.97 -4.22 -24.27
N TYR B 18 -26.07 -3.32 -25.24
CA TYR B 18 -26.73 -2.04 -25.02
C TYR B 18 -28.25 -2.20 -25.10
N LEU B 19 -28.72 -3.33 -25.63
CA LEU B 19 -30.15 -3.61 -25.74
C LEU B 19 -30.85 -3.69 -24.39
N HIS B 20 -30.32 -4.50 -23.49
CA HIS B 20 -31.05 -4.79 -22.26
C HIS B 20 -30.71 -3.80 -21.16
N ASN B 21 -29.58 -3.11 -21.31
CA ASN B 21 -29.19 -2.08 -20.33
C ASN B 21 -30.14 -0.89 -20.35
N VAL B 22 -30.81 -0.65 -21.46
CA VAL B 22 -31.74 0.48 -21.59
C VAL B 22 -33.18 0.06 -21.29
N VAL B 23 -33.47 -1.24 -21.38
CA VAL B 23 -34.83 -1.71 -21.20
C VAL B 23 -35.18 -1.86 -19.73
N PHE B 24 -34.40 -2.65 -19.00
CA PHE B 24 -34.81 -3.17 -17.70
C PHE B 24 -34.35 -2.22 -16.62
N VAL B 25 -35.30 -1.77 -15.81
CA VAL B 25 -35.05 -0.79 -14.77
C VAL B 25 -34.65 -1.49 -13.48
N HIS C 1 -54.00 22.27 -42.62
CA HIS C 1 -53.57 20.95 -43.07
C HIS C 1 -52.15 20.76 -42.49
N LEU C 2 -51.42 19.80 -43.06
CA LEU C 2 -50.13 19.20 -42.73
C LEU C 2 -50.12 18.32 -41.50
N TYR C 3 -50.97 18.62 -40.52
CA TYR C 3 -50.94 17.99 -39.20
C TYR C 3 -52.27 18.28 -38.53
N PRO C 4 -53.34 17.51 -38.80
CA PRO C 4 -54.64 17.83 -38.19
C PRO C 4 -54.71 17.43 -36.72
N GLY C 5 -53.95 16.40 -36.35
CA GLY C 5 -54.01 15.88 -35.00
C GLY C 5 -53.16 16.68 -34.03
N GLU C 6 -53.04 16.14 -32.83
CA GLU C 6 -52.23 16.75 -31.79
C GLU C 6 -50.74 16.48 -32.03
N VAL C 7 -49.92 17.07 -31.18
CA VAL C 7 -48.51 16.71 -31.11
C VAL C 7 -48.27 15.95 -29.83
N CYS C 8 -47.78 14.73 -29.95
CA CYS C 8 -47.64 13.87 -28.79
C CYS C 8 -46.16 13.58 -28.52
N PRO C 9 -45.78 13.38 -27.27
CA PRO C 9 -44.36 13.21 -26.94
C PRO C 9 -43.85 11.83 -27.32
N GLY C 10 -42.59 11.60 -26.98
CA GLY C 10 -42.03 10.27 -27.08
C GLY C 10 -42.55 9.35 -26.00
N MET C 11 -42.83 8.10 -26.39
CA MET C 11 -43.48 7.16 -25.48
C MET C 11 -42.85 5.77 -25.59
N ASP C 12 -42.93 5.02 -24.49
CA ASP C 12 -42.48 3.63 -24.40
C ASP C 12 -43.63 2.79 -23.86
N ILE C 13 -44.39 2.16 -24.77
CA ILE C 13 -45.59 1.42 -24.41
C ILE C 13 -45.21 -0.03 -24.17
N ARG C 14 -45.54 -0.54 -22.99
CA ARG C 14 -44.86 -1.69 -22.42
C ARG C 14 -45.88 -2.72 -21.94
N ASN C 15 -45.71 -3.96 -22.46
CA ASN C 15 -46.33 -5.21 -21.99
C ASN C 15 -47.83 -5.31 -22.26
N ASN C 16 -48.46 -4.22 -22.69
CA ASN C 16 -49.87 -4.19 -23.01
C ASN C 16 -50.21 -3.00 -23.91
N LEU C 17 -51.24 -3.20 -24.72
CA LEU C 17 -51.64 -2.23 -25.74
C LEU C 17 -52.66 -1.23 -25.24
N THR C 18 -52.96 -1.24 -23.94
CA THR C 18 -53.89 -0.26 -23.38
C THR C 18 -53.29 1.14 -23.44
N ARG C 19 -51.98 1.22 -23.20
CA ARG C 19 -51.28 2.49 -23.26
C ARG C 19 -51.04 2.93 -24.69
N LEU C 20 -51.22 2.02 -25.66
CA LEU C 20 -51.14 2.41 -27.06
C LEU C 20 -52.33 3.25 -27.47
N HIS C 21 -53.46 3.11 -26.76
CA HIS C 21 -54.65 3.92 -27.03
C HIS C 21 -54.47 5.37 -26.66
N GLU C 22 -53.41 5.71 -25.92
CA GLU C 22 -53.05 7.10 -25.69
C GLU C 22 -52.47 7.77 -26.92
N LEU C 23 -52.15 6.98 -27.95
CA LEU C 23 -51.76 7.54 -29.24
C LEU C 23 -52.94 7.80 -30.15
N GLU C 24 -54.13 8.01 -29.56
CA GLU C 24 -55.38 8.17 -30.29
C GLU C 24 -55.38 9.33 -31.26
N ASN C 25 -55.27 10.56 -30.74
CA ASN C 25 -55.33 11.76 -31.56
C ASN C 25 -53.96 12.24 -31.98
N CYS C 26 -52.94 11.37 -31.95
CA CYS C 26 -51.57 11.82 -32.12
C CYS C 26 -51.16 11.80 -33.59
N SER C 27 -50.60 12.93 -34.06
CA SER C 27 -50.12 13.03 -35.43
C SER C 27 -48.62 13.16 -35.52
N VAL C 28 -47.97 13.69 -34.49
CA VAL C 28 -46.52 13.75 -34.40
C VAL C 28 -46.10 13.15 -33.06
N ILE C 29 -45.25 12.14 -33.11
CA ILE C 29 -44.49 11.73 -31.94
C ILE C 29 -43.32 12.69 -31.83
N GLU C 30 -43.43 13.60 -30.89
CA GLU C 30 -42.37 14.54 -30.58
C GLU C 30 -41.44 13.78 -29.63
N GLY C 31 -40.60 12.96 -30.21
CA GLY C 31 -39.85 11.98 -29.47
C GLY C 31 -39.66 10.74 -30.31
N HIS C 32 -39.63 9.61 -29.63
CA HIS C 32 -39.53 8.32 -30.28
C HIS C 32 -40.69 7.43 -29.84
N LEU C 33 -40.72 6.21 -30.36
CA LEU C 33 -41.69 5.22 -29.89
C LEU C 33 -40.96 3.90 -29.66
N GLN C 34 -41.29 3.22 -28.58
CA GLN C 34 -40.72 1.92 -28.27
C GLN C 34 -41.78 1.01 -27.66
N ILE C 35 -42.36 0.16 -28.50
CA ILE C 35 -43.34 -0.85 -28.08
C ILE C 35 -42.58 -2.15 -27.93
N LEU C 36 -42.51 -2.68 -26.71
CA LEU C 36 -41.54 -3.72 -26.43
C LEU C 36 -42.02 -4.67 -25.35
N LEU C 37 -41.55 -5.91 -25.46
CA LEU C 37 -41.71 -6.99 -24.49
C LEU C 37 -43.18 -7.24 -24.18
N MET C 38 -43.93 -7.48 -25.25
CA MET C 38 -45.34 -7.77 -25.16
C MET C 38 -45.49 -9.24 -25.47
N PHE C 39 -45.20 -10.04 -24.46
CA PHE C 39 -45.34 -11.48 -24.51
C PHE C 39 -46.80 -11.88 -24.49
N LYS C 40 -47.68 -11.00 -24.03
CA LYS C 40 -49.09 -11.28 -23.86
C LYS C 40 -49.96 -10.73 -24.98
N THR C 41 -49.40 -10.02 -25.95
CA THR C 41 -50.22 -9.55 -27.04
C THR C 41 -50.35 -10.61 -28.12
N ARG C 42 -51.49 -10.62 -28.76
CA ARG C 42 -51.92 -11.63 -29.72
C ARG C 42 -52.36 -10.91 -30.98
N PRO C 43 -52.43 -11.59 -32.14
CA PRO C 43 -52.86 -10.88 -33.35
C PRO C 43 -54.30 -10.40 -33.32
N GLU C 44 -55.12 -10.95 -32.41
CA GLU C 44 -56.44 -10.40 -32.14
C GLU C 44 -56.36 -9.00 -31.56
N ASP C 45 -55.32 -8.74 -30.76
CA ASP C 45 -55.11 -7.41 -30.21
C ASP C 45 -54.70 -6.41 -31.28
N PHE C 46 -54.21 -6.88 -32.42
CA PHE C 46 -53.72 -6.02 -33.48
C PHE C 46 -54.67 -5.94 -34.68
N ARG C 47 -55.77 -6.69 -34.67
CA ARG C 47 -56.74 -6.59 -35.75
C ARG C 47 -57.61 -5.34 -35.62
N ASP C 48 -57.91 -4.94 -34.39
CA ASP C 48 -58.76 -3.78 -34.11
C ASP C 48 -57.92 -2.68 -33.49
N LEU C 49 -56.77 -2.41 -34.09
CA LEU C 49 -55.77 -1.52 -33.52
C LEU C 49 -55.04 -0.79 -34.64
N SER C 50 -55.23 0.52 -34.73
CA SER C 50 -54.69 1.33 -35.82
C SER C 50 -54.57 2.78 -35.37
N PHE C 51 -53.53 3.47 -35.82
CA PHE C 51 -53.38 4.91 -35.60
C PHE C 51 -52.81 5.55 -36.86
N PRO C 52 -53.66 5.82 -37.86
CA PRO C 52 -53.17 6.45 -39.09
C PRO C 52 -52.98 7.95 -38.96
N LYS C 53 -53.34 8.55 -37.83
CA LYS C 53 -53.15 9.99 -37.66
C LYS C 53 -51.68 10.36 -37.60
N LEU C 54 -50.84 9.45 -37.10
CA LEU C 54 -49.41 9.71 -36.91
C LEU C 54 -48.73 9.90 -38.26
N ILE C 55 -48.10 11.06 -38.43
CA ILE C 55 -47.42 11.41 -39.66
C ILE C 55 -45.90 11.41 -39.49
N MET C 56 -45.40 11.93 -38.37
CA MET C 56 -43.96 12.09 -38.20
C MET C 56 -43.55 11.67 -36.79
N ILE C 57 -42.42 11.00 -36.71
CA ILE C 57 -41.74 10.74 -35.44
C ILE C 57 -40.42 11.47 -35.49
N THR C 58 -40.10 12.19 -34.41
CA THR C 58 -38.88 12.97 -34.46
C THR C 58 -37.63 12.11 -34.22
N ASP C 59 -37.66 11.20 -33.26
CA ASP C 59 -36.40 10.53 -32.95
C ASP C 59 -36.21 9.19 -33.64
N TYR C 60 -36.98 8.18 -33.25
CA TYR C 60 -36.78 6.83 -33.80
C TYR C 60 -37.95 5.93 -33.43
N LEU C 61 -37.80 4.66 -33.80
CA LEU C 61 -38.69 3.59 -33.40
C LEU C 61 -37.86 2.40 -32.93
N LEU C 62 -38.37 1.68 -31.94
CA LEU C 62 -37.76 0.43 -31.50
C LEU C 62 -38.86 -0.60 -31.23
N LEU C 63 -38.65 -1.82 -31.70
CA LEU C 63 -39.56 -2.94 -31.45
C LEU C 63 -38.75 -4.12 -30.93
N PHE C 64 -39.26 -4.78 -29.90
CA PHE C 64 -38.53 -5.87 -29.25
C PHE C 64 -39.49 -6.82 -28.54
N ARG C 65 -39.66 -8.02 -29.14
CA ARG C 65 -40.40 -9.15 -28.55
C ARG C 65 -41.86 -8.81 -28.26
N VAL C 66 -42.50 -8.14 -29.19
CA VAL C 66 -43.94 -7.91 -29.14
C VAL C 66 -44.59 -9.07 -29.86
N TYR C 67 -45.27 -9.91 -29.10
CA TYR C 67 -45.84 -11.07 -29.73
C TYR C 67 -47.20 -10.70 -30.29
N GLY C 68 -47.66 -11.49 -31.24
CA GLY C 68 -48.90 -11.20 -31.90
C GLY C 68 -48.82 -10.17 -33.00
N LEU C 69 -47.84 -9.27 -32.94
CA LEU C 69 -47.70 -8.24 -33.96
C LEU C 69 -47.12 -8.86 -35.21
N GLU C 70 -47.82 -8.67 -36.32
CA GLU C 70 -47.49 -9.31 -37.58
C GLU C 70 -47.16 -8.32 -38.69
N SER C 71 -47.81 -7.17 -38.72
CA SER C 71 -47.48 -6.17 -39.71
C SER C 71 -47.79 -4.79 -39.14
N LEU C 72 -47.07 -3.80 -39.66
CA LEU C 72 -47.21 -2.42 -39.24
C LEU C 72 -48.05 -1.60 -40.20
N LYS C 73 -48.60 -2.25 -41.24
CA LYS C 73 -49.43 -1.55 -42.20
C LYS C 73 -50.79 -1.19 -41.60
N ASP C 74 -51.20 -1.88 -40.55
CA ASP C 74 -52.45 -1.56 -39.88
C ASP C 74 -52.28 -0.49 -38.82
N LEU C 75 -51.25 -0.64 -37.98
CA LEU C 75 -51.08 0.24 -36.84
C LEU C 75 -50.78 1.66 -37.27
N PHE C 76 -49.89 1.83 -38.24
CA PHE C 76 -49.47 3.14 -38.72
C PHE C 76 -49.33 3.09 -40.23
N PRO C 77 -50.44 3.17 -40.96
CA PRO C 77 -50.33 3.16 -42.42
C PRO C 77 -49.83 4.46 -43.01
N ASN C 78 -50.01 5.59 -42.31
CA ASN C 78 -49.70 6.89 -42.87
C ASN C 78 -48.48 7.54 -42.25
N LEU C 79 -47.68 6.78 -41.50
CA LEU C 79 -46.40 7.30 -41.02
C LEU C 79 -45.44 7.44 -42.19
N THR C 80 -44.81 8.61 -42.29
CA THR C 80 -44.00 8.93 -43.46
C THR C 80 -42.54 9.21 -43.12
N VAL C 81 -42.25 10.08 -42.15
CA VAL C 81 -40.89 10.54 -41.89
C VAL C 81 -40.52 10.28 -40.43
N ILE C 82 -39.40 9.60 -40.22
CA ILE C 82 -38.65 9.66 -38.98
C ILE C 82 -37.54 10.66 -39.20
N ARG C 83 -37.51 11.70 -38.37
CA ARG C 83 -36.51 12.75 -38.54
C ARG C 83 -35.12 12.24 -38.18
N GLY C 84 -35.03 11.29 -37.25
CA GLY C 84 -33.75 10.90 -36.72
C GLY C 84 -33.13 11.98 -35.87
N SER C 85 -33.98 12.76 -35.19
CA SER C 85 -33.50 13.86 -34.36
C SER C 85 -32.65 13.33 -33.21
N ARG C 86 -33.06 12.21 -32.62
CA ARG C 86 -32.19 11.40 -31.79
C ARG C 86 -32.06 10.04 -32.45
N LEU C 87 -30.90 9.42 -32.29
CA LEU C 87 -30.67 8.14 -32.91
C LEU C 87 -30.42 7.09 -31.84
N PHE C 88 -30.67 5.84 -32.21
CA PHE C 88 -30.44 4.71 -31.32
C PHE C 88 -29.21 3.99 -31.87
N PHE C 89 -28.02 4.46 -31.47
CA PHE C 89 -26.73 4.04 -32.01
C PHE C 89 -26.72 4.14 -33.55
N ASN C 90 -26.99 5.36 -34.04
CA ASN C 90 -27.12 5.73 -35.45
C ASN C 90 -28.26 4.97 -36.13
N TYR C 91 -29.20 4.44 -35.36
CA TYR C 91 -30.39 3.86 -35.97
C TYR C 91 -31.59 4.71 -35.60
N ALA C 92 -32.33 5.14 -36.62
CA ALA C 92 -33.66 5.70 -36.44
C ALA C 92 -34.73 4.61 -36.42
N LEU C 93 -34.32 3.35 -36.47
CA LEU C 93 -35.22 2.22 -36.54
C LEU C 93 -34.47 0.97 -36.12
N VAL C 94 -34.91 0.34 -35.03
CA VAL C 94 -34.39 -0.94 -34.58
C VAL C 94 -35.56 -1.91 -34.45
N ILE C 95 -35.58 -2.94 -35.28
CA ILE C 95 -36.60 -3.97 -35.24
C ILE C 95 -35.88 -5.27 -34.89
N PHE C 96 -36.04 -5.71 -33.64
CA PHE C 96 -35.16 -6.73 -33.08
C PHE C 96 -35.98 -7.80 -32.37
N GLU C 97 -35.82 -9.05 -32.82
CA GLU C 97 -36.46 -10.23 -32.25
C GLU C 97 -37.98 -10.12 -32.28
N MET C 98 -38.51 -9.50 -33.32
CA MET C 98 -39.95 -9.34 -33.45
C MET C 98 -40.56 -10.66 -33.91
N VAL C 99 -41.01 -11.39 -32.90
CA VAL C 99 -41.72 -12.63 -33.12
C VAL C 99 -43.10 -12.28 -33.67
N HIS C 100 -43.57 -13.08 -34.64
CA HIS C 100 -44.81 -13.03 -35.42
C HIS C 100 -44.76 -11.94 -36.49
N LEU C 101 -43.78 -11.04 -36.45
CA LEU C 101 -43.72 -9.97 -37.43
C LEU C 101 -43.26 -10.54 -38.76
N LYS C 102 -44.16 -10.51 -39.74
CA LYS C 102 -43.91 -11.13 -41.04
C LYS C 102 -43.49 -10.16 -42.12
N GLU C 103 -43.88 -8.90 -42.01
CA GLU C 103 -43.62 -7.91 -43.04
C GLU C 103 -43.66 -6.55 -42.37
N LEU C 104 -43.08 -5.56 -43.04
CA LEU C 104 -43.14 -4.21 -42.51
C LEU C 104 -44.40 -3.50 -43.00
N GLY C 105 -44.65 -3.55 -44.31
CA GLY C 105 -45.90 -3.05 -44.86
C GLY C 105 -46.05 -1.55 -44.87
N LEU C 106 -44.98 -0.82 -44.57
CA LEU C 106 -45.03 0.62 -44.43
C LEU C 106 -44.84 1.31 -45.79
N TYR C 107 -45.87 1.19 -46.62
CA TYR C 107 -45.82 1.66 -48.00
C TYR C 107 -45.78 3.18 -48.13
N ASN C 108 -46.04 3.93 -47.06
CA ASN C 108 -45.91 5.37 -47.08
C ASN C 108 -44.56 5.85 -46.54
N LEU C 109 -43.62 4.93 -46.31
CA LEU C 109 -42.30 5.31 -45.84
C LEU C 109 -41.48 5.83 -47.01
N MET C 110 -41.02 7.08 -46.89
CA MET C 110 -40.48 7.81 -48.02
C MET C 110 -39.07 8.34 -47.79
N ASN C 111 -38.80 8.95 -46.64
CA ASN C 111 -37.46 9.47 -46.37
C ASN C 111 -37.20 9.43 -44.86
N ILE C 112 -36.07 8.83 -44.50
CA ILE C 112 -35.47 9.01 -43.19
C ILE C 112 -34.39 10.06 -43.37
N THR C 113 -34.54 11.17 -42.64
CA THR C 113 -33.58 12.25 -42.73
C THR C 113 -32.26 11.86 -42.08
N ARG C 114 -32.30 11.22 -40.92
CA ARG C 114 -31.07 10.94 -40.18
C ARG C 114 -31.14 9.56 -39.56
N GLY C 115 -30.07 8.78 -39.76
CA GLY C 115 -29.95 7.50 -39.11
C GLY C 115 -30.01 6.32 -40.06
N SER C 116 -30.06 5.14 -39.47
CA SER C 116 -30.08 3.90 -40.22
C SER C 116 -31.14 2.94 -39.66
N VAL C 117 -31.16 1.73 -40.20
CA VAL C 117 -32.21 0.74 -39.92
C VAL C 117 -31.56 -0.55 -39.46
N ARG C 118 -31.93 -1.00 -38.25
CA ARG C 118 -31.44 -2.26 -37.71
C ARG C 118 -32.59 -3.25 -37.70
N ILE C 119 -32.44 -4.33 -38.45
CA ILE C 119 -33.45 -5.38 -38.56
C ILE C 119 -32.75 -6.69 -38.25
N GLU C 120 -33.07 -7.31 -37.13
CA GLU C 120 -32.31 -8.48 -36.71
C GLU C 120 -33.18 -9.43 -35.92
N LYS C 121 -32.97 -10.73 -36.17
CA LYS C 121 -33.58 -11.84 -35.43
C LYS C 121 -35.10 -11.83 -35.53
N ASN C 122 -35.59 -11.27 -36.63
CA ASN C 122 -37.01 -11.15 -36.86
C ASN C 122 -37.35 -12.33 -37.75
N ASN C 123 -37.64 -13.45 -37.10
CA ASN C 123 -37.66 -14.78 -37.66
C ASN C 123 -38.72 -14.98 -38.72
N GLU C 124 -39.74 -14.15 -38.76
CA GLU C 124 -40.77 -14.27 -39.75
C GLU C 124 -40.73 -13.16 -40.78
N LEU C 125 -39.79 -12.22 -40.64
CA LEU C 125 -39.91 -10.94 -41.32
C LEU C 125 -39.50 -11.07 -42.76
N CYS C 126 -40.44 -10.82 -43.65
CA CYS C 126 -40.26 -10.85 -45.09
C CYS C 126 -40.55 -9.45 -45.62
N TYR C 127 -40.54 -9.36 -46.96
CA TYR C 127 -40.64 -8.10 -47.70
C TYR C 127 -39.56 -7.11 -47.28
N LEU C 128 -38.39 -7.62 -46.91
CA LEU C 128 -37.24 -6.80 -46.57
C LEU C 128 -36.38 -6.46 -47.76
N ALA C 129 -36.36 -7.33 -48.76
CA ALA C 129 -35.70 -7.02 -50.02
C ALA C 129 -36.58 -6.18 -50.93
N THR C 130 -37.88 -6.14 -50.68
CA THR C 130 -38.78 -5.38 -51.54
C THR C 130 -38.79 -3.89 -51.22
N ILE C 131 -38.14 -3.49 -50.14
CA ILE C 131 -38.12 -2.11 -49.69
C ILE C 131 -36.84 -1.46 -50.20
N ASP C 132 -36.98 -0.38 -50.93
CA ASP C 132 -35.84 0.42 -51.36
C ASP C 132 -35.56 1.39 -50.22
N TRP C 133 -34.58 1.03 -49.38
CA TRP C 133 -34.14 1.90 -48.32
C TRP C 133 -33.35 3.09 -48.83
N SER C 134 -32.79 3.00 -50.05
CA SER C 134 -32.05 4.11 -50.61
C SER C 134 -32.97 5.27 -50.98
N ARG C 135 -34.23 4.97 -51.32
CA ARG C 135 -35.25 6.01 -51.37
C ARG C 135 -35.50 6.62 -50.01
N ILE C 136 -35.40 5.82 -48.97
CA ILE C 136 -35.78 6.20 -47.63
C ILE C 136 -34.60 6.78 -46.87
N LEU C 137 -33.42 6.22 -47.04
CA LEU C 137 -32.25 6.68 -46.31
C LEU C 137 -31.32 7.39 -47.28
N ASP C 138 -30.75 8.49 -46.82
CA ASP C 138 -29.73 9.15 -47.60
C ASP C 138 -28.41 8.38 -47.52
N SER C 139 -28.26 7.56 -46.48
CA SER C 139 -27.12 6.67 -46.33
C SER C 139 -27.60 5.32 -45.81
N VAL C 140 -27.60 4.31 -46.68
CA VAL C 140 -28.03 2.96 -46.30
C VAL C 140 -26.87 2.09 -45.86
N GLU C 141 -25.69 2.69 -45.63
CA GLU C 141 -24.50 1.89 -45.37
C GLU C 141 -24.49 1.31 -43.97
N ASP C 142 -24.96 2.07 -42.99
CA ASP C 142 -24.92 1.63 -41.60
C ASP C 142 -26.10 0.75 -41.23
N ASN C 143 -26.91 0.34 -42.21
CA ASN C 143 -28.05 -0.51 -41.94
C ASN C 143 -27.62 -1.90 -41.50
N TYR C 144 -28.52 -2.57 -40.81
CA TYR C 144 -28.25 -3.88 -40.25
C TYR C 144 -29.51 -4.73 -40.45
N ILE C 145 -29.61 -5.36 -41.62
CA ILE C 145 -30.73 -6.25 -41.92
C ILE C 145 -30.14 -7.64 -42.03
N VAL C 146 -30.27 -8.43 -40.97
CA VAL C 146 -29.66 -9.74 -40.90
C VAL C 146 -30.55 -10.61 -40.03
N LEU C 147 -30.31 -11.94 -40.08
CA LEU C 147 -30.91 -12.93 -39.19
C LEU C 147 -32.43 -12.99 -39.29
N ASN C 148 -32.95 -12.66 -40.45
CA ASN C 148 -34.39 -12.57 -40.63
C ASN C 148 -34.89 -13.79 -41.39
N LYS C 149 -36.16 -13.74 -41.76
CA LYS C 149 -36.67 -14.74 -42.70
C LYS C 149 -36.22 -14.38 -44.11
N ASP C 150 -35.81 -13.13 -44.32
CA ASP C 150 -35.42 -12.67 -45.65
C ASP C 150 -34.06 -13.24 -46.08
N ASP C 151 -33.20 -13.59 -45.12
CA ASP C 151 -31.84 -14.02 -45.46
C ASP C 151 -31.82 -15.45 -45.96
N ASN C 152 -32.14 -16.40 -45.10
CA ASN C 152 -32.30 -17.80 -45.50
C ASN C 152 -33.58 -17.89 -46.33
N GLU C 153 -33.37 -17.98 -47.66
CA GLU C 153 -34.38 -17.61 -48.64
C GLU C 153 -35.60 -18.54 -48.61
N GLU C 154 -36.66 -18.07 -47.96
CA GLU C 154 -37.97 -18.72 -47.95
C GLU C 154 -39.10 -17.71 -48.12
N CYS C 155 -38.80 -16.42 -48.14
CA CYS C 155 -39.82 -15.37 -48.22
C CYS C 155 -40.41 -15.31 -49.62
N GLY C 156 -41.72 -15.55 -49.71
CA GLY C 156 -42.45 -15.34 -50.95
C GLY C 156 -42.79 -13.89 -51.09
N ASP C 157 -41.76 -13.06 -51.29
CA ASP C 157 -41.93 -11.61 -51.30
C ASP C 157 -42.56 -11.15 -52.60
N ILE C 158 -43.84 -11.42 -52.77
CA ILE C 158 -44.55 -11.09 -54.00
C ILE C 158 -45.07 -9.66 -53.88
N CYS C 159 -44.61 -8.82 -54.76
CA CYS C 159 -45.15 -7.49 -54.91
C CYS C 159 -46.48 -7.57 -55.63
N PRO C 160 -47.31 -6.49 -55.61
CA PRO C 160 -48.59 -6.55 -56.35
C PRO C 160 -48.50 -6.73 -57.87
N GLY C 161 -47.31 -6.56 -58.45
CA GLY C 161 -47.13 -6.74 -59.88
C GLY C 161 -46.75 -8.14 -60.32
N THR C 162 -47.48 -9.14 -59.85
CA THR C 162 -47.24 -10.53 -60.28
C THR C 162 -47.79 -10.78 -61.68
N GLN C 177 -28.90 -6.48 -59.56
CA GLN C 177 -30.20 -6.82 -60.14
C GLN C 177 -31.20 -5.68 -59.93
N PHE C 178 -32.09 -5.50 -60.91
CA PHE C 178 -33.14 -4.49 -60.87
C PHE C 178 -34.47 -5.16 -60.50
N VAL C 179 -35.08 -4.72 -59.40
CA VAL C 179 -36.24 -5.40 -58.82
C VAL C 179 -37.39 -4.41 -58.62
N GLU C 180 -38.62 -4.91 -58.74
CA GLU C 180 -39.78 -4.11 -58.38
C GLU C 180 -39.84 -3.97 -56.86
N ARG C 181 -40.53 -2.95 -56.39
CA ARG C 181 -40.42 -2.53 -55.00
C ARG C 181 -41.79 -2.58 -54.34
N CYS C 182 -41.84 -3.21 -53.16
CA CYS C 182 -43.09 -3.22 -52.41
C CYS C 182 -42.83 -3.35 -50.92
N TRP C 183 -43.93 -3.50 -50.20
CA TRP C 183 -43.94 -3.60 -48.76
C TRP C 183 -44.80 -4.76 -48.29
N THR C 184 -45.88 -4.99 -49.02
CA THR C 184 -46.77 -6.12 -48.80
C THR C 184 -46.97 -6.85 -50.13
N HIS C 185 -47.94 -7.76 -50.12
CA HIS C 185 -48.49 -8.29 -51.35
C HIS C 185 -49.43 -7.32 -52.03
N SER C 186 -49.88 -6.30 -51.30
CA SER C 186 -50.94 -5.40 -51.76
C SER C 186 -50.53 -3.94 -51.75
N HIS C 187 -49.28 -3.62 -51.44
CA HIS C 187 -48.83 -2.24 -51.38
C HIS C 187 -47.40 -2.14 -51.91
N CYS C 188 -47.23 -1.42 -53.00
CA CYS C 188 -45.91 -1.23 -53.58
C CYS C 188 -45.13 -0.19 -52.80
N GLN C 189 -43.88 0.03 -53.21
CA GLN C 189 -43.12 1.16 -52.72
C GLN C 189 -43.23 2.30 -53.72
N LYS C 190 -43.82 3.41 -53.27
CA LYS C 190 -44.07 4.55 -54.14
C LYS C 190 -42.77 5.22 -54.52
N VAL C 191 -42.42 5.13 -55.80
CA VAL C 191 -41.19 5.72 -56.31
C VAL C 191 -41.56 6.97 -57.09
N CYS C 192 -41.13 8.09 -56.62
CA CYS C 192 -41.32 9.40 -57.19
C CYS C 192 -40.23 9.69 -58.19
N PRO C 193 -40.39 10.68 -59.07
CA PRO C 193 -39.30 11.04 -60.00
C PRO C 193 -38.08 11.57 -59.27
N THR C 194 -36.97 11.64 -60.00
CA THR C 194 -35.73 12.10 -59.39
C THR C 194 -35.76 13.59 -59.08
N ILE C 195 -36.60 14.35 -59.79
CA ILE C 195 -36.79 15.75 -59.44
C ILE C 195 -37.64 15.86 -58.18
N CYS C 196 -38.50 14.86 -57.94
CA CYS C 196 -39.09 14.70 -56.61
C CYS C 196 -38.09 14.08 -55.64
N LYS C 197 -37.10 14.87 -55.21
CA LYS C 197 -35.86 14.40 -54.57
C LYS C 197 -36.19 13.73 -53.25
N SER C 198 -36.53 14.47 -52.22
CA SER C 198 -37.00 13.94 -50.95
C SER C 198 -38.38 14.45 -50.64
N HIS C 199 -38.84 15.40 -51.45
CA HIS C 199 -40.14 16.02 -51.28
C HIS C 199 -41.25 15.11 -51.73
N GLY C 200 -40.92 14.13 -52.58
CA GLY C 200 -41.86 13.10 -52.92
C GLY C 200 -42.83 13.55 -53.97
N CYS C 201 -43.85 12.72 -54.16
CA CYS C 201 -44.80 12.96 -55.22
C CYS C 201 -46.20 12.56 -54.75
N THR C 202 -47.20 13.14 -55.40
CA THR C 202 -48.58 12.72 -55.25
C THR C 202 -48.85 11.51 -56.14
N ALA C 203 -50.13 11.20 -56.33
CA ALA C 203 -50.51 9.94 -56.99
C ALA C 203 -50.18 9.95 -58.47
N GLU C 204 -50.36 11.09 -59.15
CA GLU C 204 -50.00 11.18 -60.56
C GLU C 204 -48.51 11.43 -60.77
N GLY C 205 -47.74 11.59 -59.71
CA GLY C 205 -46.30 11.72 -59.83
C GLY C 205 -45.77 13.12 -59.90
N LEU C 206 -46.61 14.13 -59.80
CA LEU C 206 -46.16 15.51 -59.75
C LEU C 206 -45.38 15.76 -58.47
N CYS C 207 -44.25 16.44 -58.59
CA CYS C 207 -43.40 16.69 -57.44
C CYS C 207 -44.09 17.62 -56.46
N CYS C 208 -43.90 17.33 -55.18
CA CYS C 208 -44.53 18.08 -54.13
C CYS C 208 -43.83 19.42 -53.93
N HIS C 209 -44.21 20.11 -52.86
CA HIS C 209 -43.54 21.36 -52.56
C HIS C 209 -42.13 21.08 -52.07
N SER C 210 -41.22 22.05 -52.26
CA SER C 210 -39.83 21.83 -51.90
C SER C 210 -39.60 21.88 -50.40
N GLU C 211 -40.63 22.19 -49.62
CA GLU C 211 -40.60 21.95 -48.20
C GLU C 211 -41.49 20.80 -47.76
N CYS C 212 -42.17 20.13 -48.69
CA CYS C 212 -42.70 18.82 -48.39
C CYS C 212 -41.55 17.82 -48.27
N LEU C 213 -41.86 16.67 -47.70
CA LEU C 213 -40.87 15.60 -47.56
C LEU C 213 -41.58 14.28 -47.75
N GLY C 214 -41.48 13.72 -48.96
CA GLY C 214 -41.96 12.39 -49.23
C GLY C 214 -43.34 12.22 -49.86
N ASN C 215 -44.31 13.01 -49.44
CA ASN C 215 -45.66 12.90 -49.99
C ASN C 215 -46.38 14.23 -49.76
N CYS C 216 -47.40 14.46 -50.58
CA CYS C 216 -48.24 15.64 -50.47
C CYS C 216 -49.63 15.30 -51.00
N SER C 217 -50.63 15.87 -50.35
CA SER C 217 -52.00 15.73 -50.82
C SER C 217 -52.22 16.44 -52.15
N GLN C 218 -51.60 17.61 -52.31
CA GLN C 218 -51.63 18.37 -53.53
C GLN C 218 -50.19 18.74 -53.80
N PRO C 219 -49.71 18.56 -55.03
CA PRO C 219 -48.32 18.87 -55.34
C PRO C 219 -48.06 20.36 -55.38
N ASP C 220 -46.85 20.72 -54.93
CA ASP C 220 -46.32 22.09 -54.95
C ASP C 220 -47.20 23.02 -54.13
N ASP C 221 -47.35 22.70 -52.85
CA ASP C 221 -48.09 23.53 -51.91
C ASP C 221 -47.58 23.22 -50.51
N PRO C 222 -46.95 24.20 -49.84
CA PRO C 222 -46.41 23.95 -48.49
C PRO C 222 -47.48 23.82 -47.43
N THR C 223 -48.71 24.23 -47.73
CA THR C 223 -49.85 23.98 -46.87
C THR C 223 -50.54 22.67 -47.22
N LYS C 224 -50.23 22.09 -48.36
CA LYS C 224 -50.76 20.78 -48.74
C LYS C 224 -49.65 19.74 -48.83
N CYS C 225 -48.57 19.98 -48.08
CA CYS C 225 -47.65 18.91 -47.74
C CYS C 225 -48.33 17.93 -46.80
N VAL C 226 -47.83 16.70 -46.81
CA VAL C 226 -48.14 15.77 -45.73
C VAL C 226 -47.21 16.02 -44.55
N ALA C 227 -45.93 16.22 -44.82
CA ALA C 227 -44.96 16.54 -43.78
C ALA C 227 -44.00 17.60 -44.28
N CYS C 228 -43.21 18.13 -43.37
CA CYS C 228 -42.30 19.21 -43.69
C CYS C 228 -40.90 18.67 -43.93
N ARG C 229 -40.19 19.28 -44.88
CA ARG C 229 -38.82 18.85 -45.09
C ARG C 229 -37.94 19.31 -43.95
N ASN C 230 -37.99 20.58 -43.60
CA ASN C 230 -37.12 21.09 -42.55
C ASN C 230 -37.97 21.50 -41.39
N PHE C 231 -38.93 22.43 -41.54
CA PHE C 231 -39.57 23.10 -40.43
C PHE C 231 -41.05 23.31 -40.75
N TYR C 232 -41.81 23.57 -39.70
CA TYR C 232 -43.26 23.71 -39.79
C TYR C 232 -43.70 24.96 -39.03
N LEU C 233 -44.57 25.75 -39.65
CA LEU C 233 -45.18 26.87 -38.94
C LEU C 233 -46.55 27.14 -39.52
N ASP C 234 -47.58 26.89 -38.71
CA ASP C 234 -48.96 27.33 -38.92
C ASP C 234 -49.57 26.72 -40.19
N GLY C 235 -49.68 25.39 -40.19
CA GLY C 235 -50.28 24.70 -41.30
C GLY C 235 -49.41 24.65 -42.54
N ARG C 236 -48.15 25.04 -42.43
CA ARG C 236 -47.31 25.27 -43.58
C ARG C 236 -45.90 24.81 -43.26
N CYS C 237 -45.33 24.06 -44.20
CA CYS C 237 -43.94 23.67 -44.11
C CYS C 237 -43.06 24.87 -44.44
N VAL C 238 -42.37 25.38 -43.42
CA VAL C 238 -41.50 26.55 -43.60
C VAL C 238 -40.07 26.07 -43.73
N GLU C 239 -39.26 26.86 -44.43
CA GLU C 239 -37.85 26.54 -44.54
C GLU C 239 -37.14 26.83 -43.22
N THR C 240 -37.45 27.97 -42.63
CA THR C 240 -36.91 28.36 -41.34
C THR C 240 -38.03 28.83 -40.45
N CYS C 241 -37.73 28.98 -39.17
CA CYS C 241 -38.62 29.67 -38.28
C CYS C 241 -38.28 31.15 -38.33
N PRO C 242 -39.11 31.99 -38.92
CA PRO C 242 -38.86 33.40 -38.92
C PRO C 242 -39.09 33.95 -37.52
N PRO C 243 -38.45 35.06 -37.17
CA PRO C 243 -38.74 35.70 -35.89
C PRO C 243 -40.18 36.20 -35.85
N PRO C 244 -40.84 36.14 -34.68
CA PRO C 244 -40.33 35.80 -33.34
C PRO C 244 -40.35 34.30 -33.05
N TYR C 245 -40.55 33.50 -34.09
CA TYR C 245 -40.68 32.08 -33.82
C TYR C 245 -39.31 31.44 -33.71
N TYR C 246 -39.18 30.60 -32.70
CA TYR C 246 -37.92 29.95 -32.38
C TYR C 246 -37.96 28.54 -32.94
N HIS C 247 -36.79 28.06 -33.37
CA HIS C 247 -36.74 26.77 -34.04
C HIS C 247 -37.01 25.69 -33.02
N PHE C 248 -38.24 25.25 -32.96
CA PHE C 248 -38.68 24.47 -31.81
C PHE C 248 -38.58 23.00 -32.17
N GLN C 249 -37.63 22.34 -31.51
CA GLN C 249 -37.38 20.89 -31.59
C GLN C 249 -36.98 20.45 -32.99
N ASP C 250 -36.44 21.41 -33.75
CA ASP C 250 -35.89 21.21 -35.10
C ASP C 250 -36.95 20.67 -36.07
N TRP C 251 -38.23 20.89 -35.78
CA TRP C 251 -39.23 20.59 -36.80
C TRP C 251 -40.30 21.68 -36.84
N ARG C 252 -40.35 22.55 -35.83
CA ARG C 252 -41.39 23.56 -35.84
C ARG C 252 -40.91 24.88 -35.25
N CYS C 253 -41.83 25.83 -35.24
CA CYS C 253 -41.56 27.24 -34.98
C CYS C 253 -42.53 27.75 -33.94
N VAL C 254 -42.03 28.11 -32.75
CA VAL C 254 -42.91 28.61 -31.70
C VAL C 254 -42.40 29.96 -31.22
N ASN C 255 -43.32 30.77 -30.72
CA ASN C 255 -43.04 32.12 -30.24
C ASN C 255 -42.41 32.08 -28.85
N PHE C 256 -42.26 33.27 -28.26
CA PHE C 256 -41.67 33.38 -26.93
C PHE C 256 -42.60 32.81 -25.86
N SER C 257 -43.90 33.05 -26.01
CA SER C 257 -44.83 32.78 -24.92
C SER C 257 -44.98 31.28 -24.68
N PHE C 258 -44.85 30.50 -25.75
CA PHE C 258 -44.91 29.05 -25.65
C PHE C 258 -43.75 28.51 -24.82
N CYS C 259 -42.53 28.90 -25.20
CA CYS C 259 -41.30 28.51 -24.51
C CYS C 259 -41.28 29.04 -23.08
N GLN C 260 -41.72 30.29 -22.92
CA GLN C 260 -41.89 30.95 -21.64
C GLN C 260 -42.80 30.18 -20.70
N ASP C 261 -43.99 29.83 -21.17
CA ASP C 261 -44.96 29.23 -20.27
C ASP C 261 -44.61 27.79 -19.97
N LEU C 262 -43.91 27.11 -20.88
CA LEU C 262 -43.45 25.76 -20.56
C LEU C 262 -42.28 25.82 -19.58
N HIS C 263 -41.46 26.85 -19.70
CA HIS C 263 -40.45 27.14 -18.70
C HIS C 263 -41.09 27.38 -17.33
N HIS C 264 -42.23 28.06 -17.32
CA HIS C 264 -42.94 28.31 -16.07
C HIS C 264 -43.71 27.11 -15.57
N LYS C 265 -44.10 26.22 -16.47
CA LYS C 265 -44.67 24.95 -16.05
C LYS C 265 -43.61 24.06 -15.46
N CYS C 266 -42.38 24.20 -15.93
CA CYS C 266 -41.28 23.45 -15.34
C CYS C 266 -40.76 24.13 -14.09
N LYS C 267 -41.26 25.31 -13.78
CA LYS C 267 -41.13 25.86 -12.45
C LYS C 267 -42.10 25.14 -11.51
N CYS C 274 -37.34 19.18 -15.29
CA CYS C 274 -38.45 19.34 -16.22
C CYS C 274 -37.95 19.93 -17.54
N HIS C 275 -36.66 20.33 -17.55
CA HIS C 275 -36.05 21.16 -18.59
C HIS C 275 -36.79 22.47 -18.65
N GLN C 276 -36.63 23.31 -17.64
CA GLN C 276 -37.03 24.71 -17.68
C GLN C 276 -36.38 25.32 -18.92
N TYR C 277 -37.22 25.73 -19.86
CA TYR C 277 -36.76 26.10 -21.18
C TYR C 277 -36.04 27.43 -21.18
N VAL C 278 -34.98 27.51 -21.98
CA VAL C 278 -34.26 28.75 -22.19
C VAL C 278 -34.18 29.02 -23.68
N ILE C 279 -33.47 30.08 -24.05
CA ILE C 279 -33.45 30.58 -25.42
C ILE C 279 -32.03 30.91 -25.83
N HIS C 280 -31.61 30.36 -26.96
CA HIS C 280 -30.40 30.78 -27.65
C HIS C 280 -30.50 30.32 -29.10
N ASN C 281 -29.85 31.05 -30.01
CA ASN C 281 -29.64 30.64 -31.41
C ASN C 281 -30.98 30.48 -32.15
N ASN C 282 -31.90 31.42 -31.86
CA ASN C 282 -33.29 31.40 -32.34
C ASN C 282 -33.99 30.08 -32.07
N LYS C 283 -33.76 29.52 -30.88
CA LYS C 283 -34.28 28.22 -30.53
C LYS C 283 -34.74 28.25 -29.08
N CYS C 284 -35.95 27.72 -28.85
CA CYS C 284 -36.39 27.41 -27.50
C CYS C 284 -35.71 26.13 -27.08
N ILE C 285 -34.62 26.28 -26.34
CA ILE C 285 -33.78 25.16 -25.95
C ILE C 285 -34.07 24.82 -24.49
N PRO C 286 -33.87 23.58 -24.10
CA PRO C 286 -33.96 23.27 -22.67
C PRO C 286 -32.89 23.98 -21.88
N GLU C 287 -31.64 23.87 -22.31
CA GLU C 287 -30.51 24.36 -21.53
C GLU C 287 -29.57 25.12 -22.44
N CYS C 288 -28.91 26.12 -21.86
CA CYS C 288 -28.01 26.99 -22.60
C CYS C 288 -26.78 26.23 -23.07
N PRO C 289 -26.26 26.53 -24.25
CA PRO C 289 -25.00 25.92 -24.70
C PRO C 289 -23.81 26.52 -23.97
N SER C 290 -22.62 26.14 -24.44
CA SER C 290 -21.39 26.28 -23.67
C SER C 290 -21.03 27.74 -23.44
N GLY C 291 -20.63 28.04 -22.20
CA GLY C 291 -20.27 29.38 -21.80
C GLY C 291 -21.43 30.31 -21.58
N TYR C 292 -22.66 29.81 -21.60
CA TYR C 292 -23.82 30.69 -21.64
C TYR C 292 -24.69 30.54 -20.41
N THR C 293 -25.22 31.69 -19.98
CA THR C 293 -26.07 31.82 -18.82
C THR C 293 -27.39 32.39 -19.30
N MET C 294 -28.49 31.77 -18.86
CA MET C 294 -29.82 32.22 -19.25
C MET C 294 -30.07 33.61 -18.69
N ASN C 295 -30.86 34.39 -19.41
CA ASN C 295 -31.26 35.69 -18.90
C ASN C 295 -32.72 35.57 -18.50
N SER C 296 -32.97 35.63 -17.18
CA SER C 296 -34.23 35.18 -16.56
C SER C 296 -35.47 35.91 -17.07
N SER C 297 -35.27 37.13 -17.58
CA SER C 297 -36.34 37.85 -18.25
C SER C 297 -36.78 37.13 -19.51
N ASN C 298 -35.86 36.95 -20.44
CA ASN C 298 -36.16 36.48 -21.78
C ASN C 298 -35.52 35.15 -22.12
N LEU C 299 -35.07 34.39 -21.11
CA LEU C 299 -34.50 33.06 -21.23
C LEU C 299 -33.21 33.04 -22.04
N LEU C 300 -32.55 34.18 -22.23
CA LEU C 300 -31.50 34.31 -23.22
C LEU C 300 -30.18 33.82 -22.67
N CYS C 301 -29.59 32.86 -23.37
CA CYS C 301 -28.33 32.28 -22.95
C CYS C 301 -27.18 33.23 -23.23
N THR C 302 -26.91 34.09 -22.26
CA THR C 302 -25.92 35.14 -22.37
C THR C 302 -24.59 34.61 -21.87
N PRO C 303 -23.47 35.06 -22.44
CA PRO C 303 -22.17 34.55 -22.00
C PRO C 303 -21.82 34.93 -20.58
N CYS C 304 -21.27 33.94 -19.87
CA CYS C 304 -20.87 34.11 -18.49
C CYS C 304 -19.57 34.87 -18.42
N LEU C 305 -19.14 35.17 -17.20
CA LEU C 305 -17.90 35.89 -16.98
C LEU C 305 -17.03 35.12 -16.00
N GLY C 306 -13.09 31.18 -19.09
CA GLY C 306 -13.08 30.70 -17.72
C GLY C 306 -14.08 29.59 -17.47
N PRO C 307 -14.39 29.34 -16.20
CA PRO C 307 -15.37 28.29 -15.87
C PRO C 307 -16.78 28.64 -16.32
N CYS C 308 -17.64 27.63 -16.36
CA CYS C 308 -19.02 27.80 -16.76
C CYS C 308 -19.89 27.78 -15.50
N PRO C 309 -20.99 28.54 -15.46
CA PRO C 309 -21.81 28.58 -14.26
C PRO C 309 -22.58 27.29 -14.07
N LYS C 310 -22.87 26.97 -12.81
CA LYS C 310 -23.53 25.71 -12.49
C LYS C 310 -24.34 25.89 -11.23
N VAL C 311 -25.66 26.01 -11.39
CA VAL C 311 -26.57 26.04 -10.26
C VAL C 311 -26.87 24.60 -9.87
N CYS C 312 -26.56 24.25 -8.64
CA CYS C 312 -26.70 22.88 -8.17
C CYS C 312 -27.88 22.81 -7.22
N HIS C 313 -29.06 22.54 -7.77
CA HIS C 313 -30.24 22.33 -6.96
C HIS C 313 -30.14 20.95 -6.34
N LEU C 314 -30.16 20.90 -5.02
CA LEU C 314 -29.84 19.69 -4.29
C LEU C 314 -31.08 18.85 -4.00
N LEU C 315 -30.85 17.59 -3.70
CA LEU C 315 -31.92 16.72 -3.24
C LEU C 315 -32.26 17.07 -1.80
N GLU C 316 -33.54 17.36 -1.56
CA GLU C 316 -34.08 17.86 -0.29
C GLU C 316 -33.40 19.14 0.17
N GLY C 317 -32.84 19.92 -0.77
CA GLY C 317 -32.25 21.21 -0.49
C GLY C 317 -31.03 21.18 0.42
N GLU C 318 -30.43 20.00 0.59
CA GLU C 318 -29.33 19.79 1.52
C GLU C 318 -28.46 18.67 1.01
N LYS C 319 -27.21 18.66 1.45
CA LYS C 319 -26.29 17.58 1.13
C LYS C 319 -25.16 17.54 2.14
N THR C 320 -24.88 16.34 2.65
CA THR C 320 -23.79 16.14 3.59
C THR C 320 -22.50 15.94 2.85
N ILE C 321 -21.49 16.70 3.22
CA ILE C 321 -20.17 16.57 2.64
C ILE C 321 -19.27 15.98 3.70
N ASP C 322 -18.82 14.77 3.43
CA ASP C 322 -18.06 13.99 4.40
C ASP C 322 -16.79 13.43 3.80
N SER C 323 -16.61 13.60 2.50
CA SER C 323 -15.53 12.93 1.79
C SER C 323 -15.27 13.68 0.50
N VAL C 324 -14.18 13.29 -0.17
CA VAL C 324 -13.82 13.91 -1.43
C VAL C 324 -14.84 13.55 -2.50
N THR C 325 -15.29 12.31 -2.51
CA THR C 325 -16.27 11.86 -3.49
C THR C 325 -17.60 12.57 -3.28
N SER C 326 -17.91 12.92 -2.02
CA SER C 326 -19.06 13.77 -1.74
C SER C 326 -18.86 15.19 -2.31
N ALA C 327 -17.63 15.58 -2.60
CA ALA C 327 -17.42 16.87 -3.24
C ALA C 327 -17.36 16.73 -4.77
N GLN C 328 -17.00 15.54 -5.26
CA GLN C 328 -16.87 15.30 -6.69
C GLN C 328 -18.20 15.39 -7.40
N GLU C 329 -19.28 15.12 -6.67
CA GLU C 329 -20.61 15.38 -7.19
C GLU C 329 -20.88 16.86 -7.30
N LEU C 330 -20.42 17.63 -6.32
CA LEU C 330 -20.58 19.07 -6.33
C LEU C 330 -19.43 19.77 -7.03
N ARG C 331 -18.69 19.03 -7.85
CA ARG C 331 -17.57 19.61 -8.57
C ARG C 331 -18.07 20.55 -9.64
N GLY C 332 -17.67 21.80 -9.54
CA GLY C 332 -18.10 22.77 -10.51
C GLY C 332 -19.29 23.60 -10.12
N CYS C 333 -19.85 23.38 -8.93
CA CYS C 333 -21.02 24.13 -8.52
C CYS C 333 -20.67 25.59 -8.31
N THR C 334 -21.65 26.45 -8.57
CA THR C 334 -21.48 27.88 -8.37
C THR C 334 -22.53 28.46 -7.45
N VAL C 335 -23.79 28.23 -7.73
CA VAL C 335 -24.91 28.71 -6.92
C VAL C 335 -25.64 27.48 -6.43
N ILE C 336 -25.89 27.40 -5.14
CA ILE C 336 -26.55 26.24 -4.58
C ILE C 336 -27.93 26.64 -4.06
N ASN C 337 -28.95 26.08 -4.71
CA ASN C 337 -30.35 26.22 -4.35
C ASN C 337 -30.59 25.16 -3.29
N GLY C 338 -30.13 25.43 -2.08
CA GLY C 338 -30.23 24.50 -0.98
C GLY C 338 -29.19 24.83 0.06
N SER C 339 -28.98 23.90 0.99
CA SER C 339 -28.03 24.05 2.09
C SER C 339 -26.98 22.97 1.96
N LEU C 340 -25.94 23.05 2.78
CA LEU C 340 -24.92 22.02 2.81
C LEU C 340 -24.53 21.64 4.23
N ILE C 341 -24.12 20.39 4.37
CA ILE C 341 -23.77 19.80 5.65
C ILE C 341 -22.36 19.26 5.48
N ILE C 342 -21.50 19.53 6.44
CA ILE C 342 -20.09 19.21 6.29
C ILE C 342 -19.59 18.42 7.48
N ASN C 343 -19.23 17.17 7.26
CA ASN C 343 -18.51 16.38 8.24
C ASN C 343 -17.46 15.53 7.54
N ILE C 344 -16.55 16.18 6.85
CA ILE C 344 -15.36 15.52 6.36
C ILE C 344 -14.43 15.43 7.57
N ARG C 345 -13.90 14.25 7.88
CA ARG C 345 -13.01 14.16 9.03
C ARG C 345 -11.59 13.77 8.70
N GLY C 346 -11.26 13.46 7.46
CA GLY C 346 -9.88 13.22 7.11
C GLY C 346 -9.76 12.61 5.73
N GLY C 347 -8.54 12.55 5.23
CA GLY C 347 -8.25 12.01 3.91
C GLY C 347 -7.12 12.72 3.20
N ASN C 348 -6.71 12.17 2.06
CA ASN C 348 -5.66 12.79 1.26
C ASN C 348 -6.25 13.89 0.40
N ASN C 349 -5.39 14.85 0.06
CA ASN C 349 -5.68 15.99 -0.81
C ASN C 349 -6.83 16.85 -0.29
N LEU C 350 -6.95 16.97 1.03
CA LEU C 350 -7.97 17.83 1.62
C LEU C 350 -7.68 19.28 1.31
N ALA C 351 -8.77 20.05 1.19
CA ALA C 351 -8.86 21.48 0.88
C ALA C 351 -8.40 21.82 -0.53
N ALA C 352 -7.91 20.84 -1.27
CA ALA C 352 -7.35 21.09 -2.59
C ALA C 352 -8.26 20.52 -3.66
N GLU C 353 -8.56 19.22 -3.53
CA GLU C 353 -9.72 18.68 -4.24
C GLU C 353 -10.98 19.39 -3.79
N LEU C 354 -11.02 19.79 -2.54
CA LEU C 354 -12.21 20.45 -2.03
C LEU C 354 -12.33 21.86 -2.58
N GLU C 355 -11.21 22.52 -2.84
CA GLU C 355 -11.33 23.78 -3.56
C GLU C 355 -11.68 23.55 -5.02
N ALA C 356 -11.10 22.51 -5.61
CA ALA C 356 -11.28 22.22 -7.03
C ALA C 356 -12.70 21.80 -7.33
N ASN C 357 -13.37 21.22 -6.36
CA ASN C 357 -14.77 20.95 -6.49
C ASN C 357 -15.61 22.16 -6.08
N LEU C 358 -15.12 22.90 -5.08
CA LEU C 358 -15.98 23.62 -4.16
C LEU C 358 -15.60 25.07 -3.91
N GLY C 359 -14.38 25.49 -4.25
CA GLY C 359 -14.10 26.91 -4.22
C GLY C 359 -14.88 27.68 -5.25
N LEU C 360 -15.34 26.99 -6.28
CA LEU C 360 -16.10 27.50 -7.39
C LEU C 360 -17.47 27.99 -6.99
N ILE C 361 -17.97 27.50 -5.85
CA ILE C 361 -19.29 27.88 -5.42
C ILE C 361 -19.23 29.33 -4.99
N GLU C 362 -20.28 30.07 -5.29
CA GLU C 362 -20.40 31.44 -4.87
C GLU C 362 -21.59 31.68 -3.98
N GLU C 363 -22.71 31.07 -4.30
CA GLU C 363 -23.97 31.42 -3.68
C GLU C 363 -24.60 30.17 -3.08
N ILE C 364 -25.26 30.36 -1.95
CA ILE C 364 -26.01 29.32 -1.28
C ILE C 364 -27.36 29.91 -0.91
N SER C 365 -28.42 29.29 -1.41
CA SER C 365 -29.75 29.67 -0.96
C SER C 365 -29.93 29.33 0.50
N GLY C 366 -29.66 28.09 0.88
CA GLY C 366 -29.96 27.72 2.23
C GLY C 366 -28.91 28.05 3.25
N TYR C 367 -28.81 27.25 4.29
CA TYR C 367 -27.83 27.48 5.33
C TYR C 367 -26.54 26.75 5.01
N LEU C 368 -25.66 26.73 5.99
CA LEU C 368 -24.45 25.95 5.91
C LEU C 368 -24.19 25.24 7.23
N LYS C 369 -24.02 23.92 7.16
CA LYS C 369 -23.73 23.12 8.34
C LYS C 369 -22.31 22.61 8.28
N ILE C 370 -21.60 22.76 9.39
CA ILE C 370 -20.31 22.11 9.59
C ILE C 370 -20.34 21.52 10.98
N ARG C 371 -20.45 20.20 11.04
CA ARG C 371 -20.45 19.54 12.33
C ARG C 371 -19.36 18.51 12.33
N ARG C 372 -18.61 18.45 13.43
CA ARG C 372 -17.70 17.34 13.78
C ARG C 372 -16.57 17.16 12.78
N SER C 373 -16.39 18.16 11.95
CA SER C 373 -15.53 18.11 10.78
C SER C 373 -14.12 18.29 11.32
N TYR C 374 -13.35 17.20 11.18
CA TYR C 374 -12.20 17.07 12.05
C TYR C 374 -10.93 17.66 11.46
N ALA C 375 -10.39 17.06 10.40
CA ALA C 375 -8.97 17.20 10.10
C ALA C 375 -8.62 18.51 9.43
N LEU C 376 -9.58 19.25 8.90
CA LEU C 376 -9.27 20.49 8.24
C LEU C 376 -9.07 21.62 9.22
N VAL C 377 -8.57 22.73 8.70
CA VAL C 377 -8.09 23.84 9.50
C VAL C 377 -8.68 25.18 9.05
N SER C 378 -9.10 25.30 7.79
CA SER C 378 -9.58 26.56 7.29
C SER C 378 -10.58 26.34 6.18
N LEU C 379 -11.32 27.40 5.87
CA LEU C 379 -12.30 27.40 4.79
C LEU C 379 -11.90 28.31 3.68
N SER C 380 -10.63 28.70 3.62
CA SER C 380 -10.19 29.64 2.59
C SER C 380 -10.28 29.04 1.21
N PHE C 381 -10.34 27.72 1.10
CA PHE C 381 -10.48 27.07 -0.19
C PHE C 381 -11.88 27.18 -0.76
N PHE C 382 -12.78 27.90 -0.09
CA PHE C 382 -13.99 28.39 -0.73
C PHE C 382 -13.76 29.80 -1.25
N ARG C 383 -13.18 29.84 -2.44
CA ARG C 383 -12.56 31.07 -2.89
C ARG C 383 -13.60 32.07 -3.37
N LYS C 384 -14.64 31.58 -4.00
CA LYS C 384 -15.64 32.42 -4.63
C LYS C 384 -16.88 32.52 -3.79
N LEU C 385 -16.91 31.83 -2.66
CA LEU C 385 -18.14 31.66 -1.92
C LEU C 385 -18.45 32.96 -1.20
N ARG C 386 -19.26 33.77 -1.83
CA ARG C 386 -19.49 35.11 -1.37
C ARG C 386 -20.94 35.40 -1.07
N LEU C 387 -21.78 34.36 -0.96
CA LEU C 387 -23.19 34.56 -0.64
C LEU C 387 -23.75 33.37 0.13
N ILE C 388 -24.30 33.66 1.31
CA ILE C 388 -25.27 32.80 1.97
C ILE C 388 -26.59 33.54 1.97
N ARG C 389 -27.57 32.99 1.29
CA ARG C 389 -28.88 33.59 1.41
C ARG C 389 -29.53 33.16 2.71
N GLY C 390 -29.28 31.94 3.15
CA GLY C 390 -29.93 31.43 4.32
C GLY C 390 -31.39 31.17 4.14
N GLU C 391 -31.82 30.90 2.89
CA GLU C 391 -33.24 30.69 2.61
C GLU C 391 -33.76 29.45 3.31
N THR C 392 -32.98 28.38 3.30
CA THR C 392 -33.17 27.30 4.25
C THR C 392 -32.35 27.66 5.47
N LEU C 393 -33.02 27.72 6.61
CA LEU C 393 -32.37 28.04 7.86
C LEU C 393 -32.16 26.77 8.65
N GLU C 394 -31.01 26.70 9.32
CA GLU C 394 -30.90 25.75 10.39
C GLU C 394 -31.85 26.16 11.50
N ILE C 395 -32.38 25.15 12.21
CA ILE C 395 -33.27 25.33 13.34
C ILE C 395 -32.68 26.30 14.35
N GLY C 396 -33.53 27.15 14.93
CA GLY C 396 -33.07 28.32 15.61
C GLY C 396 -32.86 29.47 14.67
N ASN C 397 -33.30 29.32 13.41
CA ASN C 397 -33.17 30.32 12.35
C ASN C 397 -31.70 30.70 12.12
N TYR C 398 -30.86 29.69 11.98
CA TYR C 398 -29.45 29.86 11.66
C TYR C 398 -29.24 29.66 10.18
N SER C 399 -28.51 30.57 9.56
CA SER C 399 -27.96 30.29 8.26
C SER C 399 -26.57 29.71 8.33
N PHE C 400 -26.03 29.56 9.53
CA PHE C 400 -24.70 28.97 9.64
C PHE C 400 -24.58 28.09 10.85
N TYR C 401 -23.73 27.08 10.73
CA TYR C 401 -23.50 26.10 11.76
C TYR C 401 -22.02 25.75 11.86
N ALA C 402 -21.51 25.64 13.08
CA ALA C 402 -20.17 25.12 13.33
C ALA C 402 -20.12 24.38 14.66
N LEU C 403 -19.95 23.07 14.61
CA LEU C 403 -19.85 22.27 15.82
C LEU C 403 -18.75 21.24 15.71
N ASP C 404 -17.90 21.19 16.73
CA ASP C 404 -16.99 20.09 16.97
C ASP C 404 -15.95 20.03 15.86
N ASN C 405 -15.65 21.21 15.40
CA ASN C 405 -14.78 21.39 14.27
C ASN C 405 -13.44 21.72 14.89
N GLN C 406 -12.64 20.69 15.09
CA GLN C 406 -11.62 20.75 16.12
C GLN C 406 -10.38 21.45 15.65
N ASN C 407 -9.86 21.04 14.51
CA ASN C 407 -8.60 21.54 14.02
C ASN C 407 -8.77 22.81 13.22
N LEU C 408 -9.99 23.32 13.12
CA LEU C 408 -10.25 24.54 12.39
C LEU C 408 -9.61 25.72 13.09
N ARG C 409 -8.66 26.35 12.43
CA ARG C 409 -8.08 27.55 12.99
C ARG C 409 -8.60 28.82 12.33
N GLN C 410 -9.28 28.72 11.18
CA GLN C 410 -9.54 29.88 10.34
C GLN C 410 -10.87 29.73 9.62
N LEU C 411 -11.65 30.80 9.59
CA LEU C 411 -12.75 30.82 8.64
C LEU C 411 -12.21 31.17 7.27
N TRP C 412 -11.80 32.43 7.12
CA TRP C 412 -11.24 32.92 5.88
C TRP C 412 -10.24 34.02 6.16
N ASP C 413 -9.48 34.34 5.12
CA ASP C 413 -8.72 35.57 5.13
C ASP C 413 -9.77 36.66 4.95
N TRP C 414 -10.19 37.24 6.07
CA TRP C 414 -11.18 38.30 6.02
C TRP C 414 -10.62 39.61 5.49
N SER C 415 -9.30 39.72 5.39
CA SER C 415 -8.73 40.75 4.55
C SER C 415 -8.90 40.45 3.08
N LYS C 416 -8.97 39.17 2.70
CA LYS C 416 -9.21 38.78 1.32
C LYS C 416 -10.64 38.39 1.04
N HIS C 417 -11.11 37.29 1.64
CA HIS C 417 -12.39 36.74 1.24
C HIS C 417 -13.49 37.56 1.90
N ASN C 418 -14.33 38.15 1.06
CA ASN C 418 -15.51 38.86 1.47
C ASN C 418 -16.68 37.90 1.31
N LEU C 419 -17.63 37.96 2.22
CA LEU C 419 -18.70 36.99 2.24
C LEU C 419 -19.99 37.63 2.72
N THR C 420 -21.06 37.38 2.00
CA THR C 420 -22.39 37.84 2.34
C THR C 420 -23.18 36.72 2.98
N ILE C 421 -23.78 37.00 4.13
CA ILE C 421 -24.72 36.10 4.75
C ILE C 421 -26.02 36.87 4.91
N THR C 422 -27.03 36.49 4.13
CA THR C 422 -28.23 37.30 4.05
C THR C 422 -29.11 37.10 5.27
N GLN C 423 -29.51 35.86 5.51
CA GLN C 423 -30.40 35.56 6.62
C GLN C 423 -29.59 34.87 7.69
N GLY C 424 -30.24 34.59 8.81
CA GLY C 424 -29.76 33.65 9.79
C GLY C 424 -28.56 34.13 10.60
N LYS C 425 -28.22 33.30 11.59
CA LYS C 425 -27.15 33.56 12.53
C LYS C 425 -26.06 32.53 12.43
N LEU C 426 -25.21 32.56 13.44
CA LEU C 426 -23.94 31.87 13.43
C LEU C 426 -23.86 30.96 14.63
N PHE C 427 -23.68 29.68 14.35
CA PHE C 427 -23.62 28.66 15.39
C PHE C 427 -22.16 28.34 15.57
N PHE C 428 -21.56 28.78 16.66
CA PHE C 428 -20.13 28.64 16.86
C PHE C 428 -19.85 27.92 18.16
N HIS C 429 -19.65 26.61 18.12
CA HIS C 429 -19.66 25.85 19.34
C HIS C 429 -18.67 24.70 19.26
N TYR C 430 -17.82 24.58 20.27
CA TYR C 430 -16.96 23.42 20.49
C TYR C 430 -15.94 23.24 19.37
N ASN C 431 -15.43 24.36 18.89
CA ASN C 431 -14.55 24.40 17.73
C ASN C 431 -13.24 25.05 18.17
N PRO C 432 -12.42 24.30 18.89
CA PRO C 432 -11.53 24.91 19.87
C PRO C 432 -10.29 25.52 19.32
N LYS C 433 -10.17 25.68 18.01
CA LYS C 433 -8.98 26.33 17.49
C LYS C 433 -9.28 27.60 16.71
N LEU C 434 -10.55 27.97 16.58
CA LEU C 434 -10.90 29.18 15.84
C LEU C 434 -11.06 30.34 16.80
N CYS C 435 -10.20 31.33 16.68
CA CYS C 435 -10.22 32.46 17.60
C CYS C 435 -11.44 33.33 17.39
N LEU C 436 -11.73 34.12 18.41
CA LEU C 436 -12.86 35.03 18.38
C LEU C 436 -12.64 36.18 17.43
N SER C 437 -11.39 36.45 17.09
CA SER C 437 -11.09 37.54 16.18
C SER C 437 -11.62 37.28 14.80
N GLU C 438 -11.41 36.06 14.29
CA GLU C 438 -12.05 35.60 13.06
C GLU C 438 -13.55 35.69 13.16
N ILE C 439 -14.07 35.45 14.36
CA ILE C 439 -15.50 35.48 14.58
C ILE C 439 -16.03 36.91 14.45
N HIS C 440 -15.34 37.87 15.04
CA HIS C 440 -15.83 39.24 14.95
C HIS C 440 -15.56 39.82 13.57
N LYS C 441 -14.51 39.33 12.91
CA LYS C 441 -14.31 39.60 11.49
C LYS C 441 -15.48 39.08 10.67
N MET C 442 -15.93 37.89 10.98
CA MET C 442 -17.05 37.31 10.27
C MET C 442 -18.33 38.05 10.59
N GLU C 443 -18.45 38.53 11.82
CA GLU C 443 -19.59 39.37 12.22
C GLU C 443 -19.64 40.62 11.38
N GLU C 444 -18.49 41.23 11.17
CA GLU C 444 -18.45 42.48 10.44
C GLU C 444 -18.62 42.26 8.95
N VAL C 445 -17.92 41.26 8.40
CA VAL C 445 -17.93 41.05 6.95
C VAL C 445 -19.25 40.42 6.51
N SER C 446 -19.75 39.49 7.32
CA SER C 446 -21.00 38.80 7.07
C SER C 446 -22.22 39.69 7.16
N GLY C 447 -22.11 40.81 7.87
CA GLY C 447 -23.26 41.64 8.12
C GLY C 447 -24.25 41.04 9.08
N THR C 448 -23.83 40.05 9.85
CA THR C 448 -24.71 39.37 10.78
C THR C 448 -24.42 39.74 12.21
N LYS C 449 -23.65 40.81 12.43
CA LYS C 449 -23.00 41.09 13.71
C LYS C 449 -23.98 41.31 14.83
N GLY C 450 -24.99 42.13 14.59
CA GLY C 450 -26.00 42.37 15.60
C GLY C 450 -27.09 41.34 15.63
N ARG C 451 -26.96 40.23 14.91
CA ARG C 451 -28.01 39.23 14.94
C ARG C 451 -27.86 38.28 16.11
N GLN C 452 -26.63 37.96 16.49
CA GLN C 452 -26.42 36.82 17.37
C GLN C 452 -26.68 37.19 18.82
N GLU C 453 -27.42 36.32 19.49
CA GLU C 453 -27.85 36.48 20.86
C GLU C 453 -27.00 35.62 21.77
N ARG C 454 -27.49 35.44 23.00
CA ARG C 454 -26.85 34.58 23.99
C ARG C 454 -26.80 33.14 23.51
N ASN C 455 -25.60 32.55 23.61
CA ASN C 455 -25.33 31.13 23.34
C ASN C 455 -25.60 30.75 21.90
N ASP C 456 -25.55 31.74 20.99
CA ASP C 456 -25.41 31.41 19.59
C ASP C 456 -23.99 31.01 19.29
N ILE C 457 -23.08 31.53 20.07
CA ILE C 457 -21.65 31.40 19.88
C ILE C 457 -21.08 31.04 21.24
N ALA C 458 -20.38 29.91 21.32
CA ALA C 458 -19.76 29.58 22.59
C ALA C 458 -18.43 30.32 22.73
N LEU C 459 -18.21 30.92 23.90
CA LEU C 459 -16.99 31.67 24.13
C LEU C 459 -15.88 30.80 24.68
N LYS C 460 -16.22 29.74 25.38
CA LYS C 460 -15.24 29.01 26.16
C LYS C 460 -14.91 27.64 25.59
N THR C 461 -15.43 27.32 24.40
CA THR C 461 -15.12 26.05 23.75
C THR C 461 -14.50 26.24 22.38
N ASN C 462 -14.21 27.48 21.99
CA ASN C 462 -13.88 27.82 20.61
C ASN C 462 -12.67 28.73 20.60
N GLY C 463 -11.59 28.27 19.97
CA GLY C 463 -10.33 28.99 19.95
C GLY C 463 -9.63 29.05 21.29
N ASP C 464 -10.20 28.42 22.30
CA ASP C 464 -9.62 28.35 23.62
C ASP C 464 -8.37 27.50 23.65
N GLN C 465 -8.16 26.69 22.62
CA GLN C 465 -6.90 25.98 22.44
C GLN C 465 -6.28 26.35 21.09
N ALA C 466 -6.02 27.64 20.92
CA ALA C 466 -5.30 28.17 19.77
C ALA C 466 -4.31 29.23 20.22
N SER C 467 -4.60 29.78 21.41
CA SER C 467 -3.79 30.70 22.22
C SER C 467 -3.68 32.11 21.64
N CYS C 468 -4.09 32.27 20.37
CA CYS C 468 -4.36 33.51 19.65
C CYS C 468 -3.26 34.56 19.83
N GLU C 469 -2.04 34.25 19.39
CA GLU C 469 -0.89 35.07 19.71
C GLU C 469 -0.98 36.41 19.00
N ASN C 470 -1.49 37.39 19.73
CA ASN C 470 -1.76 38.71 19.20
C ASN C 470 -0.50 39.48 18.85
N GLU C 471 0.62 39.06 19.40
CA GLU C 471 1.88 39.72 19.13
C GLU C 471 2.77 38.83 18.29
N LEU C 472 3.92 39.37 17.94
CA LEU C 472 4.91 38.70 17.13
C LEU C 472 6.15 38.53 17.99
N LEU C 473 6.86 37.43 17.79
CA LEU C 473 8.21 37.35 18.32
C LEU C 473 9.18 37.80 17.24
N LYS C 474 10.27 38.46 17.64
CA LYS C 474 11.21 39.03 16.69
C LYS C 474 12.60 38.48 16.93
N PHE C 475 13.26 38.13 15.83
CA PHE C 475 14.59 37.53 15.87
C PHE C 475 15.64 38.61 16.04
N SER C 476 16.52 38.43 17.01
CA SER C 476 17.51 39.44 17.31
C SER C 476 18.84 39.17 16.62
N TYR C 477 19.16 37.91 16.36
CA TYR C 477 20.35 37.58 15.59
C TYR C 477 20.23 36.20 14.98
N ILE C 478 20.64 36.08 13.73
CA ILE C 478 20.63 34.80 13.07
C ILE C 478 22.05 34.47 12.64
N ARG C 479 22.57 33.35 13.13
CA ARG C 479 23.80 32.84 12.55
C ARG C 479 23.48 31.50 11.92
N THR C 480 23.89 31.30 10.69
CA THR C 480 23.81 29.96 10.13
C THR C 480 25.21 29.39 9.96
N SER C 481 25.37 28.15 10.40
CA SER C 481 26.42 27.31 9.87
C SER C 481 25.74 26.54 8.77
N PHE C 482 26.45 25.56 8.23
CA PHE C 482 25.89 24.82 7.13
C PHE C 482 24.79 23.89 7.62
N ASP C 483 25.03 23.13 8.66
CA ASP C 483 23.99 22.31 9.24
C ASP C 483 23.37 22.94 10.45
N LYS C 484 23.79 24.13 10.80
CA LYS C 484 23.48 24.65 12.10
C LYS C 484 23.04 26.07 11.96
N ILE C 485 21.95 26.43 12.62
CA ILE C 485 21.54 27.81 12.53
C ILE C 485 21.31 28.33 13.93
N LEU C 486 22.16 29.26 14.36
CA LEU C 486 21.94 30.01 15.58
C LEU C 486 20.87 31.04 15.31
N LEU C 487 19.80 30.95 16.06
CA LEU C 487 18.83 32.01 16.12
C LEU C 487 19.01 32.71 17.44
N ARG C 488 18.89 34.03 17.39
CA ARG C 488 18.70 34.82 18.58
C ARG C 488 17.44 35.62 18.36
N TRP C 489 16.70 35.80 19.44
CA TRP C 489 15.45 36.51 19.35
C TRP C 489 15.17 37.12 20.68
N GLU C 490 14.22 38.00 20.65
CA GLU C 490 13.80 38.76 21.80
C GLU C 490 13.16 37.85 22.82
N PRO C 491 13.57 37.96 24.08
CA PRO C 491 12.83 37.29 25.15
C PRO C 491 11.48 37.97 25.35
N TYR C 492 10.42 37.21 25.17
CA TYR C 492 9.09 37.66 25.51
C TYR C 492 8.92 37.48 27.01
N TRP C 493 8.17 38.38 27.64
CA TRP C 493 7.76 38.18 29.03
C TRP C 493 6.32 38.62 29.16
N PRO C 494 5.45 37.78 29.68
CA PRO C 494 4.13 38.23 30.09
C PRO C 494 4.25 39.17 31.28
N PRO C 495 3.26 40.04 31.53
CA PRO C 495 3.38 41.01 32.63
C PRO C 495 3.46 40.36 33.99
N ASP C 496 2.72 39.28 34.18
CA ASP C 496 3.10 38.32 35.21
C ASP C 496 3.98 37.29 34.52
N PHE C 497 5.29 37.45 34.67
CA PHE C 497 6.22 36.64 33.92
C PHE C 497 6.44 35.27 34.54
N ARG C 498 5.70 34.92 35.58
CA ARG C 498 5.63 33.54 36.04
C ARG C 498 5.03 32.67 34.95
N ASP C 499 4.08 33.23 34.23
CA ASP C 499 3.25 32.47 33.33
C ASP C 499 3.98 32.03 32.09
N LEU C 500 5.14 32.63 31.78
CA LEU C 500 5.94 32.21 30.65
C LEU C 500 6.41 30.79 30.88
N LEU C 501 5.77 29.85 30.20
CA LEU C 501 6.14 28.46 30.41
C LEU C 501 7.28 28.06 29.50
N GLY C 502 7.40 28.73 28.37
CA GLY C 502 8.43 28.31 27.45
C GLY C 502 8.36 29.14 26.19
N PHE C 503 9.12 28.71 25.21
CA PHE C 503 9.14 29.27 23.89
C PHE C 503 9.12 28.12 22.90
N MET C 504 8.32 28.26 21.86
CA MET C 504 7.97 27.11 21.05
C MET C 504 8.30 27.38 19.60
N LEU C 505 9.54 27.10 19.24
CA LEU C 505 10.02 27.34 17.90
C LEU C 505 9.53 26.23 17.01
N PHE C 506 9.01 26.59 15.86
CA PHE C 506 8.52 25.62 14.90
C PHE C 506 9.29 25.86 13.62
N TYR C 507 9.44 24.81 12.86
CA TYR C 507 10.26 24.84 11.68
C TYR C 507 9.79 23.71 10.80
N LYS C 508 10.23 23.72 9.55
CA LYS C 508 10.27 22.55 8.68
C LYS C 508 11.04 22.93 7.43
N GLU C 509 11.10 21.99 6.51
CA GLU C 509 11.74 22.25 5.23
C GLU C 509 10.75 22.81 4.24
N ALA C 510 11.18 23.82 3.47
CA ALA C 510 10.32 24.48 2.48
C ALA C 510 11.15 25.06 1.34
N PRO C 511 11.31 24.33 0.24
CA PRO C 511 11.96 24.94 -0.93
C PRO C 511 11.08 25.98 -1.60
N TYR C 512 9.77 25.92 -1.41
CA TYR C 512 8.89 27.01 -1.79
C TYR C 512 8.73 27.95 -0.62
N GLN C 513 7.86 28.93 -0.80
CA GLN C 513 7.32 29.64 0.35
C GLN C 513 5.82 29.48 0.43
N ASN C 514 5.32 28.30 0.06
CA ASN C 514 3.89 28.02 0.09
C ASN C 514 3.49 27.42 1.43
N VAL C 515 3.81 28.15 2.50
CA VAL C 515 3.45 27.73 3.85
C VAL C 515 2.49 28.73 4.48
N VAL C 531 9.21 22.10 14.79
CA VAL C 531 8.84 22.15 16.20
C VAL C 531 9.96 21.90 17.22
N VAL C 532 10.23 22.90 18.05
CA VAL C 532 11.08 22.81 19.23
C VAL C 532 10.47 23.65 20.33
N ASP C 533 10.34 23.08 21.53
CA ASP C 533 10.08 23.88 22.71
C ASP C 533 11.40 24.33 23.31
N ILE C 534 11.47 25.60 23.66
CA ILE C 534 12.62 26.16 24.35
C ILE C 534 12.09 26.73 25.66
N ASP C 535 12.89 26.62 26.70
CA ASP C 535 12.52 27.11 28.02
C ASP C 535 12.57 28.63 28.03
N PRO C 536 11.98 29.28 29.04
CA PRO C 536 12.18 30.71 29.19
C PRO C 536 13.62 31.03 29.56
N PRO C 537 14.12 32.18 29.15
CA PRO C 537 15.47 32.58 29.55
C PRO C 537 15.47 33.14 30.96
N LEU C 538 16.61 33.61 31.43
CA LEU C 538 16.71 34.08 32.81
C LEU C 538 16.24 35.52 32.88
N ARG C 539 15.11 35.74 33.54
CA ARG C 539 14.54 37.08 33.68
C ARG C 539 15.49 37.97 34.46
N SER C 540 15.54 37.81 35.77
CA SER C 540 16.65 38.12 36.69
C SER C 540 17.15 39.56 36.73
N ASN C 541 16.92 40.33 35.68
CA ASN C 541 17.53 41.63 35.43
C ASN C 541 17.08 42.19 34.09
N ASP C 542 17.22 43.49 33.96
CA ASP C 542 17.32 44.09 32.65
C ASP C 542 18.12 45.39 32.57
N PRO C 543 19.39 45.50 33.07
CA PRO C 543 20.13 46.72 32.71
C PRO C 543 20.48 46.73 31.23
N LYS C 544 21.30 45.75 30.81
CA LYS C 544 21.52 45.31 29.44
C LYS C 544 21.82 43.83 29.65
N SER C 545 20.82 43.00 29.52
CA SER C 545 20.98 41.59 29.80
C SER C 545 20.74 40.85 28.50
N GLN C 546 21.76 40.14 28.00
CA GLN C 546 21.39 39.21 26.95
C GLN C 546 20.77 38.01 27.64
N ASN C 547 19.49 38.16 27.90
CA ASN C 547 18.63 37.05 28.21
C ASN C 547 17.81 36.81 26.97
N HIS C 548 18.35 37.20 25.83
CA HIS C 548 17.88 36.69 24.56
C HIS C 548 18.08 35.20 24.58
N PRO C 549 17.02 34.41 24.54
CA PRO C 549 17.18 32.98 24.38
C PRO C 549 17.62 32.69 22.97
N GLY C 550 18.59 31.80 22.86
CA GLY C 550 19.16 31.61 21.56
C GLY C 550 18.98 30.21 21.08
N TRP C 551 19.00 30.00 19.78
CA TRP C 551 18.89 28.61 19.42
C TRP C 551 19.68 28.26 18.22
N LEU C 552 20.45 27.21 18.40
CA LEU C 552 21.22 26.53 17.39
C LEU C 552 20.48 25.28 16.94
N MET C 553 20.30 25.12 15.64
CA MET C 553 19.84 23.86 15.10
C MET C 553 21.04 23.01 14.70
N ARG C 554 20.85 21.72 14.40
CA ARG C 554 22.06 20.92 14.26
C ARG C 554 22.19 19.98 13.06
N GLY C 555 21.17 19.20 12.73
CA GLY C 555 21.42 18.06 11.87
C GLY C 555 21.21 18.33 10.41
N LEU C 556 21.29 19.60 10.02
CA LEU C 556 20.55 20.12 8.88
C LEU C 556 21.22 19.78 7.56
N LYS C 557 20.43 19.57 6.53
CA LYS C 557 20.99 19.50 5.20
C LYS C 557 21.41 20.91 4.78
N PRO C 558 22.68 21.11 4.50
CA PRO C 558 23.17 22.46 4.22
C PRO C 558 22.75 22.89 2.82
N TRP C 559 22.62 24.22 2.66
CA TRP C 559 21.95 24.83 1.53
C TRP C 559 20.52 24.28 1.37
N THR C 560 19.65 24.65 2.31
CA THR C 560 18.25 24.24 2.29
C THR C 560 17.39 25.27 3.01
N GLN C 561 16.39 25.79 2.30
CA GLN C 561 15.47 26.81 2.82
C GLN C 561 14.53 26.19 3.82
N TYR C 562 14.34 26.87 4.96
CA TYR C 562 13.61 26.35 6.11
C TYR C 562 12.60 27.37 6.61
N ALA C 563 11.33 27.01 6.49
CA ALA C 563 10.25 27.82 7.04
C ALA C 563 10.20 27.62 8.54
N ILE C 564 10.52 28.68 9.28
CA ILE C 564 10.78 28.59 10.70
C ILE C 564 9.99 29.66 11.43
N PHE C 565 9.31 29.28 12.50
CA PHE C 565 8.70 30.35 13.30
C PHE C 565 8.62 29.94 14.75
N VAL C 566 8.72 30.91 15.62
CA VAL C 566 8.67 30.62 17.04
C VAL C 566 7.26 30.92 17.48
N LYS C 567 6.88 30.32 18.60
CA LYS C 567 5.74 30.73 19.35
C LYS C 567 6.13 30.86 20.81
N THR C 568 5.49 31.77 21.53
CA THR C 568 5.60 31.80 22.97
C THR C 568 4.88 30.60 23.56
N LEU C 569 5.34 30.11 24.70
CA LEU C 569 4.55 29.23 25.53
C LEU C 569 4.30 29.87 26.89
N VAL C 570 3.04 30.17 27.17
CA VAL C 570 2.64 30.78 28.41
C VAL C 570 1.46 30.02 29.00
N THR C 571 0.91 30.61 30.06
CA THR C 571 -0.21 30.04 30.81
C THR C 571 -1.47 30.81 30.45
N PHE C 572 -2.59 30.11 30.35
CA PHE C 572 -3.89 30.78 30.29
C PHE C 572 -4.14 31.47 31.62
N SER C 573 -4.43 32.77 31.57
CA SER C 573 -4.62 33.49 32.81
C SER C 573 -6.00 33.22 33.39
N ASP C 574 -6.09 33.40 34.71
CA ASP C 574 -7.35 33.33 35.43
C ASP C 574 -8.18 34.58 35.18
N GLU C 575 -7.55 35.56 34.55
CA GLU C 575 -8.05 36.86 34.22
C GLU C 575 -8.08 36.96 32.70
N ARG C 576 -8.23 38.18 32.18
CA ARG C 576 -8.10 38.44 30.76
C ARG C 576 -6.73 38.00 30.31
N ARG C 577 -6.69 36.90 29.55
CA ARG C 577 -5.46 36.18 29.33
C ARG C 577 -4.53 36.93 28.39
N THR C 578 -3.27 37.00 28.78
CA THR C 578 -2.22 37.53 27.94
C THR C 578 -1.98 36.54 26.81
N TYR C 579 -2.22 36.98 25.58
CA TYR C 579 -2.29 36.09 24.42
C TYR C 579 -0.94 35.66 23.92
N GLY C 580 0.11 36.38 24.28
CA GLY C 580 1.45 36.00 23.90
C GLY C 580 1.77 36.35 22.46
N ALA C 581 2.95 35.92 22.06
CA ALA C 581 3.49 36.27 20.76
C ALA C 581 3.87 35.00 20.03
N LYS C 582 4.16 35.12 18.76
CA LYS C 582 4.72 34.02 18.01
C LYS C 582 5.55 34.60 16.89
N SER C 583 6.66 33.98 16.56
CA SER C 583 7.47 34.67 15.58
C SER C 583 6.97 34.40 14.18
N ASP C 584 7.49 35.18 13.28
CA ASP C 584 7.11 35.08 11.89
C ASP C 584 7.72 33.84 11.28
N ILE C 585 7.00 33.28 10.31
CA ILE C 585 7.51 32.21 9.50
C ILE C 585 8.63 32.77 8.67
N ILE C 586 9.84 32.54 9.11
CA ILE C 586 11.00 33.01 8.38
C ILE C 586 11.56 31.85 7.59
N TYR C 587 12.02 32.17 6.40
CA TYR C 587 12.45 31.17 5.44
C TYR C 587 13.96 31.20 5.31
N VAL C 588 14.63 30.51 6.19
CA VAL C 588 16.08 30.63 6.26
C VAL C 588 16.69 29.47 5.52
N GLN C 589 17.59 29.77 4.60
CA GLN C 589 18.33 28.73 3.92
C GLN C 589 19.60 28.44 4.70
N THR C 590 19.92 27.16 4.83
CA THR C 590 21.22 26.76 5.32
C THR C 590 22.34 27.12 4.35
N ASP C 591 23.58 26.85 4.75
CA ASP C 591 24.66 27.39 3.95
C ASP C 591 24.97 26.44 2.79
N ALA C 592 25.34 27.37 0.83
CA ALA C 592 26.04 26.74 -0.28
C ALA C 592 27.38 26.19 0.18
N THR C 593 27.38 25.24 1.10
CA THR C 593 28.61 24.80 1.72
C THR C 593 29.35 23.82 0.83
N ASN C 594 31.21 22.52 1.90
CA ASN C 594 31.66 21.40 1.10
C ASN C 594 30.49 20.47 0.83
N PRO C 595 30.09 20.33 -0.43
CA PRO C 595 29.01 19.40 -0.75
C PRO C 595 29.44 17.94 -0.59
N SER C 596 28.46 17.07 -0.76
CA SER C 596 28.65 15.64 -0.53
C SER C 596 29.47 15.02 -1.67
N VAL C 597 29.65 13.71 -1.61
CA VAL C 597 30.36 13.01 -2.67
C VAL C 597 29.52 13.02 -3.94
N PRO C 598 30.05 13.54 -5.05
CA PRO C 598 29.31 13.49 -6.31
C PRO C 598 29.13 12.04 -6.75
N LEU C 599 27.88 11.63 -6.81
CA LEU C 599 27.51 10.23 -6.79
C LEU C 599 27.83 9.55 -8.11
N ASP C 600 28.03 8.24 -8.02
CA ASP C 600 28.31 7.27 -9.08
C ASP C 600 29.33 7.69 -10.12
N PRO C 601 30.61 7.87 -9.78
CA PRO C 601 31.58 8.20 -10.83
C PRO C 601 31.87 6.97 -11.69
N ILE C 602 31.23 6.90 -12.84
CA ILE C 602 31.38 5.74 -13.71
C ILE C 602 32.38 6.09 -14.81
N SER C 603 33.49 5.36 -14.82
CA SER C 603 34.62 5.67 -15.67
C SER C 603 34.74 4.58 -16.72
N VAL C 604 34.34 4.89 -17.95
CA VAL C 604 34.37 3.92 -19.02
C VAL C 604 35.38 4.37 -20.05
N SER C 605 36.41 3.56 -20.24
CA SER C 605 37.51 3.89 -21.13
C SER C 605 37.09 3.46 -22.53
N ASN C 606 36.32 4.31 -23.19
CA ASN C 606 35.81 3.99 -24.52
C ASN C 606 36.85 4.11 -25.62
N SER C 607 38.08 4.48 -25.31
CA SER C 607 39.15 4.36 -26.29
C SER C 607 40.46 4.11 -25.58
N SER C 608 41.51 3.99 -26.40
CA SER C 608 42.87 3.94 -25.91
C SER C 608 43.35 5.28 -25.40
N SER C 609 42.60 6.35 -25.64
CA SER C 609 42.86 7.63 -25.01
C SER C 609 41.62 8.32 -24.51
N GLN C 610 40.44 7.73 -24.66
CA GLN C 610 39.22 8.38 -24.21
C GLN C 610 38.62 7.58 -23.07
N ILE C 611 38.23 8.28 -22.02
CA ILE C 611 37.50 7.70 -20.90
C ILE C 611 36.35 8.63 -20.56
N ILE C 612 35.12 8.18 -20.81
CA ILE C 612 33.95 8.93 -20.39
C ILE C 612 33.75 8.68 -18.89
N LEU C 613 34.22 9.62 -18.08
CA LEU C 613 33.83 9.62 -16.68
C LEU C 613 32.49 10.32 -16.58
N LYS C 614 31.50 9.62 -16.07
CA LYS C 614 30.19 10.19 -15.86
C LYS C 614 29.84 10.00 -14.39
N TRP C 615 29.00 10.88 -13.88
CA TRP C 615 28.66 10.81 -12.47
C TRP C 615 27.36 11.54 -12.22
N LYS C 616 26.88 11.38 -11.05
CA LYS C 616 25.69 12.05 -10.57
C LYS C 616 26.09 13.20 -9.66
N PRO C 617 25.17 14.13 -9.38
CA PRO C 617 25.44 15.14 -8.36
C PRO C 617 25.58 14.51 -6.99
N PRO C 618 26.16 15.22 -6.04
CA PRO C 618 26.18 14.74 -4.65
C PRO C 618 24.78 14.65 -4.06
N SER C 619 24.65 13.73 -3.10
CA SER C 619 23.39 13.53 -2.41
C SER C 619 23.02 14.77 -1.61
N ASP C 620 24.00 15.42 -1.03
CA ASP C 620 23.86 16.76 -0.49
C ASP C 620 24.65 17.66 -1.44
N PRO C 621 23.97 18.22 -2.43
CA PRO C 621 24.66 19.08 -3.40
C PRO C 621 25.10 20.37 -2.80
N ASN C 622 24.40 20.81 -1.76
CA ASN C 622 24.82 21.81 -0.79
C ASN C 622 25.28 23.09 -1.45
N GLY C 623 24.58 23.50 -2.49
CA GLY C 623 24.89 24.72 -3.20
C GLY C 623 24.75 24.54 -4.68
N ASN C 624 24.69 25.66 -5.38
CA ASN C 624 24.65 25.65 -6.82
C ASN C 624 26.03 25.22 -7.31
N ILE C 625 26.15 23.93 -7.65
CA ILE C 625 27.44 23.34 -7.96
C ILE C 625 27.96 23.94 -9.26
N THR C 626 28.91 24.85 -9.11
CA THR C 626 29.54 25.60 -10.19
C THR C 626 30.22 24.66 -11.16
N HIS C 627 31.23 23.93 -10.68
CA HIS C 627 31.87 22.93 -11.49
C HIS C 627 32.03 21.66 -10.68
N TYR C 628 32.24 20.59 -11.40
CA TYR C 628 32.65 19.36 -10.79
C TYR C 628 34.15 19.20 -10.99
N LEU C 629 34.85 19.23 -9.86
CA LEU C 629 36.30 19.32 -9.81
C LEU C 629 36.86 17.93 -10.02
N VAL C 630 37.19 17.63 -11.27
CA VAL C 630 37.73 16.32 -11.66
C VAL C 630 39.24 16.40 -11.61
N PHE C 631 39.85 15.54 -10.84
CA PHE C 631 41.29 15.35 -10.84
C PHE C 631 41.54 13.98 -11.42
N TRP C 632 42.55 13.85 -12.26
CA TRP C 632 42.94 12.51 -12.67
C TRP C 632 44.43 12.40 -12.66
N GLU C 633 44.89 11.15 -12.66
CA GLU C 633 46.31 10.89 -12.58
C GLU C 633 46.61 9.57 -13.24
N ARG C 634 47.69 9.53 -14.01
CA ARG C 634 48.14 8.28 -14.58
C ARG C 634 48.81 7.41 -13.52
N GLN C 635 48.37 6.17 -13.42
CA GLN C 635 49.04 5.19 -12.56
C GLN C 635 49.94 4.32 -13.41
N ALA C 636 51.24 4.35 -13.12
CA ALA C 636 52.19 3.57 -13.90
C ALA C 636 52.06 2.09 -13.59
N GLU C 637 52.71 1.28 -14.43
CA GLU C 637 52.63 -0.17 -14.30
C GLU C 637 53.44 -0.63 -13.09
N ASP C 638 53.09 -1.78 -12.54
CA ASP C 638 53.72 -2.23 -11.30
C ASP C 638 55.14 -2.71 -11.51
N SER C 639 56.00 -2.44 -10.52
CA SER C 639 57.43 -2.63 -10.61
C SER C 639 57.84 -4.10 -10.64
N GLU C 640 57.09 -4.94 -9.95
CA GLU C 640 57.43 -6.36 -9.91
C GLU C 640 57.16 -7.03 -11.24
N LEU C 641 56.30 -6.45 -12.06
CA LEU C 641 56.01 -7.00 -13.38
C LEU C 641 57.17 -6.85 -14.32
N PHE C 642 58.08 -5.91 -14.05
CA PHE C 642 59.24 -5.77 -14.89
C PHE C 642 60.31 -6.80 -14.57
N GLU C 643 60.23 -7.43 -13.42
CA GLU C 643 61.31 -8.28 -12.93
C GLU C 643 60.82 -9.68 -12.60
N LEU C 644 59.71 -10.09 -13.19
CA LEU C 644 59.27 -11.47 -13.06
C LEU C 644 59.63 -12.22 -14.33
N ASP C 645 60.10 -13.44 -14.16
CA ASP C 645 60.34 -14.34 -15.28
C ASP C 645 58.99 -14.89 -15.71
N TYR C 646 58.44 -14.34 -16.78
CA TYR C 646 57.19 -14.83 -17.31
C TYR C 646 57.37 -15.96 -18.30
N CYS C 647 58.60 -16.44 -18.47
CA CYS C 647 58.86 -17.71 -19.13
C CYS C 647 58.58 -18.89 -18.23
N LEU C 648 58.49 -18.65 -16.93
CA LEU C 648 58.14 -19.69 -15.96
C LEU C 648 56.66 -19.98 -16.09
N LYS C 649 56.31 -21.26 -16.05
CA LYS C 649 54.89 -21.64 -16.01
C LYS C 649 54.33 -21.26 -14.64
N GLY C 650 53.25 -20.49 -14.66
CA GLY C 650 52.85 -19.70 -13.52
C GLY C 650 52.82 -18.28 -14.01
N LEU C 651 52.77 -18.16 -15.34
CA LEU C 651 52.75 -16.89 -16.06
C LEU C 651 51.34 -16.33 -16.22
N LYS C 652 50.45 -16.63 -15.27
CA LYS C 652 49.04 -16.24 -15.33
C LYS C 652 48.95 -14.72 -15.22
N LEU C 653 48.74 -14.11 -16.37
CA LEU C 653 48.89 -12.68 -16.51
C LEU C 653 47.53 -12.00 -16.55
N PRO C 654 47.31 -10.93 -15.79
CA PRO C 654 46.05 -10.21 -15.88
C PRO C 654 45.95 -9.42 -17.17
N SER C 655 44.94 -9.76 -17.98
CA SER C 655 44.67 -9.04 -19.23
C SER C 655 43.82 -7.82 -18.93
N ARG C 656 44.50 -6.74 -18.56
CA ARG C 656 43.81 -5.56 -18.07
C ARG C 656 43.10 -4.80 -19.18
N GLU C 754 53.38 22.09 -3.30
CA GLU C 754 52.26 21.36 -3.87
C GLU C 754 52.56 20.88 -5.29
N GLU C 755 51.74 19.94 -5.76
CA GLU C 755 51.86 19.38 -7.09
C GLU C 755 50.52 19.49 -7.79
N HIS C 756 50.57 19.73 -9.11
CA HIS C 756 49.37 19.97 -9.89
C HIS C 756 49.20 18.84 -10.90
N ARG C 757 48.06 18.16 -10.81
CA ARG C 757 47.68 17.09 -11.72
C ARG C 757 46.88 17.66 -12.88
N PRO C 758 46.78 16.94 -13.99
CA PRO C 758 45.82 17.34 -15.03
C PRO C 758 44.40 17.20 -14.50
N PHE C 759 43.68 18.31 -14.53
CA PHE C 759 42.43 18.42 -13.80
C PHE C 759 41.39 19.06 -14.71
N GLU C 760 40.15 19.08 -14.24
CA GLU C 760 39.08 19.70 -15.01
C GLU C 760 37.97 20.18 -14.09
N LYS C 761 37.62 21.45 -14.24
CA LYS C 761 36.47 22.05 -13.58
C LYS C 761 35.26 21.89 -14.50
N VAL C 762 34.53 20.80 -14.36
CA VAL C 762 33.48 20.48 -15.32
C VAL C 762 32.27 21.32 -14.93
N VAL C 763 32.19 22.52 -15.50
CA VAL C 763 31.17 23.49 -15.15
C VAL C 763 29.85 23.02 -15.77
N ASN C 764 28.85 22.85 -14.91
CA ASN C 764 27.46 22.55 -15.28
C ASN C 764 27.34 21.29 -16.12
N LYS C 765 28.19 20.31 -15.85
CA LYS C 765 28.16 19.05 -16.58
C LYS C 765 28.63 17.94 -15.65
N GLU C 766 27.91 16.83 -15.68
CA GLU C 766 28.11 15.75 -14.73
C GLU C 766 28.69 14.53 -15.44
N SER C 767 29.28 14.79 -16.59
CA SER C 767 29.99 13.78 -17.36
C SER C 767 31.30 14.41 -17.79
N LEU C 768 32.27 13.57 -18.11
CA LEU C 768 33.51 14.08 -18.64
C LEU C 768 34.20 12.97 -19.41
N VAL C 769 34.47 13.21 -20.68
CA VAL C 769 35.41 12.39 -21.40
C VAL C 769 36.75 13.11 -21.29
N ILE C 770 37.80 12.35 -21.08
CA ILE C 770 39.13 12.91 -20.90
C ILE C 770 40.00 12.43 -22.05
N SER C 771 40.69 13.34 -22.68
CA SER C 771 41.52 13.05 -23.84
C SER C 771 42.99 13.15 -23.46
N GLY C 772 43.84 12.85 -24.44
CA GLY C 772 45.29 12.97 -24.29
C GLY C 772 45.84 11.97 -23.30
N LEU C 773 45.50 10.70 -23.51
CA LEU C 773 45.76 9.65 -22.55
C LEU C 773 46.58 8.56 -23.22
N ARG C 774 47.45 7.90 -22.44
CA ARG C 774 48.24 6.79 -22.97
C ARG C 774 47.34 5.60 -23.26
N HIS C 775 47.77 4.76 -24.18
CA HIS C 775 47.08 3.52 -24.45
C HIS C 775 47.47 2.46 -23.42
N PHE C 776 46.44 1.84 -22.84
CA PHE C 776 46.55 0.73 -21.90
C PHE C 776 47.40 1.10 -20.67
N THR C 777 46.91 2.09 -19.92
CA THR C 777 47.56 2.47 -18.69
C THR C 777 46.49 2.81 -17.66
N GLY C 778 46.54 2.11 -16.52
CA GLY C 778 45.59 2.38 -15.45
C GLY C 778 45.76 3.78 -14.91
N TYR C 779 44.65 4.46 -14.67
CA TYR C 779 44.72 5.83 -14.21
C TYR C 779 43.99 5.91 -12.89
N ARG C 780 44.34 6.88 -12.06
CA ARG C 780 43.55 7.17 -10.87
C ARG C 780 42.88 8.52 -11.10
N ILE C 781 41.60 8.60 -10.76
CA ILE C 781 40.81 9.80 -11.02
C ILE C 781 40.15 10.21 -9.70
N GLU C 782 40.19 11.51 -9.40
CA GLU C 782 39.49 12.07 -8.26
C GLU C 782 38.41 13.04 -8.74
N LEU C 783 37.20 12.88 -8.22
CA LEU C 783 36.12 13.79 -8.51
C LEU C 783 35.74 14.58 -7.27
N GLN C 784 35.61 15.89 -7.42
CA GLN C 784 34.91 16.71 -6.43
C GLN C 784 33.89 17.55 -7.16
N ALA C 785 32.99 18.15 -6.40
CA ALA C 785 31.99 19.09 -6.90
C ALA C 785 32.23 20.42 -6.23
N CYS C 786 32.28 21.49 -7.00
CA CYS C 786 32.42 22.78 -6.37
C CYS C 786 31.15 23.56 -6.63
N ASN C 787 30.54 24.02 -5.55
CA ASN C 787 29.60 25.12 -5.59
C ASN C 787 30.29 26.43 -5.30
N GLN C 788 31.61 26.43 -5.23
CA GLN C 788 32.34 27.65 -4.97
C GLN C 788 33.69 27.54 -5.64
N ASP C 789 34.00 28.53 -6.48
CA ASP C 789 35.21 28.51 -7.28
C ASP C 789 36.04 29.79 -7.08
N THR C 790 35.43 30.94 -7.15
CA THR C 790 36.32 32.09 -7.12
C THR C 790 36.70 32.47 -5.69
N PRO C 791 35.76 32.74 -4.73
CA PRO C 791 36.35 32.98 -3.40
C PRO C 791 36.59 31.66 -2.67
N GLU C 792 37.88 31.25 -2.65
CA GLU C 792 38.39 30.24 -1.73
C GLU C 792 37.66 28.90 -1.86
N GLU C 793 37.88 28.19 -2.98
CA GLU C 793 36.99 27.17 -3.53
C GLU C 793 36.44 26.21 -2.49
N ARG C 794 35.15 26.30 -2.25
CA ARG C 794 34.51 25.35 -1.36
C ARG C 794 33.97 24.28 -2.28
N CYS C 795 34.65 23.16 -2.27
CA CYS C 795 34.38 22.07 -3.19
C CYS C 795 33.98 20.86 -2.38
N SER C 796 33.52 19.84 -3.08
CA SER C 796 33.11 18.65 -2.37
C SER C 796 34.31 17.88 -1.87
N VAL C 797 34.00 16.89 -1.05
CA VAL C 797 34.96 15.85 -0.77
C VAL C 797 35.16 14.99 -2.01
N ALA C 798 36.25 14.25 -2.00
CA ALA C 798 36.74 13.57 -3.19
C ALA C 798 35.89 12.35 -3.53
N ALA C 799 35.73 12.12 -4.81
CA ALA C 799 35.13 10.89 -5.31
C ALA C 799 36.18 10.24 -6.19
N TYR C 800 36.76 9.16 -5.72
CA TYR C 800 37.82 8.51 -6.46
C TYR C 800 37.27 7.44 -7.37
N VAL C 801 37.92 7.27 -8.51
CA VAL C 801 37.65 6.16 -9.40
C VAL C 801 38.94 5.90 -10.17
N SER C 802 39.12 4.68 -10.62
CA SER C 802 40.35 4.33 -11.32
C SER C 802 40.04 3.43 -12.51
N ALA C 803 40.72 3.68 -13.62
CA ALA C 803 40.42 2.97 -14.86
C ALA C 803 41.65 2.93 -15.76
N ARG C 804 41.65 1.97 -16.68
CA ARG C 804 42.71 1.80 -17.67
C ARG C 804 42.14 2.01 -19.07
N THR C 805 42.85 2.79 -19.89
CA THR C 805 42.44 2.98 -21.27
C THR C 805 42.55 1.69 -22.05
N MET C 806 41.97 1.71 -23.24
CA MET C 806 42.10 0.59 -24.14
C MET C 806 43.55 0.46 -24.61
N PRO C 807 43.94 -0.73 -25.04
CA PRO C 807 45.23 -0.87 -25.69
C PRO C 807 45.19 -0.30 -27.11
N GLU C 808 46.38 -0.04 -27.63
CA GLU C 808 46.50 0.05 -29.07
C GLU C 808 46.74 -1.33 -29.66
N ALA C 809 46.45 -1.43 -30.95
CA ALA C 809 46.65 -2.71 -31.64
C ALA C 809 48.12 -2.93 -31.95
N LYS C 810 48.73 -1.97 -32.62
CA LYS C 810 50.11 -2.11 -33.08
C LYS C 810 51.09 -1.49 -32.12
N ALA C 811 50.66 -1.21 -30.90
CA ALA C 811 51.64 -0.91 -29.86
C ALA C 811 52.42 -2.16 -29.52
N ASP C 812 51.74 -3.30 -29.47
CA ASP C 812 52.37 -4.55 -29.11
C ASP C 812 53.01 -5.25 -30.29
N ASP C 813 52.66 -4.88 -31.52
CA ASP C 813 53.24 -5.52 -32.70
C ASP C 813 54.68 -5.04 -32.86
N ILE C 814 55.58 -5.98 -33.16
CA ILE C 814 57.01 -5.76 -32.96
C ILE C 814 57.57 -4.89 -34.07
N VAL C 815 58.30 -3.83 -33.71
CA VAL C 815 58.98 -2.98 -34.67
C VAL C 815 60.46 -3.39 -34.72
N GLY C 816 61.08 -3.13 -35.86
CA GLY C 816 62.49 -3.41 -36.03
C GLY C 816 62.82 -4.81 -36.51
N PRO C 817 64.04 -5.01 -37.00
CA PRO C 817 64.36 -6.23 -37.76
C PRO C 817 64.69 -7.43 -36.86
N VAL C 818 64.50 -8.62 -37.42
CA VAL C 818 64.85 -9.88 -36.77
C VAL C 818 66.25 -10.28 -37.21
N THR C 819 67.22 -10.12 -36.33
CA THR C 819 68.61 -10.37 -36.67
C THR C 819 69.08 -11.69 -36.10
N HIS C 820 69.64 -12.53 -36.97
CA HIS C 820 70.24 -13.78 -36.56
C HIS C 820 71.75 -13.60 -36.59
N GLU C 821 72.41 -14.09 -35.55
CA GLU C 821 73.85 -14.16 -35.53
C GLU C 821 74.29 -15.57 -35.16
N ILE C 822 74.91 -16.22 -36.13
CA ILE C 822 75.21 -17.65 -36.06
C ILE C 822 76.71 -17.80 -35.81
N PHE C 823 77.06 -18.52 -34.75
CA PHE C 823 78.48 -18.53 -34.44
C PHE C 823 79.18 -19.63 -35.22
N GLU C 824 80.47 -19.81 -34.92
CA GLU C 824 81.19 -20.94 -35.47
C GLU C 824 80.67 -22.25 -34.88
N ASN C 825 80.40 -22.26 -33.58
CA ASN C 825 79.81 -23.42 -32.93
C ASN C 825 78.30 -23.45 -33.10
N ASN C 826 77.76 -22.54 -33.93
CA ASN C 826 76.34 -22.42 -34.25
C ASN C 826 75.52 -22.15 -32.99
N VAL C 827 76.13 -21.51 -32.03
CA VAL C 827 75.37 -20.87 -30.97
C VAL C 827 74.77 -19.63 -31.57
N VAL C 828 73.50 -19.71 -31.94
CA VAL C 828 72.89 -18.67 -32.74
C VAL C 828 72.33 -17.63 -31.78
N HIS C 829 72.78 -16.39 -31.94
CA HIS C 829 72.25 -15.30 -31.13
C HIS C 829 71.25 -14.53 -31.98
N LEU C 830 70.04 -14.40 -31.46
CA LEU C 830 69.02 -13.60 -32.11
C LEU C 830 68.97 -12.20 -31.53
N MET C 831 68.65 -11.24 -32.40
CA MET C 831 68.47 -9.86 -31.99
C MET C 831 67.23 -9.29 -32.66
N TRP C 832 66.57 -8.37 -31.96
CA TRP C 832 65.44 -7.64 -32.52
C TRP C 832 65.20 -6.36 -31.75
N GLN C 833 64.73 -5.35 -32.46
CA GLN C 833 64.23 -4.16 -31.80
C GLN C 833 62.93 -4.50 -31.10
N GLU C 834 62.74 -3.96 -29.90
CA GLU C 834 61.55 -4.30 -29.15
C GLU C 834 60.39 -3.39 -29.58
N PRO C 835 59.16 -3.77 -29.24
CA PRO C 835 58.05 -2.82 -29.41
C PRO C 835 58.16 -1.66 -28.45
N LYS C 836 58.92 -0.66 -28.89
CA LYS C 836 59.28 0.55 -28.16
C LYS C 836 58.15 1.22 -27.40
N GLU C 837 57.01 1.42 -28.05
CA GLU C 837 55.80 1.86 -27.37
C GLU C 837 54.83 0.69 -27.31
N PRO C 838 54.84 -0.08 -26.23
CA PRO C 838 53.89 -1.19 -26.13
C PRO C 838 52.57 -0.71 -25.55
N ASN C 839 51.62 -1.63 -25.41
CA ASN C 839 50.43 -1.41 -24.59
C ASN C 839 50.86 -1.62 -23.15
N GLY C 840 51.42 -0.58 -22.55
CA GLY C 840 51.94 -0.62 -21.20
C GLY C 840 53.38 -1.12 -21.11
N LEU C 841 53.55 -2.44 -21.12
CA LEU C 841 54.88 -3.04 -21.02
C LEU C 841 54.83 -4.38 -21.72
N ILE C 842 55.99 -5.01 -21.85
CA ILE C 842 56.13 -6.30 -22.52
C ILE C 842 56.59 -7.30 -21.46
N VAL C 843 55.85 -8.39 -21.28
CA VAL C 843 56.23 -9.35 -20.24
C VAL C 843 57.16 -10.44 -20.73
N LEU C 844 57.08 -10.83 -22.00
CA LEU C 844 57.83 -11.96 -22.54
C LEU C 844 57.82 -11.84 -24.06
N TYR C 845 58.64 -12.68 -24.69
CA TYR C 845 58.72 -12.73 -26.15
C TYR C 845 58.59 -14.19 -26.58
N GLU C 846 57.99 -14.43 -27.75
CA GLU C 846 57.81 -15.78 -28.24
C GLU C 846 58.36 -15.92 -29.66
N VAL C 847 59.16 -16.97 -29.87
CA VAL C 847 59.88 -17.23 -31.12
C VAL C 847 59.44 -18.60 -31.63
N SER C 848 59.15 -18.67 -32.92
CA SER C 848 58.69 -19.90 -33.60
C SER C 848 59.75 -20.37 -34.58
N TYR C 849 60.41 -21.49 -34.28
CA TYR C 849 61.40 -22.05 -35.20
C TYR C 849 61.07 -23.49 -35.60
N ARG C 850 61.13 -23.75 -36.90
CA ARG C 850 60.78 -25.04 -37.47
C ARG C 850 61.62 -25.28 -38.72
N ARG C 851 62.15 -26.49 -38.87
CA ARG C 851 62.89 -26.83 -40.06
C ARG C 851 61.94 -27.23 -41.18
N TYR C 852 62.39 -27.06 -42.42
CA TYR C 852 61.97 -28.04 -43.41
C TYR C 852 62.53 -29.38 -42.99
N GLY C 853 61.68 -30.21 -42.43
CA GLY C 853 62.13 -31.39 -41.74
C GLY C 853 61.63 -31.49 -40.31
N ASP C 854 61.82 -30.46 -39.49
CA ASP C 854 61.41 -30.53 -38.10
C ASP C 854 60.03 -29.91 -37.95
N GLU C 855 59.59 -29.78 -36.70
CA GLU C 855 58.39 -29.09 -36.28
C GLU C 855 58.82 -27.90 -35.42
N GLU C 856 57.87 -27.00 -35.13
CA GLU C 856 58.13 -25.92 -34.19
C GLU C 856 58.48 -26.44 -32.80
N LEU C 857 59.72 -26.20 -32.40
CA LEU C 857 60.10 -26.37 -31.02
C LEU C 857 60.03 -24.99 -30.36
N HIS C 858 60.20 -24.96 -29.05
CA HIS C 858 59.88 -23.76 -28.28
C HIS C 858 61.01 -23.43 -27.29
N LEU C 859 61.20 -22.13 -27.03
CA LEU C 859 62.07 -21.59 -26.00
C LEU C 859 61.67 -20.14 -25.70
N CYS C 860 61.58 -19.75 -24.42
CA CYS C 860 61.01 -18.46 -24.04
C CYS C 860 62.07 -17.40 -23.78
N VAL C 861 61.68 -16.14 -23.96
CA VAL C 861 62.51 -14.96 -23.72
C VAL C 861 61.72 -14.00 -22.83
N SER C 862 62.15 -13.84 -21.58
CA SER C 862 61.50 -12.94 -20.64
C SER C 862 62.00 -11.52 -20.83
N ARG C 863 61.67 -10.68 -19.85
CA ARG C 863 62.12 -9.30 -19.86
C ARG C 863 63.61 -9.21 -19.61
N LYS C 864 64.06 -9.85 -18.54
CA LYS C 864 65.49 -9.87 -18.24
C LYS C 864 66.24 -10.76 -19.21
N HIS C 865 65.58 -11.78 -19.76
CA HIS C 865 66.22 -12.62 -20.75
C HIS C 865 66.46 -11.85 -22.04
N PHE C 866 65.50 -11.02 -22.44
CA PHE C 866 65.72 -10.11 -23.56
C PHE C 866 66.73 -9.02 -23.20
N ALA C 867 66.66 -8.51 -21.97
CA ALA C 867 67.52 -7.38 -21.61
C ALA C 867 68.96 -7.82 -21.43
N LEU C 868 69.18 -9.08 -21.05
CA LEU C 868 70.50 -9.61 -20.82
C LEU C 868 71.07 -10.24 -22.08
N GLU C 869 70.25 -11.05 -22.77
CA GLU C 869 70.78 -11.65 -23.98
C GLU C 869 70.72 -10.70 -25.16
N ARG C 870 70.14 -9.51 -25.00
CA ARG C 870 69.99 -8.49 -26.04
C ARG C 870 69.27 -9.08 -27.24
N GLY C 871 68.10 -9.65 -26.97
CA GLY C 871 67.47 -10.54 -27.90
C GLY C 871 67.50 -11.94 -27.34
N CYS C 872 67.75 -12.93 -28.17
CA CYS C 872 67.80 -14.31 -27.73
C CYS C 872 69.11 -14.95 -28.14
N ARG C 873 69.32 -16.15 -27.61
CA ARG C 873 70.51 -16.95 -27.92
C ARG C 873 70.13 -18.42 -27.92
N LEU C 874 70.25 -19.05 -29.09
CA LEU C 874 70.08 -20.49 -29.24
C LEU C 874 71.44 -21.14 -29.31
N ARG C 875 71.52 -22.41 -28.94
CA ARG C 875 72.78 -23.13 -28.82
C ARG C 875 72.66 -24.48 -29.53
N GLY C 876 73.25 -24.59 -30.72
CA GLY C 876 73.54 -25.89 -31.34
C GLY C 876 72.38 -26.78 -31.80
N LEU C 877 71.85 -26.59 -33.01
CA LEU C 877 70.68 -27.31 -33.46
C LEU C 877 70.88 -28.01 -34.82
N SER C 878 69.77 -28.50 -35.40
CA SER C 878 69.84 -29.51 -36.47
C SER C 878 69.97 -28.90 -37.87
N PRO C 879 70.71 -29.57 -38.77
CA PRO C 879 70.82 -29.09 -40.16
C PRO C 879 69.58 -29.34 -40.99
N GLY C 880 69.46 -28.56 -42.05
CA GLY C 880 68.21 -28.28 -42.72
C GLY C 880 67.70 -26.92 -42.29
N ASN C 881 66.95 -26.29 -43.21
CA ASN C 881 66.68 -24.86 -43.11
C ASN C 881 65.56 -24.60 -42.11
N TYR C 882 65.80 -23.68 -41.14
CA TYR C 882 64.80 -23.21 -40.19
C TYR C 882 64.23 -21.86 -40.64
N SER C 883 63.12 -21.46 -40.02
CA SER C 883 62.48 -20.17 -40.25
C SER C 883 61.92 -19.64 -38.95
N VAL C 884 62.04 -18.33 -38.72
CA VAL C 884 61.75 -17.73 -37.44
C VAL C 884 60.74 -16.59 -37.57
N ARG C 885 59.60 -16.74 -36.89
CA ARG C 885 58.66 -15.66 -36.65
C ARG C 885 58.61 -15.40 -35.15
N ILE C 886 58.45 -14.14 -34.75
CA ILE C 886 58.56 -13.77 -33.35
C ILE C 886 57.34 -12.97 -32.89
N ARG C 887 56.70 -13.41 -31.81
CA ARG C 887 55.52 -12.74 -31.28
C ARG C 887 55.89 -11.98 -30.04
N ALA C 888 55.29 -10.81 -29.84
CA ALA C 888 55.28 -10.21 -28.53
C ALA C 888 54.01 -10.60 -27.80
N THR C 889 54.14 -10.86 -26.50
CA THR C 889 53.01 -11.07 -25.61
C THR C 889 53.04 -9.98 -24.55
N SER C 890 51.95 -9.24 -24.42
CA SER C 890 51.88 -8.12 -23.50
C SER C 890 50.86 -8.39 -22.41
N LEU C 891 50.65 -7.38 -21.58
CA LEU C 891 49.57 -7.41 -20.61
C LEU C 891 48.22 -7.38 -21.29
N ALA C 892 48.10 -6.61 -22.36
CA ALA C 892 46.87 -6.52 -23.14
C ALA C 892 46.64 -7.77 -23.97
N GLY C 893 47.71 -8.40 -24.42
CA GLY C 893 47.58 -9.53 -25.31
C GLY C 893 48.82 -9.68 -26.16
N ASN C 894 48.62 -10.25 -27.34
CA ASN C 894 49.73 -10.68 -28.17
C ASN C 894 50.03 -9.67 -29.26
N GLY C 895 51.29 -9.30 -29.37
CA GLY C 895 51.72 -8.49 -30.48
C GLY C 895 52.34 -9.34 -31.56
N SER C 896 51.78 -9.21 -32.77
CA SER C 896 51.82 -10.16 -33.87
C SER C 896 53.20 -10.70 -34.25
N TRP C 897 53.20 -11.88 -34.84
CA TRP C 897 54.43 -12.58 -35.21
C TRP C 897 55.22 -11.80 -36.23
N THR C 898 56.54 -11.83 -36.09
CA THR C 898 57.41 -11.17 -37.05
C THR C 898 57.49 -11.96 -38.33
N GLU C 899 58.27 -11.49 -39.25
CA GLU C 899 58.29 -12.15 -40.52
C GLU C 899 59.24 -13.35 -40.54
N PRO C 900 58.94 -14.37 -41.34
CA PRO C 900 59.69 -15.64 -41.25
C PRO C 900 61.11 -15.46 -41.73
N THR C 901 62.05 -15.72 -40.83
CA THR C 901 63.43 -15.32 -40.97
C THR C 901 64.32 -16.54 -41.25
N TYR C 902 65.05 -16.46 -42.36
CA TYR C 902 65.57 -17.64 -43.05
C TYR C 902 67.09 -17.68 -42.90
N PHE C 903 67.62 -18.82 -42.42
CA PHE C 903 69.06 -18.99 -42.20
C PHE C 903 69.42 -20.45 -42.00
N TYR C 904 70.68 -20.80 -42.23
CA TYR C 904 71.20 -22.18 -42.20
C TYR C 904 72.54 -22.20 -41.47
N VAL C 905 72.73 -23.14 -40.54
CA VAL C 905 74.00 -23.33 -39.85
C VAL C 905 74.84 -24.32 -40.65
N THR C 906 76.16 -24.34 -40.38
CA THR C 906 77.09 -25.15 -41.16
C THR C 906 76.78 -26.64 -41.01
N ASP C 907 76.62 -27.33 -42.14
CA ASP C 907 76.29 -28.75 -42.15
C ASP C 907 77.53 -29.61 -41.93
N TYR C 908 78.72 -29.05 -42.17
CA TYR C 908 80.05 -29.59 -41.83
C TYR C 908 80.40 -30.87 -42.60
N LEU C 909 79.53 -31.34 -43.49
CA LEU C 909 79.86 -32.48 -44.33
C LEU C 909 79.54 -32.15 -45.78
N ASP C 910 78.44 -31.42 -45.96
CA ASP C 910 77.98 -31.04 -47.26
C ASP C 910 78.12 -29.54 -47.42
N VAL D 7 48.45 -9.07 41.08
CA VAL D 7 47.44 -9.58 40.16
C VAL D 7 47.01 -8.43 39.25
N CYS D 8 47.17 -8.61 37.95
CA CYS D 8 46.91 -7.54 37.02
C CYS D 8 45.74 -7.88 36.12
N PRO D 9 44.96 -6.91 35.66
CA PRO D 9 43.76 -7.21 34.89
C PRO D 9 44.10 -7.61 33.45
N GLY D 10 43.04 -7.83 32.69
CA GLY D 10 43.19 -8.00 31.25
C GLY D 10 43.51 -6.69 30.56
N MET D 11 44.42 -6.77 29.58
CA MET D 11 44.93 -5.56 28.93
C MET D 11 45.05 -5.76 27.42
N ASP D 12 44.95 -4.65 26.69
CA ASP D 12 45.12 -4.61 25.24
C ASP D 12 46.16 -3.53 24.92
N ILE D 13 47.42 -3.93 24.75
CA ILE D 13 48.52 -3.00 24.56
C ILE D 13 48.71 -2.78 23.07
N ARG D 14 48.68 -1.52 22.65
CA ARG D 14 48.37 -1.17 21.28
C ARG D 14 49.39 -0.19 20.74
N ASN D 15 50.00 -0.57 19.61
CA ASN D 15 50.80 0.26 18.71
C ASN D 15 52.15 0.68 19.26
N ASN D 16 52.39 0.45 20.56
CA ASN D 16 53.65 0.77 21.21
C ASN D 16 53.81 -0.04 22.49
N LEU D 17 55.08 -0.30 22.81
CA LEU D 17 55.43 -1.14 23.95
C LEU D 17 55.62 -0.37 25.24
N THR D 18 55.29 0.92 25.26
CA THR D 18 55.38 1.70 26.49
C THR D 18 54.34 1.22 27.49
N ARG D 19 53.16 0.86 26.99
CA ARG D 19 52.10 0.35 27.85
C ARG D 19 52.36 -1.10 28.26
N LEU D 20 53.31 -1.76 27.60
CA LEU D 20 53.69 -3.10 28.02
C LEU D 20 54.47 -3.04 29.34
N HIS D 21 55.12 -1.91 29.62
CA HIS D 21 55.85 -1.74 30.87
C HIS D 21 54.93 -1.66 32.08
N GLU D 22 53.63 -1.50 31.88
CA GLU D 22 52.67 -1.60 32.96
C GLU D 22 52.47 -3.04 33.41
N LEU D 23 52.99 -4.01 32.66
CA LEU D 23 53.02 -5.39 33.11
C LEU D 23 54.25 -5.73 33.93
N GLU D 24 54.85 -4.72 34.56
CA GLU D 24 56.11 -4.84 35.29
C GLU D 24 56.04 -5.86 36.43
N ASN D 25 55.21 -5.58 37.43
CA ASN D 25 55.12 -6.43 38.61
C ASN D 25 54.02 -7.46 38.50
N CYS D 26 53.56 -7.78 37.29
CA CYS D 26 52.35 -8.56 37.12
C CYS D 26 52.68 -10.06 37.06
N SER D 27 51.98 -10.85 37.88
CA SER D 27 52.15 -12.29 37.89
C SER D 27 50.94 -13.05 37.37
N VAL D 28 49.75 -12.46 37.48
CA VAL D 28 48.53 -13.01 36.92
C VAL D 28 47.87 -11.93 36.08
N ILE D 29 47.63 -12.22 34.81
CA ILE D 29 46.68 -11.45 34.03
C ILE D 29 45.31 -11.98 34.38
N GLU D 30 44.60 -11.20 35.18
CA GLU D 30 43.22 -11.48 35.54
C GLU D 30 42.39 -10.94 34.39
N GLY D 31 42.31 -11.73 33.33
CA GLY D 31 41.79 -11.28 32.07
C GLY D 31 42.53 -11.96 30.95
N HIS D 32 42.68 -11.23 29.85
CA HIS D 32 43.42 -11.70 28.69
C HIS D 32 44.52 -10.71 28.35
N LEU D 33 45.28 -11.02 27.32
CA LEU D 33 46.25 -10.06 26.79
C LEU D 33 46.12 -10.00 25.27
N GLN D 34 46.19 -8.80 24.71
CA GLN D 34 46.14 -8.61 23.27
C GLN D 34 47.09 -7.51 22.85
N ILE D 35 48.29 -7.90 22.40
CA ILE D 35 49.29 -6.99 21.87
C ILE D 35 49.17 -7.03 20.36
N LEU D 36 48.79 -5.90 19.76
CA LEU D 36 48.34 -5.95 18.37
C LEU D 36 48.63 -4.66 17.64
N LEU D 37 48.82 -4.82 16.33
CA LEU D 37 48.97 -3.75 15.34
C LEU D 37 50.11 -2.81 15.71
N MET D 38 51.26 -3.41 15.91
CA MET D 38 52.48 -2.68 16.24
C MET D 38 53.35 -2.73 15.01
N PHE D 39 53.00 -1.84 14.07
CA PHE D 39 53.73 -1.66 12.84
C PHE D 39 55.06 -0.96 13.08
N LYS D 40 55.18 -0.28 14.22
CA LYS D 40 56.35 0.52 14.55
C LYS D 40 57.30 -0.16 15.52
N THR D 41 56.99 -1.37 15.99
CA THR D 41 57.92 -2.05 16.86
C THR D 41 58.93 -2.83 16.04
N ARG D 42 60.14 -2.90 16.58
CA ARG D 42 61.32 -3.45 15.93
C ARG D 42 61.92 -4.48 16.87
N PRO D 43 62.78 -5.40 16.38
CA PRO D 43 63.36 -6.39 17.31
C PRO D 43 64.30 -5.79 18.35
N GLU D 44 64.77 -4.56 18.13
CA GLU D 44 65.49 -3.82 19.16
C GLU D 44 64.57 -3.49 20.33
N ASP D 45 63.28 -3.26 20.06
CA ASP D 45 62.32 -3.02 21.13
C ASP D 45 62.06 -4.27 21.96
N PHE D 46 62.36 -5.45 21.41
CA PHE D 46 62.09 -6.71 22.08
C PHE D 46 63.33 -7.38 22.64
N ARG D 47 64.52 -6.80 22.43
CA ARG D 47 65.73 -7.36 23.03
C ARG D 47 65.83 -7.02 24.51
N ASP D 48 65.37 -5.84 24.90
CA ASP D 48 65.44 -5.37 26.27
C ASP D 48 64.04 -5.31 26.86
N LEU D 49 63.27 -6.38 26.66
CA LEU D 49 61.85 -6.40 27.00
C LEU D 49 61.47 -7.80 27.44
N SER D 50 61.11 -7.96 28.71
CA SER D 50 60.83 -9.26 29.30
C SER D 50 59.94 -9.08 30.52
N PHE D 51 59.02 -10.02 30.74
CA PHE D 51 58.20 -10.07 31.96
C PHE D 51 58.04 -11.52 32.40
N PRO D 52 59.04 -12.07 33.08
CA PRO D 52 58.93 -13.46 33.55
C PRO D 52 58.10 -13.60 34.81
N LYS D 53 57.63 -12.51 35.41
CA LYS D 53 56.81 -12.62 36.60
C LYS D 53 55.46 -13.24 36.32
N LEU D 54 54.95 -13.05 35.10
CA LEU D 54 53.63 -13.53 34.71
C LEU D 54 53.60 -15.05 34.71
N ILE D 55 52.69 -15.61 35.50
CA ILE D 55 52.54 -17.06 35.63
C ILE D 55 51.26 -17.55 34.97
N MET D 56 50.16 -16.83 35.13
CA MET D 56 48.86 -17.32 34.66
C MET D 56 48.09 -16.19 33.99
N ILE D 57 47.43 -16.52 32.89
CA ILE D 57 46.44 -15.65 32.27
C ILE D 57 45.10 -16.34 32.37
N THR D 58 44.08 -15.62 32.78
CA THR D 58 42.81 -16.28 32.96
C THR D 58 42.07 -16.50 31.65
N ASP D 59 42.05 -15.51 30.75
CA ASP D 59 41.19 -15.72 29.60
C ASP D 59 41.89 -16.24 28.36
N TYR D 60 42.76 -15.44 27.74
CA TYR D 60 43.40 -15.85 26.49
C TYR D 60 44.54 -14.92 26.14
N LEU D 61 45.10 -15.15 24.96
CA LEU D 61 46.10 -14.28 24.34
C LEU D 61 45.72 -14.08 22.88
N LEU D 62 45.99 -12.89 22.36
CA LEU D 62 45.82 -12.60 20.94
C LEU D 62 47.01 -11.77 20.47
N LEU D 63 47.56 -12.12 19.30
CA LEU D 63 48.63 -11.39 18.66
C LEU D 63 48.25 -11.13 17.21
N PHE D 64 48.48 -9.90 16.75
CA PHE D 64 48.06 -9.51 15.40
C PHE D 64 48.92 -8.35 14.89
N ARG D 65 49.80 -8.66 13.94
CA ARG D 65 50.60 -7.69 13.18
C ARG D 65 51.50 -6.83 14.09
N VAL D 66 52.15 -7.47 15.04
CA VAL D 66 53.16 -6.82 15.85
C VAL D 66 54.49 -7.05 15.14
N TYR D 67 55.05 -5.98 14.61
CA TYR D 67 56.27 -6.16 13.85
C TYR D 67 57.43 -6.12 14.81
N GLY D 68 58.54 -6.67 14.37
CA GLY D 68 59.70 -6.76 15.22
C GLY D 68 59.69 -7.90 16.21
N LEU D 69 58.51 -8.39 16.59
CA LEU D 69 58.41 -9.47 17.56
C LEU D 69 58.77 -10.77 16.85
N GLU D 70 59.73 -11.49 17.42
CA GLU D 70 60.29 -12.67 16.80
C GLU D 70 60.11 -13.92 17.64
N SER D 71 60.16 -13.81 18.96
CA SER D 71 59.91 -14.96 19.81
C SER D 71 59.34 -14.48 21.13
N LEU D 72 58.59 -15.37 21.76
CA LEU D 72 57.94 -15.10 23.04
C LEU D 72 58.69 -15.71 24.20
N LYS D 73 59.85 -16.31 23.94
CA LYS D 73 60.65 -16.89 25.02
C LYS D 73 61.32 -15.81 25.86
N ASP D 74 61.48 -14.61 25.32
CA ASP D 74 62.04 -13.52 26.09
C ASP D 74 60.99 -12.78 26.89
N LEU D 75 59.86 -12.45 26.25
CA LEU D 75 58.85 -11.60 26.87
C LEU D 75 58.22 -12.29 28.07
N PHE D 76 57.86 -13.56 27.92
CA PHE D 76 57.20 -14.32 28.97
C PHE D 76 57.77 -15.73 28.98
N PRO D 77 58.94 -15.92 29.60
CA PRO D 77 59.51 -17.28 29.65
C PRO D 77 58.83 -18.17 30.66
N ASN D 78 58.19 -17.60 31.69
CA ASN D 78 57.65 -18.39 32.79
C ASN D 78 56.13 -18.44 32.80
N LEU D 79 55.48 -18.02 31.72
CA LEU D 79 54.04 -18.20 31.60
C LEU D 79 53.72 -19.68 31.42
N THR D 80 52.80 -20.19 32.21
CA THR D 80 52.52 -21.62 32.25
C THR D 80 51.09 -21.99 31.86
N VAL D 81 50.09 -21.34 32.43
CA VAL D 81 48.69 -21.75 32.26
C VAL D 81 47.86 -20.58 31.74
N ILE D 82 47.15 -20.81 30.64
CA ILE D 82 45.99 -20.01 30.27
C ILE D 82 44.79 -20.81 30.72
N ARG D 83 43.97 -20.21 31.58
CA ARG D 83 42.81 -20.91 32.11
C ARG D 83 41.75 -21.13 31.04
N GLY D 84 41.67 -20.24 30.07
CA GLY D 84 40.59 -20.26 29.12
C GLY D 84 39.27 -19.89 29.76
N SER D 85 39.32 -19.02 30.76
CA SER D 85 38.11 -18.62 31.48
C SER D 85 37.16 -17.89 30.55
N ARG D 86 37.69 -17.05 29.67
CA ARG D 86 36.97 -16.59 28.50
C ARG D 86 37.72 -17.07 27.27
N LEU D 87 36.98 -17.36 26.21
CA LEU D 87 37.60 -17.85 25.00
C LEU D 87 37.37 -16.88 23.85
N PHE D 88 38.24 -16.95 22.87
CA PHE D 88 38.14 -16.13 21.68
C PHE D 88 37.71 -17.06 20.56
N PHE D 89 36.38 -17.27 20.45
CA PHE D 89 35.78 -18.27 19.56
C PHE D 89 36.40 -19.65 19.78
N ASN D 90 36.32 -20.12 21.03
CA ASN D 90 36.90 -21.37 21.54
C ASN D 90 38.42 -21.40 21.40
N TYR D 91 39.05 -20.24 21.25
CA TYR D 91 40.51 -20.20 21.28
C TYR D 91 40.94 -19.45 22.53
N ALA D 92 41.80 -20.09 23.31
CA ALA D 92 42.55 -19.44 24.36
C ALA D 92 43.84 -18.81 23.84
N LEU D 93 44.06 -18.90 22.53
CA LEU D 93 45.28 -18.43 21.90
C LEU D 93 45.02 -18.22 20.42
N VAL D 94 45.15 -16.98 19.96
CA VAL D 94 45.07 -16.65 18.53
C VAL D 94 46.34 -15.92 18.15
N ILE D 95 47.14 -16.53 17.30
CA ILE D 95 48.38 -15.92 16.79
C ILE D 95 48.18 -15.76 15.29
N PHE D 96 47.94 -14.53 14.85
CA PHE D 96 47.42 -14.29 13.52
C PHE D 96 48.21 -13.18 12.84
N GLU D 97 48.79 -13.49 11.68
CA GLU D 97 49.56 -12.56 10.84
C GLU D 97 50.74 -11.94 11.59
N MET D 98 51.35 -12.74 12.46
CA MET D 98 52.49 -12.25 13.23
C MET D 98 53.72 -12.22 12.33
N VAL D 99 53.95 -11.04 11.78
CA VAL D 99 55.12 -10.78 10.98
C VAL D 99 56.31 -10.71 11.93
N HIS D 100 57.44 -11.28 11.49
CA HIS D 100 58.74 -11.45 12.13
C HIS D 100 58.74 -12.56 13.18
N LEU D 101 57.57 -13.05 13.57
CA LEU D 101 57.50 -14.08 14.58
C LEU D 101 57.96 -15.40 14.00
N LYS D 102 59.10 -15.90 14.48
CA LYS D 102 59.73 -17.09 13.92
C LYS D 102 59.46 -18.36 14.72
N GLU D 103 59.21 -18.24 16.01
CA GLU D 103 59.03 -19.40 16.88
C GLU D 103 58.21 -18.94 18.07
N LEU D 104 57.63 -19.91 18.77
CA LEU D 104 56.89 -19.57 19.97
C LEU D 104 57.81 -19.55 21.17
N GLY D 105 58.60 -20.61 21.36
CA GLY D 105 59.63 -20.62 22.38
C GLY D 105 59.13 -20.74 23.79
N LEU D 106 57.85 -21.02 23.98
CA LEU D 106 57.22 -21.06 25.29
C LEU D 106 57.38 -22.43 25.94
N TYR D 107 58.62 -22.72 26.34
CA TYR D 107 58.99 -24.03 26.85
C TYR D 107 58.39 -24.34 28.22
N ASN D 108 57.82 -23.36 28.92
CA ASN D 108 57.11 -23.61 30.17
C ASN D 108 55.61 -23.76 29.97
N LEU D 109 55.15 -23.85 28.73
CA LEU D 109 53.72 -24.05 28.47
C LEU D 109 53.36 -25.51 28.69
N MET D 110 52.44 -25.75 29.61
CA MET D 110 52.20 -27.08 30.14
C MET D 110 50.75 -27.56 30.00
N ASN D 111 49.78 -26.72 30.34
CA ASN D 111 48.38 -27.11 30.22
C ASN D 111 47.52 -25.88 29.94
N ILE D 112 46.72 -25.97 28.89
CA ILE D 112 45.59 -25.08 28.68
C ILE D 112 44.37 -25.83 29.20
N THR D 113 43.71 -25.25 30.20
CA THR D 113 42.53 -25.87 30.77
C THR D 113 41.36 -25.81 29.80
N ARG D 114 41.14 -24.68 29.14
CA ARG D 114 39.96 -24.52 28.31
C ARG D 114 40.31 -23.78 27.04
N GLY D 115 39.86 -24.32 25.90
CA GLY D 115 40.03 -23.63 24.63
C GLY D 115 40.97 -24.32 23.69
N SER D 116 41.26 -23.61 22.59
CA SER D 116 42.12 -24.13 21.54
C SER D 116 43.11 -23.06 21.09
N VAL D 117 43.87 -23.39 20.05
CA VAL D 117 44.99 -22.57 19.58
C VAL D 117 44.80 -22.28 18.09
N ARG D 118 44.75 -20.99 17.75
CA ARG D 118 44.64 -20.57 16.35
C ARG D 118 45.97 -19.94 15.95
N ILE D 119 46.64 -20.54 14.98
CA ILE D 119 47.92 -20.09 14.47
C ILE D 119 47.77 -19.96 12.96
N GLU D 120 47.79 -18.74 12.45
CA GLU D 120 47.49 -18.55 11.04
C GLU D 120 48.23 -17.34 10.48
N LYS D 121 48.71 -17.51 9.24
CA LYS D 121 49.33 -16.45 8.43
C LYS D 121 50.58 -15.89 9.09
N ASN D 122 51.22 -16.72 9.89
CA ASN D 122 52.40 -16.34 10.64
C ASN D 122 53.56 -16.84 9.79
N ASN D 123 53.96 -16.00 8.85
CA ASN D 123 54.78 -16.33 7.70
C ASN D 123 56.17 -16.80 8.06
N GLU D 124 56.66 -16.50 9.25
CA GLU D 124 57.96 -16.92 9.66
C GLU D 124 57.92 -17.99 10.73
N LEU D 125 56.73 -18.38 11.17
CA LEU D 125 56.59 -19.09 12.43
C LEU D 125 56.95 -20.56 12.26
N CYS D 126 57.99 -20.97 12.96
CA CYS D 126 58.48 -22.32 12.98
C CYS D 126 58.38 -22.85 14.40
N TYR D 127 58.92 -24.05 14.60
CA TYR D 127 58.79 -24.83 15.84
C TYR D 127 57.33 -25.03 16.24
N LEU D 128 56.46 -25.15 15.24
CA LEU D 128 55.05 -25.43 15.47
C LEU D 128 54.76 -26.91 15.52
N ALA D 129 55.54 -27.72 14.79
CA ALA D 129 55.43 -29.16 14.90
C ALA D 129 56.19 -29.70 16.12
N THR D 130 57.10 -28.92 16.69
CA THR D 130 57.88 -29.38 17.83
C THR D 130 57.13 -29.27 19.14
N ILE D 131 55.97 -28.63 19.14
CA ILE D 131 55.18 -28.41 20.33
C ILE D 131 54.12 -29.48 20.41
N ASP D 132 54.10 -30.22 21.52
CA ASP D 132 53.05 -31.18 21.79
C ASP D 132 51.91 -30.41 22.45
N TRP D 133 50.93 -30.04 21.63
CA TRP D 133 49.74 -29.39 22.15
C TRP D 133 48.84 -30.33 22.92
N SER D 134 48.96 -31.64 22.70
CA SER D 134 48.16 -32.59 23.44
C SER D 134 48.58 -32.67 24.91
N ARG D 135 49.86 -32.39 25.21
CA ARG D 135 50.26 -32.13 26.58
C ARG D 135 49.60 -30.88 27.13
N ILE D 136 49.40 -29.89 26.26
CA ILE D 136 48.96 -28.58 26.66
C ILE D 136 47.44 -28.47 26.61
N LEU D 137 46.81 -29.07 25.61
CA LEU D 137 45.37 -28.98 25.49
C LEU D 137 44.76 -30.33 25.81
N ASP D 138 43.64 -30.30 26.52
CA ASP D 138 42.90 -31.52 26.75
C ASP D 138 42.13 -31.91 25.50
N SER D 139 41.90 -30.96 24.59
CA SER D 139 41.29 -31.22 23.30
C SER D 139 42.01 -30.37 22.25
N VAL D 140 42.82 -31.02 21.41
CA VAL D 140 43.54 -30.35 20.33
C VAL D 140 42.79 -30.35 19.02
N GLU D 141 41.50 -30.71 19.04
CA GLU D 141 40.77 -30.92 17.79
C GLU D 141 40.38 -29.60 17.15
N ASP D 142 40.02 -28.60 17.95
CA ASP D 142 39.56 -27.33 17.42
C ASP D 142 40.71 -26.38 17.11
N ASN D 143 41.94 -26.86 17.15
CA ASN D 143 43.09 -26.03 16.85
C ASN D 143 43.12 -25.66 15.38
N TYR D 144 43.81 -24.56 15.09
CA TYR D 144 43.90 -24.02 13.75
C TYR D 144 45.34 -23.55 13.54
N ILE D 145 46.21 -24.48 13.13
CA ILE D 145 47.59 -24.16 12.82
C ILE D 145 47.76 -24.35 11.32
N VAL D 146 47.73 -23.25 10.57
CA VAL D 146 47.74 -23.29 9.12
C VAL D 146 48.43 -22.02 8.64
N LEU D 147 48.81 -22.01 7.36
CA LEU D 147 49.31 -20.83 6.63
C LEU D 147 50.59 -20.26 7.24
N CYS D 196 52.05 -37.65 36.50
CA CYS D 196 52.02 -36.19 36.48
C CYS D 196 51.05 -35.69 35.42
N LYS D 197 49.74 -35.81 35.67
CA LYS D 197 48.67 -35.73 34.67
C LYS D 197 48.62 -34.32 34.09
N SER D 198 48.14 -33.34 34.83
CA SER D 198 48.17 -31.96 34.44
C SER D 198 48.92 -31.14 35.46
N HIS D 199 49.25 -31.77 36.57
CA HIS D 199 49.95 -31.14 37.67
C HIS D 199 51.41 -30.96 37.35
N GLY D 200 51.92 -31.72 36.41
CA GLY D 200 53.25 -31.50 35.90
C GLY D 200 54.30 -32.07 36.82
N CYS D 201 55.53 -31.71 36.51
CA CYS D 201 56.67 -32.27 37.22
C CYS D 201 57.73 -31.20 37.41
N THR D 202 58.57 -31.43 38.41
CA THR D 202 59.79 -30.64 38.61
C THR D 202 60.90 -31.18 37.70
N ALA D 203 62.14 -30.76 37.99
CA ALA D 203 63.24 -31.02 37.07
C ALA D 203 63.64 -32.50 37.06
N GLU D 204 63.60 -33.17 38.22
CA GLU D 204 63.90 -34.59 38.27
C GLU D 204 62.70 -35.46 37.87
N GLY D 205 61.55 -34.86 37.62
CA GLY D 205 60.41 -35.60 37.11
C GLY D 205 59.43 -36.06 38.16
N LEU D 206 59.64 -35.72 39.44
CA LEU D 206 58.68 -36.05 40.48
C LEU D 206 57.40 -35.27 40.25
N CYS D 207 56.26 -35.95 40.40
CA CYS D 207 54.98 -35.31 40.17
C CYS D 207 54.71 -34.25 41.22
N CYS D 208 54.12 -33.15 40.77
CA CYS D 208 53.84 -32.02 41.63
C CYS D 208 52.65 -32.32 42.53
N HIS D 209 52.18 -31.29 43.21
CA HIS D 209 51.00 -31.45 44.03
C HIS D 209 49.78 -31.59 43.14
N SER D 210 48.75 -32.27 43.65
CA SER D 210 47.56 -32.52 42.83
C SER D 210 46.70 -31.28 42.65
N GLU D 211 47.05 -30.18 43.30
CA GLU D 211 46.48 -28.89 42.95
C GLU D 211 47.48 -27.98 42.26
N CYS D 212 48.71 -28.44 42.01
CA CYS D 212 49.54 -27.78 41.03
C CYS D 212 48.99 -28.05 39.64
N LEU D 213 49.47 -27.27 38.68
CA LEU D 213 49.06 -27.44 37.29
C LEU D 213 50.26 -27.15 36.41
N GLY D 214 50.94 -28.21 35.97
CA GLY D 214 52.01 -28.08 35.01
C GLY D 214 53.45 -28.03 35.47
N ASN D 215 53.71 -27.33 36.57
CA ASN D 215 55.07 -27.22 37.10
C ASN D 215 54.99 -26.87 38.57
N CYS D 216 56.07 -27.18 39.29
CA CYS D 216 56.20 -26.87 40.70
C CYS D 216 57.67 -26.70 41.03
N SER D 217 57.95 -25.75 41.91
CA SER D 217 59.31 -25.56 42.42
C SER D 217 59.76 -26.74 43.25
N GLN D 218 58.87 -27.29 44.06
CA GLN D 218 59.10 -28.46 44.86
C GLN D 218 57.93 -29.38 44.60
N PRO D 219 58.17 -30.66 44.34
CA PRO D 219 57.06 -31.57 44.05
C PRO D 219 56.25 -31.89 45.29
N ASP D 220 54.95 -32.07 45.07
CA ASP D 220 53.97 -32.46 46.07
C ASP D 220 53.92 -31.46 47.22
N ASP D 221 53.61 -30.22 46.88
CA ASP D 221 53.44 -29.17 47.86
C ASP D 221 52.53 -28.09 47.26
N PRO D 222 51.33 -27.88 47.80
CA PRO D 222 50.43 -26.88 47.24
C PRO D 222 50.85 -25.46 47.49
N THR D 223 51.79 -25.25 48.40
CA THR D 223 52.42 -23.95 48.59
C THR D 223 53.68 -23.80 47.73
N LYS D 224 54.19 -24.90 47.18
CA LYS D 224 55.30 -24.86 46.26
C LYS D 224 54.89 -25.28 44.86
N CYS D 225 53.61 -25.10 44.55
CA CYS D 225 53.17 -25.07 43.17
C CYS D 225 53.70 -23.82 42.49
N VAL D 226 53.81 -23.90 41.17
CA VAL D 226 53.97 -22.69 40.38
C VAL D 226 52.61 -22.06 40.11
N ALA D 227 51.63 -22.89 39.77
CA ALA D 227 50.27 -22.40 39.55
C ALA D 227 49.29 -23.40 40.14
N CYS D 228 48.04 -22.98 40.22
CA CYS D 228 47.00 -23.79 40.82
C CYS D 228 46.23 -24.55 39.77
N ARG D 229 45.82 -25.78 40.10
CA ARG D 229 45.00 -26.51 39.15
C ARG D 229 43.60 -25.93 39.08
N ASN D 230 42.96 -25.74 40.23
CA ASN D 230 41.60 -25.24 40.23
C ASN D 230 41.59 -23.89 40.85
N PHE D 231 42.04 -23.72 42.12
CA PHE D 231 41.78 -22.53 42.91
C PHE D 231 43.01 -22.20 43.74
N TYR D 232 43.04 -20.96 44.22
CA TYR D 232 44.18 -20.43 44.96
C TYR D 232 43.68 -19.72 46.20
N LEU D 233 44.31 -19.98 47.34
CA LEU D 233 44.01 -19.23 48.55
C LEU D 233 45.25 -19.19 49.44
N ASP D 234 45.82 -17.98 49.57
CA ASP D 234 46.83 -17.64 50.57
C ASP D 234 48.12 -18.42 50.39
N GLY D 235 48.75 -18.22 49.24
CA GLY D 235 50.02 -18.88 48.96
C GLY D 235 49.90 -20.35 48.65
N ARG D 236 48.68 -20.84 48.47
CA ARG D 236 48.43 -22.26 48.41
C ARG D 236 47.35 -22.53 47.37
N CYS D 237 47.62 -23.52 46.53
CA CYS D 237 46.63 -24.00 45.57
C CYS D 237 45.59 -24.82 46.31
N VAL D 238 44.38 -24.27 46.40
CA VAL D 238 43.28 -24.93 47.09
C VAL D 238 42.40 -25.63 46.07
N GLU D 239 41.74 -26.69 46.49
CA GLU D 239 40.79 -27.36 45.62
C GLU D 239 39.52 -26.53 45.47
N THR D 240 39.03 -26.00 46.58
CA THR D 240 37.87 -25.13 46.58
C THR D 240 38.18 -23.90 47.41
N CYS D 241 37.32 -22.91 47.31
CA CYS D 241 37.33 -21.81 48.24
C CYS D 241 36.48 -22.17 49.44
N PRO D 242 37.06 -22.44 50.59
CA PRO D 242 36.26 -22.72 51.76
C PRO D 242 35.60 -21.44 52.24
N PRO D 243 34.48 -21.54 52.94
CA PRO D 243 33.88 -20.35 53.53
C PRO D 243 34.80 -19.74 54.57
N PRO D 244 34.84 -18.41 54.71
CA PRO D 244 33.99 -17.40 54.08
C PRO D 244 34.50 -16.95 52.72
N TYR D 245 35.44 -17.69 52.16
CA TYR D 245 36.01 -17.22 50.91
C TYR D 245 35.15 -17.65 49.74
N TYR D 246 34.95 -16.69 48.84
CA TYR D 246 34.07 -16.88 47.70
C TYR D 246 34.94 -17.19 46.50
N HIS D 247 34.40 -18.01 45.60
CA HIS D 247 35.18 -18.48 44.47
C HIS D 247 35.40 -17.33 43.52
N PHE D 248 36.55 -16.68 43.65
CA PHE D 248 36.70 -15.39 43.03
C PHE D 248 37.40 -15.57 41.70
N GLN D 249 36.63 -15.30 40.64
CA GLN D 249 37.06 -15.31 39.24
C GLN D 249 37.54 -16.68 38.79
N ASP D 250 37.05 -17.71 39.48
CA ASP D 250 37.29 -19.13 39.19
C ASP D 250 38.78 -19.47 39.23
N TRP D 251 39.58 -18.69 39.95
CA TRP D 251 40.95 -19.13 40.19
C TRP D 251 41.37 -18.84 41.62
N ARG D 252 40.62 -18.01 42.34
CA ARG D 252 41.01 -17.70 43.71
C ARG D 252 39.82 -17.53 44.63
N CYS D 253 40.15 -17.24 45.89
CA CYS D 253 39.23 -17.31 47.01
C CYS D 253 39.34 -16.02 47.81
N VAL D 254 38.27 -15.21 47.82
CA VAL D 254 38.31 -13.95 48.55
C VAL D 254 37.12 -13.90 49.51
N ASN D 255 37.30 -13.15 50.59
CA ASN D 255 36.30 -13.00 51.65
C ASN D 255 35.21 -12.04 51.23
N PHE D 256 34.34 -11.71 52.20
CA PHE D 256 33.24 -10.79 51.93
C PHE D 256 33.74 -9.37 51.72
N SER D 257 34.74 -8.97 52.50
CA SER D 257 35.11 -7.55 52.55
C SER D 257 35.75 -7.10 51.26
N PHE D 258 36.44 -8.01 50.57
CA PHE D 258 37.05 -7.71 49.29
C PHE D 258 35.98 -7.42 48.24
N CYS D 259 35.02 -8.34 48.10
CA CYS D 259 33.90 -8.20 47.18
C CYS D 259 33.03 -6.99 47.52
N GLN D 260 32.79 -6.82 48.82
CA GLN D 260 32.09 -5.67 49.39
C GLN D 260 32.71 -4.35 49.00
N ASP D 261 34.01 -4.21 49.22
CA ASP D 261 34.63 -2.92 49.02
C ASP D 261 34.83 -2.63 47.55
N LEU D 262 34.97 -3.66 46.71
CA LEU D 262 35.01 -3.41 45.28
C LEU D 262 33.63 -3.05 44.74
N HIS D 263 32.59 -3.63 45.34
CA HIS D 263 31.22 -3.21 45.09
C HIS D 263 31.03 -1.74 45.46
N HIS D 264 31.65 -1.32 46.56
CA HIS D 264 31.56 0.07 46.99
C HIS D 264 32.46 0.99 46.19
N LYS D 265 33.53 0.46 45.62
CA LYS D 265 34.34 1.24 44.68
C LYS D 265 33.60 1.42 43.38
N CYS D 266 32.76 0.46 43.03
CA CYS D 266 31.95 0.60 41.84
C CYS D 266 30.70 1.41 42.12
N LYS D 267 30.47 1.75 43.38
CA LYS D 267 29.55 2.83 43.71
C LYS D 267 30.21 4.17 43.38
N CYS D 274 30.57 -0.55 36.30
CA CYS D 274 31.80 -0.92 37.00
C CYS D 274 31.72 -2.39 37.44
N HIS D 275 30.54 -3.01 37.23
CA HIS D 275 30.16 -4.29 37.82
C HIS D 275 30.25 -4.19 39.33
N GLN D 276 29.31 -3.45 39.92
CA GLN D 276 29.06 -3.49 41.37
C GLN D 276 28.84 -4.94 41.74
N TYR D 277 29.76 -5.47 42.55
CA TYR D 277 29.82 -6.90 42.79
C TYR D 277 28.69 -7.37 43.69
N VAL D 278 28.17 -8.54 43.39
CA VAL D 278 27.18 -9.20 44.21
C VAL D 278 27.65 -10.60 44.53
N ILE D 279 26.80 -11.36 45.23
CA ILE D 279 27.19 -12.65 45.79
C ILE D 279 26.10 -13.67 45.53
N HIS D 280 26.50 -14.80 44.93
CA HIS D 280 25.66 -15.99 44.87
C HIS D 280 26.57 -17.18 44.60
N ASN D 281 26.14 -18.37 45.07
CA ASN D 281 26.77 -19.67 44.73
C ASN D 281 28.22 -19.71 45.22
N ASN D 282 28.44 -19.18 46.43
CA ASN D 282 29.76 -19.01 47.04
C ASN D 282 30.75 -18.30 46.13
N LYS D 283 30.28 -17.28 45.43
CA LYS D 283 31.07 -16.57 44.44
C LYS D 283 30.80 -15.09 44.55
N CYS D 284 31.88 -14.30 44.56
CA CYS D 284 31.77 -12.87 44.35
C CYS D 284 31.56 -12.64 42.87
N ILE D 285 30.31 -12.45 42.48
CA ILE D 285 29.93 -12.33 41.08
C ILE D 285 29.67 -10.87 40.79
N PRO D 286 29.85 -10.45 39.54
CA PRO D 286 29.42 -9.10 39.18
C PRO D 286 27.92 -8.94 39.30
N GLU D 287 27.16 -9.86 38.70
CA GLU D 287 25.73 -9.70 38.60
C GLU D 287 25.05 -11.01 38.97
N CYS D 288 23.85 -10.89 39.52
CA CYS D 288 23.12 -12.06 40.00
C CYS D 288 22.65 -12.91 38.83
N PRO D 289 22.63 -14.24 38.99
CA PRO D 289 22.08 -15.10 37.94
C PRO D 289 20.56 -15.03 37.91
N SER D 290 19.98 -15.92 37.10
CA SER D 290 18.61 -15.77 36.64
C SER D 290 17.61 -15.91 37.79
N GLY D 291 16.62 -15.02 37.79
CA GLY D 291 15.60 -14.97 38.80
C GLY D 291 16.04 -14.39 40.12
N TYR D 292 17.24 -13.81 40.20
CA TYR D 292 17.82 -13.44 41.48
C TYR D 292 18.02 -11.95 41.61
N THR D 293 17.78 -11.48 42.83
CA THR D 293 17.89 -10.09 43.22
C THR D 293 18.92 -10.03 44.32
N MET D 294 19.85 -9.08 44.20
CA MET D 294 20.89 -8.91 45.20
C MET D 294 20.28 -8.47 46.52
N ASN D 295 20.89 -8.87 47.62
CA ASN D 295 20.45 -8.39 48.92
C ASN D 295 21.49 -7.37 49.39
N SER D 296 21.09 -6.10 49.43
CA SER D 296 22.00 -4.95 49.52
C SER D 296 22.90 -4.96 50.75
N SER D 297 22.47 -5.64 51.81
CA SER D 297 23.31 -5.87 52.97
C SER D 297 24.51 -6.71 52.60
N ASN D 298 24.26 -7.94 52.13
CA ASN D 298 25.29 -8.94 51.95
C ASN D 298 25.48 -9.36 50.51
N LEU D 299 25.00 -8.56 49.55
CA LEU D 299 25.14 -8.75 48.12
C LEU D 299 24.48 -10.04 47.62
N LEU D 300 23.57 -10.62 48.39
CA LEU D 300 23.12 -11.97 48.14
C LEU D 300 22.03 -12.00 47.09
N CYS D 301 22.26 -12.76 46.03
CA CYS D 301 21.32 -12.86 44.94
C CYS D 301 20.13 -13.72 45.33
N THR D 302 19.13 -13.08 45.91
CA THR D 302 17.96 -13.73 46.44
C THR D 302 16.90 -13.80 45.35
N PRO D 303 16.06 -14.84 45.34
CA PRO D 303 15.05 -14.95 44.29
C PRO D 303 14.00 -13.87 44.36
N CYS D 304 13.66 -13.36 43.18
CA CYS D 304 12.67 -12.31 43.06
C CYS D 304 11.27 -12.91 43.18
N GLU D 318 17.73 10.56 32.79
CA GLU D 318 16.54 10.94 32.05
C GLU D 318 16.53 10.25 30.70
N LYS D 319 15.34 10.10 30.14
CA LYS D 319 15.20 9.55 28.80
C LYS D 319 13.88 9.97 28.19
N THR D 320 13.92 10.44 26.96
CA THR D 320 12.73 10.85 26.23
C THR D 320 12.11 9.64 25.56
N ILE D 321 10.82 9.45 25.79
CA ILE D 321 10.09 8.38 25.16
C ILE D 321 9.16 9.01 24.16
N ASP D 322 9.41 8.71 22.89
CA ASP D 322 8.71 9.35 21.80
C ASP D 322 8.19 8.33 20.80
N SER D 323 8.54 7.05 20.99
CA SER D 323 8.28 6.05 19.99
C SER D 323 8.33 4.69 20.65
N VAL D 324 7.93 3.67 19.90
CA VAL D 324 7.94 2.30 20.41
C VAL D 324 9.36 1.83 20.62
N THR D 325 10.24 2.18 19.68
CA THR D 325 11.64 1.77 19.79
C THR D 325 12.32 2.46 20.96
N SER D 326 11.86 3.66 21.30
CA SER D 326 12.29 4.31 22.54
C SER D 326 11.80 3.56 23.77
N ALA D 327 10.79 2.71 23.63
CA ALA D 327 10.38 1.88 24.76
C ALA D 327 11.05 0.52 24.73
N GLN D 328 11.46 0.07 23.55
CA GLN D 328 12.09 -1.24 23.40
C GLN D 328 13.43 -1.31 24.10
N GLU D 329 14.08 -0.16 24.25
CA GLU D 329 15.26 -0.08 25.10
C GLU D 329 14.91 -0.25 26.56
N LEU D 330 13.79 0.33 26.98
CA LEU D 330 13.32 0.23 28.35
C LEU D 330 12.43 -0.97 28.54
N ARG D 331 12.50 -1.94 27.63
CA ARG D 331 11.69 -3.14 27.74
C ARG D 331 12.17 -3.98 28.90
N GLY D 332 11.29 -4.22 29.84
CA GLY D 332 11.65 -5.02 30.97
C GLY D 332 12.08 -4.24 32.19
N CYS D 333 12.09 -2.92 32.13
CA CYS D 333 12.54 -2.14 33.28
C CYS D 333 11.56 -2.28 34.42
N THR D 334 12.09 -2.20 35.64
CA THR D 334 11.28 -2.26 36.84
C THR D 334 11.46 -1.04 37.73
N VAL D 335 12.69 -0.73 38.08
CA VAL D 335 13.02 0.41 38.92
C VAL D 335 13.90 1.32 38.07
N ILE D 336 13.56 2.60 38.01
CA ILE D 336 14.33 3.52 37.20
C ILE D 336 15.03 4.52 38.10
N ASN D 337 16.36 4.44 38.08
CA ASN D 337 17.25 5.36 38.77
C ASN D 337 17.42 6.55 37.83
N GLY D 338 16.41 7.40 37.77
CA GLY D 338 16.39 8.54 36.88
C GLY D 338 14.97 8.97 36.66
N SER D 339 14.77 9.83 35.65
CA SER D 339 13.48 10.38 35.28
C SER D 339 13.14 9.94 33.87
N LEU D 340 11.91 10.21 33.44
CA LEU D 340 11.52 9.92 32.07
C LEU D 340 10.75 11.06 31.45
N ILE D 341 10.89 11.17 30.14
CA ILE D 341 10.29 12.22 29.34
C ILE D 341 9.46 11.53 28.28
N ILE D 342 8.23 11.99 28.07
CA ILE D 342 7.32 11.27 27.21
C ILE D 342 6.73 12.23 26.19
N ASN D 343 7.06 12.02 24.91
CA ASN D 343 6.37 12.68 23.82
C ASN D 343 6.21 11.70 22.66
N ILE D 344 5.52 10.61 22.92
CA ILE D 344 5.05 9.75 21.85
C ILE D 344 3.81 10.44 21.29
N ARG D 345 3.76 10.63 19.97
CA ARG D 345 2.58 11.29 19.41
C ARG D 345 1.75 10.42 18.48
N GLY D 346 2.17 9.20 18.17
CA GLY D 346 1.32 8.32 17.39
C GLY D 346 2.09 7.11 16.92
N GLY D 347 1.36 6.15 16.38
CA GLY D 347 1.94 4.90 15.89
C GLY D 347 1.05 3.70 16.11
N ASN D 348 1.46 2.57 15.53
CA ASN D 348 0.72 1.33 15.71
C ASN D 348 1.11 0.69 17.03
N ASN D 349 0.17 -0.12 17.56
CA ASN D 349 0.32 -0.90 18.79
C ASN D 349 0.65 -0.04 20.00
N LEU D 350 0.12 1.18 20.05
CA LEU D 350 0.30 2.05 21.20
C LEU D 350 -0.40 1.47 22.42
N ALA D 351 0.21 1.73 23.58
CA ALA D 351 -0.18 1.33 24.94
C ALA D 351 -0.07 -0.17 25.17
N ALA D 352 0.28 -0.93 24.14
CA ALA D 352 0.31 -2.38 24.24
C ALA D 352 1.74 -2.88 24.19
N GLU D 353 2.47 -2.48 23.15
CA GLU D 353 3.92 -2.54 23.21
C GLU D 353 4.44 -1.68 24.34
N LEU D 354 3.75 -0.59 24.63
CA LEU D 354 4.19 0.30 25.67
C LEU D 354 3.95 -0.31 27.04
N GLU D 355 2.90 -1.11 27.19
CA GLU D 355 2.78 -1.86 28.43
C GLU D 355 3.80 -2.97 28.49
N ALA D 356 4.04 -3.63 27.35
CA ALA D 356 4.92 -4.79 27.30
C ALA D 356 6.36 -4.39 27.55
N ASN D 357 6.70 -3.17 27.23
CA ASN D 357 8.00 -2.64 27.59
C ASN D 357 7.97 -2.06 29.00
N LEU D 358 6.84 -1.47 29.37
CA LEU D 358 6.83 -0.37 30.31
C LEU D 358 5.81 -0.49 31.43
N GLY D 359 4.81 -1.36 31.32
CA GLY D 359 3.97 -1.62 32.48
C GLY D 359 4.73 -2.30 33.60
N LEU D 360 5.84 -2.94 33.26
CA LEU D 360 6.72 -3.66 34.14
C LEU D 360 7.43 -2.76 35.12
N ILE D 361 7.53 -1.48 34.80
CA ILE D 361 8.23 -0.57 35.67
C ILE D 361 7.40 -0.38 36.91
N GLU D 362 8.06 -0.28 38.05
CA GLU D 362 7.39 -0.03 39.30
C GLU D 362 7.85 1.25 39.94
N GLU D 363 9.14 1.54 39.89
CA GLU D 363 9.72 2.58 40.69
C GLU D 363 10.48 3.55 39.79
N ILE D 364 10.41 4.82 40.15
CA ILE D 364 11.16 5.87 39.46
C ILE D 364 11.83 6.71 40.53
N SER D 365 13.15 6.79 40.47
CA SER D 365 13.85 7.72 41.34
C SER D 365 13.49 9.14 40.99
N GLY D 366 13.64 9.51 39.73
CA GLY D 366 13.43 10.89 39.40
C GLY D 366 12.00 11.32 39.17
N TYR D 367 11.80 12.30 38.31
CA TYR D 367 10.46 12.78 38.02
C TYR D 367 9.88 12.02 36.85
N LEU D 368 8.75 12.51 36.37
CA LEU D 368 8.15 12.02 35.15
C LEU D 368 7.66 13.17 34.30
N LYS D 369 8.11 13.20 33.05
CA LYS D 369 7.69 14.22 32.10
C LYS D 369 6.80 13.62 31.04
N ILE D 370 5.68 14.28 30.79
CA ILE D 370 4.84 13.98 29.64
C ILE D 370 4.50 15.30 28.99
N ARG D 371 5.10 15.57 27.84
CA ARG D 371 4.81 16.80 27.16
C ARG D 371 4.37 16.45 25.74
N ARG D 372 3.31 17.11 25.28
CA ARG D 372 2.90 17.17 23.87
C ARG D 372 2.51 15.82 23.30
N SER D 373 2.31 14.88 24.21
CA SER D 373 2.17 13.47 23.91
C SER D 373 0.74 13.31 23.41
N TYR D 374 0.63 12.98 22.13
CA TYR D 374 -0.61 13.29 21.44
C TYR D 374 -1.61 12.13 21.49
N ALA D 375 -1.32 11.03 20.79
CA ALA D 375 -2.38 10.13 20.35
C ALA D 375 -2.90 9.21 21.44
N LEU D 376 -2.21 9.07 22.56
CA LEU D 376 -2.69 8.19 23.60
C LEU D 376 -3.74 8.85 24.46
N VAL D 377 -4.36 8.04 25.28
CA VAL D 377 -5.57 8.42 26.02
C VAL D 377 -5.46 8.11 27.50
N SER D 378 -4.62 7.15 27.90
CA SER D 378 -4.55 6.75 29.30
C SER D 378 -3.16 6.23 29.61
N LEU D 379 -2.88 6.14 30.90
CA LEU D 379 -1.62 5.60 31.40
C LEU D 379 -1.83 4.32 32.15
N SER D 380 -2.98 3.67 31.97
CA SER D 380 -3.26 2.45 32.71
C SER D 380 -2.33 1.32 32.33
N PHE D 381 -1.70 1.41 31.17
CA PHE D 381 -0.75 0.41 30.75
C PHE D 381 0.58 0.48 31.50
N PHE D 382 0.70 1.38 32.47
CA PHE D 382 1.74 1.27 33.49
C PHE D 382 1.19 0.54 34.70
N ARG D 383 1.24 -0.78 34.59
CA ARG D 383 0.44 -1.61 35.47
C ARG D 383 1.05 -1.70 36.85
N LYS D 384 2.37 -1.75 36.91
CA LYS D 384 3.10 -1.98 38.14
C LYS D 384 3.68 -0.71 38.69
N LEU D 385 3.48 0.39 37.98
CA LEU D 385 4.21 1.61 38.29
C LEU D 385 3.61 2.23 39.52
N ARG D 386 4.19 1.92 40.66
CA ARG D 386 3.60 2.27 41.93
C ARG D 386 4.51 3.13 42.78
N LEU D 387 5.56 3.71 42.19
CA LEU D 387 6.45 4.58 42.93
C LEU D 387 7.05 5.65 42.04
N ILE D 388 6.86 6.91 42.44
CA ILE D 388 7.69 8.03 42.02
C ILE D 388 8.43 8.51 43.24
N ARG D 389 9.75 8.39 43.22
CA ARG D 389 10.48 9.00 44.31
C ARG D 389 10.62 10.48 44.09
N GLY D 390 10.72 10.92 42.84
CA GLY D 390 10.94 12.31 42.56
C GLY D 390 12.30 12.80 42.97
N GLU D 391 13.30 11.91 43.00
CA GLU D 391 14.63 12.30 43.43
C GLU D 391 15.25 13.30 42.48
N THR D 392 15.07 13.08 41.19
CA THR D 392 15.26 14.14 40.22
C THR D 392 13.93 14.83 40.09
N LEU D 393 13.93 16.13 40.32
CA LEU D 393 12.73 16.94 40.24
C LEU D 393 12.74 17.71 38.94
N GLU D 394 11.57 17.81 38.34
CA GLU D 394 11.40 18.84 37.33
C GLU D 394 11.50 20.19 38.02
N ILE D 395 12.02 21.17 37.28
CA ILE D 395 12.17 22.55 37.72
C ILE D 395 10.84 23.08 38.26
N GLY D 396 10.92 23.86 39.34
CA GLY D 396 9.76 24.13 40.14
C GLY D 396 9.54 23.06 41.16
N ASN D 397 10.49 22.14 41.34
CA ASN D 397 10.45 21.02 42.27
C ASN D 397 9.21 20.15 42.00
N TYR D 398 9.04 19.77 40.73
CA TYR D 398 7.98 18.85 40.33
C TYR D 398 8.55 17.46 40.17
N SER D 399 7.86 16.49 40.74
CA SER D 399 8.11 15.11 40.37
C SER D 399 7.20 14.65 39.25
N PHE D 400 6.31 15.50 38.78
CA PHE D 400 5.45 15.10 37.68
C PHE D 400 5.20 16.24 36.73
N TYR D 401 4.98 15.88 35.47
CA TYR D 401 4.76 16.82 34.40
C TYR D 401 3.68 16.31 33.45
N ALA D 402 2.78 17.19 33.04
CA ALA D 402 1.83 16.90 31.97
C ALA D 402 1.51 18.16 31.19
N LEU D 403 1.94 18.20 29.93
CA LEU D 403 1.66 19.33 29.06
C LEU D 403 1.26 18.88 27.67
N ASP D 404 0.15 19.43 27.18
CA ASP D 404 -0.22 19.39 25.77
C ASP D 404 -0.53 17.95 25.39
N ASN D 405 -1.06 17.27 26.35
CA ASN D 405 -1.33 15.87 26.24
C ASN D 405 -2.81 15.80 25.92
N GLN D 406 -3.10 15.76 24.63
CA GLN D 406 -4.39 16.22 24.17
C GLN D 406 -5.47 15.18 24.32
N ASN D 407 -5.21 13.99 23.82
CA ASN D 407 -6.20 12.95 23.78
C ASN D 407 -6.24 12.16 25.07
N LEU D 408 -5.44 12.54 26.05
CA LEU D 408 -5.41 11.84 27.32
C LEU D 408 -6.72 12.05 28.05
N ARG D 409 -7.45 10.98 28.27
CA ARG D 409 -8.65 11.09 29.06
C ARG D 409 -8.48 10.57 30.48
N GLN D 410 -7.39 9.84 30.77
CA GLN D 410 -7.29 9.07 32.01
C GLN D 410 -5.85 9.02 32.50
N LEU D 411 -5.67 9.20 33.80
CA LEU D 411 -4.38 8.81 34.36
C LEU D 411 -4.36 7.31 34.57
N TRP D 412 -5.14 6.86 35.53
CA TRP D 412 -5.24 5.45 35.84
C TRP D 412 -6.62 5.13 36.39
N ASP D 413 -6.90 3.84 36.44
CA ASP D 413 -8.02 3.36 37.24
C ASP D 413 -7.56 3.53 38.67
N TRP D 414 -7.96 4.64 39.28
CA TRP D 414 -7.58 4.91 40.66
C TRP D 414 -8.34 4.04 41.64
N SER D 415 -9.39 3.35 41.18
CA SER D 415 -9.91 2.24 41.95
C SER D 415 -9.00 1.03 41.87
N LYS D 416 -8.25 0.88 40.78
CA LYS D 416 -7.29 -0.20 40.65
C LYS D 416 -5.86 0.21 40.92
N HIS D 417 -5.30 1.07 40.08
CA HIS D 417 -3.88 1.34 40.17
C HIS D 417 -3.63 2.30 41.31
N ASN D 418 -2.84 1.85 42.27
CA ASN D 418 -2.36 2.65 43.38
C ASN D 418 -0.97 3.11 43.02
N LEU D 419 -0.64 4.34 43.40
CA LEU D 419 0.61 4.94 42.99
C LEU D 419 1.15 5.85 44.07
N THR D 420 2.44 5.69 44.35
CA THR D 420 3.14 6.51 45.31
C THR D 420 3.95 7.56 44.58
N ILE D 421 3.82 8.80 44.99
CA ILE D 421 4.66 9.89 44.53
C ILE D 421 5.30 10.49 45.77
N THR D 422 6.61 10.27 45.91
CA THR D 422 7.27 10.62 47.16
C THR D 422 7.51 12.12 47.24
N GLN D 423 8.24 12.66 46.28
CA GLN D 423 8.57 14.07 46.30
C GLN D 423 7.75 14.76 45.22
N GLY D 424 7.90 16.08 45.16
CA GLY D 424 7.47 16.85 44.03
C GLY D 424 5.96 17.01 43.88
N LYS D 425 5.60 17.84 42.91
CA LYS D 425 4.22 18.19 42.62
C LYS D 425 3.84 17.75 41.22
N LEU D 426 2.69 18.28 40.81
CA LEU D 426 1.97 17.81 39.65
C LEU D 426 1.77 18.96 38.68
N PHE D 427 2.28 18.78 37.48
CA PHE D 427 2.20 19.81 36.46
C PHE D 427 1.08 19.38 35.54
N PHE D 428 -0.05 20.05 35.59
CA PHE D 428 -1.22 19.63 34.83
C PHE D 428 -1.73 20.75 33.96
N HIS D 429 -1.31 20.77 32.69
CA HIS D 429 -1.53 21.97 31.91
C HIS D 429 -1.79 21.60 30.46
N TYR D 430 -2.88 22.16 29.91
CA TYR D 430 -3.17 22.12 28.47
C TYR D 430 -3.42 20.70 27.97
N ASN D 431 -4.08 19.92 28.81
CA ASN D 431 -4.29 18.50 28.57
C ASN D 431 -5.79 18.25 28.56
N PRO D 432 -6.45 18.62 27.47
CA PRO D 432 -7.85 19.05 27.56
C PRO D 432 -8.84 17.94 27.64
N LYS D 433 -8.43 16.70 27.84
CA LYS D 433 -9.42 15.64 27.97
C LYS D 433 -9.36 14.92 29.30
N LEU D 434 -8.45 15.31 30.20
CA LEU D 434 -8.35 14.65 31.49
C LEU D 434 -9.12 15.45 32.52
N CYS D 435 -10.17 14.84 33.07
CA CYS D 435 -11.02 15.54 34.01
C CYS D 435 -10.33 15.77 35.34
N LEU D 436 -10.87 16.72 36.08
CA LEU D 436 -10.33 17.08 37.39
C LEU D 436 -10.57 15.98 38.41
N SER D 437 -11.53 15.11 38.15
CA SER D 437 -11.83 14.04 39.09
C SER D 437 -10.67 13.06 39.18
N GLU D 438 -10.12 12.66 38.03
CA GLU D 438 -8.88 11.89 38.00
C GLU D 438 -7.76 12.62 38.70
N ILE D 439 -7.78 13.94 38.61
CA ILE D 439 -6.75 14.76 39.23
C ILE D 439 -6.86 14.70 40.75
N HIS D 440 -8.07 14.81 41.28
CA HIS D 440 -8.21 14.78 42.72
C HIS D 440 -8.05 13.36 43.25
N LYS D 441 -8.40 12.37 42.42
CA LYS D 441 -8.03 10.99 42.70
C LYS D 441 -6.54 10.83 42.79
N MET D 442 -5.82 11.45 41.88
CA MET D 442 -4.38 11.36 41.89
C MET D 442 -3.81 12.11 43.08
N GLU D 443 -4.44 13.21 43.46
CA GLU D 443 -4.07 13.95 44.66
C GLU D 443 -4.18 13.06 45.88
N GLU D 444 -5.27 12.31 45.97
CA GLU D 444 -5.49 11.49 47.15
C GLU D 444 -4.60 10.26 47.13
N VAL D 445 -4.50 9.58 45.99
CA VAL D 445 -3.77 8.32 45.92
C VAL D 445 -2.27 8.57 45.94
N SER D 446 -1.82 9.62 45.26
CA SER D 446 -0.44 10.01 45.18
C SER D 446 0.12 10.52 46.51
N GLY D 447 -0.75 10.98 47.40
CA GLY D 447 -0.28 11.60 48.62
C GLY D 447 0.33 12.96 48.41
N THR D 448 0.06 13.58 47.28
CA THR D 448 0.64 14.87 46.96
C THR D 448 -0.38 15.98 47.05
N LYS D 449 -1.52 15.72 47.67
CA LYS D 449 -2.72 16.54 47.54
C LYS D 449 -2.53 17.95 48.07
N GLY D 450 -1.97 18.07 49.26
CA GLY D 450 -1.71 19.37 49.80
C GLY D 450 -0.41 20.01 49.34
N ARG D 451 0.25 19.43 48.35
CA ARG D 451 1.49 20.03 47.88
C ARG D 451 1.24 21.13 46.87
N GLN D 452 0.24 20.98 46.02
CA GLN D 452 0.17 21.81 44.84
C GLN D 452 -0.43 23.17 45.16
N GLU D 453 0.22 24.20 44.63
CA GLU D 453 -0.10 25.59 44.84
C GLU D 453 -0.81 26.14 43.63
N ARG D 454 -0.89 27.47 43.57
CA ARG D 454 -1.48 28.17 42.44
C ARG D 454 -0.71 27.91 41.16
N ASN D 455 -1.46 27.55 40.12
CA ASN D 455 -0.98 27.37 38.74
C ASN D 455 0.03 26.22 38.63
N ASP D 456 -0.02 25.28 39.57
CA ASP D 456 0.64 24.00 39.34
C ASP D 456 -0.21 23.18 38.40
N ILE D 457 -1.50 23.42 38.42
CA ILE D 457 -2.50 22.65 37.71
C ILE D 457 -3.39 23.66 37.03
N ALA D 458 -3.52 23.56 35.71
CA ALA D 458 -4.44 24.47 35.05
C ALA D 458 -5.86 23.93 35.14
N LEU D 459 -6.80 24.81 35.47
CA LEU D 459 -8.18 24.39 35.63
C LEU D 459 -8.95 24.51 34.33
N LYS D 460 -8.54 25.42 33.45
CA LYS D 460 -9.37 25.78 32.31
C LYS D 460 -8.80 25.29 30.98
N THR D 461 -7.74 24.49 31.01
CA THR D 461 -7.17 23.93 29.79
C THR D 461 -7.14 22.41 29.81
N ASN D 462 -7.71 21.78 30.85
CA ASN D 462 -7.50 20.38 31.13
C ASN D 462 -8.85 19.73 31.43
N GLY D 463 -9.24 18.76 30.61
CA GLY D 463 -10.53 18.11 30.73
C GLY D 463 -11.70 18.98 30.38
N ASP D 464 -11.44 20.22 29.97
CA ASP D 464 -12.44 21.16 29.55
C ASP D 464 -13.10 20.74 28.25
N GLN D 465 -12.48 19.83 27.51
CA GLN D 465 -13.10 19.21 26.35
C GLN D 465 -13.15 17.70 26.53
N ALA D 466 -13.82 17.27 27.60
CA ALA D 466 -14.10 15.86 27.88
C ALA D 466 -15.54 15.72 28.36
N SER D 467 -16.05 16.84 28.90
CA SER D 467 -17.44 17.10 29.31
C SER D 467 -17.86 16.36 30.58
N CYS D 468 -17.04 15.39 31.00
CA CYS D 468 -17.03 14.71 32.30
C CYS D 468 -18.41 14.27 32.76
N GLU D 469 -19.06 13.40 31.99
CA GLU D 469 -20.47 13.08 32.23
C GLU D 469 -20.63 12.33 33.53
N ASN D 470 -20.97 13.08 34.57
CA ASN D 470 -21.06 12.57 35.93
C ASN D 470 -22.22 11.62 36.10
N GLU D 471 -23.19 11.68 35.21
CA GLU D 471 -24.34 10.81 35.29
C GLU D 471 -24.31 9.78 34.18
N LEU D 472 -25.30 8.91 34.22
CA LEU D 472 -25.45 7.84 33.25
C LEU D 472 -26.74 8.08 32.50
N LEU D 473 -26.77 7.74 31.23
CA LEU D 473 -28.04 7.64 30.53
C LEU D 473 -28.51 6.19 30.62
N LYS D 474 -29.83 6.01 30.72
CA LYS D 474 -30.41 4.69 30.91
C LYS D 474 -31.39 4.36 29.82
N PHE D 475 -31.29 3.14 29.30
CA PHE D 475 -32.11 2.68 28.20
C PHE D 475 -33.47 2.25 28.72
N SER D 476 -34.52 2.75 28.09
CA SER D 476 -35.86 2.47 28.56
C SER D 476 -36.50 1.31 27.81
N TYR D 477 -36.12 1.09 26.55
CA TYR D 477 -36.59 -0.08 25.82
C TYR D 477 -35.65 -0.40 24.67
N ILE D 478 -35.39 -1.69 24.51
CA ILE D 478 -34.55 -2.12 23.40
C ILE D 478 -35.35 -3.07 22.54
N ARG D 479 -35.52 -2.73 21.27
CA ARG D 479 -36.03 -3.71 20.34
C ARG D 479 -34.95 -3.98 19.32
N THR D 480 -34.65 -5.24 19.06
CA THR D 480 -33.78 -5.54 17.95
C THR D 480 -34.58 -6.22 16.84
N SER D 481 -34.38 -5.75 15.63
CA SER D 481 -34.63 -6.57 14.47
C SER D 481 -33.29 -7.17 14.15
N PHE D 482 -33.22 -7.83 13.02
CA PHE D 482 -31.97 -8.50 12.68
C PHE D 482 -30.92 -7.48 12.26
N ASP D 483 -31.26 -6.56 11.38
CA ASP D 483 -30.35 -5.49 11.04
C ASP D 483 -30.66 -4.22 11.77
N LYS D 484 -31.64 -4.23 12.64
CA LYS D 484 -32.18 -3.00 13.12
C LYS D 484 -32.35 -3.10 14.61
N ILE D 485 -31.92 -2.08 15.34
CA ILE D 485 -32.14 -2.15 16.77
C ILE D 485 -32.79 -0.85 17.22
N LEU D 486 -34.04 -0.97 17.65
CA LEU D 486 -34.70 0.13 18.32
C LEU D 486 -34.17 0.24 19.72
N LEU D 487 -33.61 1.38 20.04
CA LEU D 487 -33.31 1.72 21.40
C LEU D 487 -34.32 2.74 21.85
N ARG D 488 -34.75 2.60 23.08
CA ARG D 488 -35.45 3.66 23.79
C ARG D 488 -34.69 3.89 25.06
N TRP D 489 -34.65 5.16 25.44
CA TRP D 489 -33.90 5.53 26.62
C TRP D 489 -34.53 6.77 27.18
N GLU D 490 -34.13 7.05 28.38
CA GLU D 490 -34.61 8.16 29.14
C GLU D 490 -34.18 9.47 28.51
N PRO D 491 -35.10 10.40 28.33
CA PRO D 491 -34.71 11.75 27.94
C PRO D 491 -34.00 12.43 29.11
N TYR D 492 -32.76 12.82 28.89
CA TYR D 492 -32.04 13.65 29.84
C TYR D 492 -32.48 15.08 29.63
N TRP D 493 -32.54 15.86 30.70
CA TRP D 493 -32.75 17.30 30.57
C TRP D 493 -31.85 17.99 31.58
N PRO D 494 -31.02 18.94 31.15
CA PRO D 494 -30.35 19.82 32.08
C PRO D 494 -31.36 20.72 32.77
N PRO D 495 -31.04 21.26 33.96
CA PRO D 495 -32.02 22.08 34.69
C PRO D 495 -32.41 23.34 33.95
N ASP D 496 -31.46 23.95 33.27
CA ASP D 496 -31.82 24.82 32.16
C ASP D 496 -31.78 23.95 30.92
N PHE D 497 -32.96 23.51 30.49
CA PHE D 497 -33.03 22.52 29.43
C PHE D 497 -32.90 23.14 28.05
N ARG D 498 -32.64 24.45 27.97
CA ARG D 498 -32.20 25.04 26.71
C ARG D 498 -30.90 24.44 26.27
N ASP D 499 -30.04 24.13 27.24
CA ASP D 499 -28.67 23.78 26.97
C ASP D 499 -28.53 22.40 26.38
N LEU D 500 -29.55 21.56 26.45
CA LEU D 500 -29.52 20.24 25.83
C LEU D 500 -29.41 20.43 24.32
N LEU D 501 -28.21 20.21 23.82
CA LEU D 501 -28.02 20.40 22.39
C LEU D 501 -28.37 19.15 21.63
N GLY D 502 -28.25 18.00 22.27
CA GLY D 502 -28.47 16.79 21.53
C GLY D 502 -28.21 15.60 22.41
N PHE D 503 -28.21 14.45 21.78
CA PHE D 503 -27.87 13.18 22.40
C PHE D 503 -26.95 12.45 21.44
N MET D 504 -25.92 11.84 22.00
CA MET D 504 -24.80 11.42 21.18
C MET D 504 -24.53 9.94 21.41
N LEU D 505 -25.24 9.12 20.66
CA LEU D 505 -25.14 7.68 20.77
C LEU D 505 -23.88 7.23 20.05
N PHE D 506 -23.12 6.39 20.70
CA PHE D 506 -21.92 5.85 20.13
C PHE D 506 -22.06 4.35 20.12
N TYR D 507 -21.40 3.72 19.17
CA TYR D 507 -21.55 2.31 18.95
C TYR D 507 -20.32 1.88 18.20
N LYS D 508 -20.12 0.56 18.12
CA LYS D 508 -19.28 -0.09 17.13
C LYS D 508 -19.50 -1.58 17.26
N GLU D 509 -18.75 -2.33 16.45
CA GLU D 509 -18.82 -3.78 16.52
C GLU D 509 -17.82 -4.31 17.54
N ALA D 510 -18.24 -5.30 18.33
CA ALA D 510 -17.40 -5.88 19.37
C ALA D 510 -17.80 -7.33 19.64
N PRO D 511 -17.14 -8.31 19.00
CA PRO D 511 -17.39 -9.70 19.38
C PRO D 511 -16.83 -10.05 20.75
N TYR D 512 -15.84 -9.31 21.23
CA TYR D 512 -15.43 -9.40 22.61
C TYR D 512 -16.21 -8.39 23.44
N GLN D 513 -15.85 -8.29 24.71
CA GLN D 513 -16.22 -7.11 25.47
C GLN D 513 -14.99 -6.37 25.95
N ASN D 514 -13.94 -6.35 25.14
CA ASN D 514 -12.70 -5.67 25.49
C ASN D 514 -12.72 -4.22 25.00
N VAL D 515 -13.74 -3.50 25.45
CA VAL D 515 -13.89 -2.09 25.09
C VAL D 515 -13.81 -1.24 26.35
N VAL D 531 -20.94 5.89 16.66
CA VAL D 531 -21.30 7.29 16.73
C VAL D 531 -22.53 7.75 15.96
N VAL D 532 -23.52 8.26 16.68
CA VAL D 532 -24.68 8.96 16.13
C VAL D 532 -25.04 10.10 17.06
N ASP D 533 -25.22 11.30 16.50
CA ASP D 533 -25.86 12.37 17.22
C ASP D 533 -27.36 12.28 17.03
N ILE D 534 -28.11 12.41 18.11
CA ILE D 534 -29.56 12.47 18.07
C ILE D 534 -29.95 13.80 18.70
N ASP D 535 -30.99 14.41 18.16
CA ASP D 535 -31.49 15.66 18.66
C ASP D 535 -32.15 15.48 20.02
N PRO D 536 -32.40 16.55 20.76
CA PRO D 536 -33.23 16.43 21.95
C PRO D 536 -34.67 16.10 21.60
N PRO D 537 -35.37 15.38 22.46
CA PRO D 537 -36.78 15.11 22.22
C PRO D 537 -37.64 16.31 22.59
N LEU D 538 -38.94 16.18 22.49
CA LEU D 538 -39.83 17.31 22.77
C LEU D 538 -40.09 17.41 24.26
N ARG D 539 -39.55 18.45 24.88
CA ARG D 539 -39.73 18.67 26.31
C ARG D 539 -41.21 18.84 26.65
N SER D 540 -41.75 20.02 26.38
CA SER D 540 -43.16 20.32 26.11
C SER D 540 -44.19 19.97 27.19
N ASN D 541 -43.85 19.04 28.08
CA ASN D 541 -44.78 18.39 28.99
C ASN D 541 -44.06 17.33 29.81
N ASP D 542 -44.66 16.99 30.94
CA ASP D 542 -44.40 15.69 31.55
C ASP D 542 -45.55 15.13 32.39
N PRO D 543 -46.82 15.01 31.91
CA PRO D 543 -47.77 14.23 32.71
C PRO D 543 -47.39 12.76 32.69
N LYS D 544 -47.45 12.14 31.50
CA LYS D 544 -46.84 10.88 31.13
C LYS D 544 -46.55 11.10 29.65
N SER D 545 -45.35 11.53 29.34
CA SER D 545 -45.02 11.87 27.97
C SER D 545 -43.96 10.89 27.53
N GLN D 546 -44.24 10.11 26.49
CA GLN D 546 -43.10 9.44 25.90
C GLN D 546 -42.41 10.46 25.03
N ASN D 547 -41.58 11.23 25.67
CA ASN D 547 -40.57 12.01 25.01
C ASN D 547 -39.27 11.28 25.25
N HIS D 548 -39.35 9.99 25.48
CA HIS D 548 -38.21 9.12 25.31
C HIS D 548 -37.75 9.22 23.88
N PRO D 549 -36.57 9.73 23.63
CA PRO D 549 -36.04 9.70 22.28
C PRO D 549 -35.64 8.28 21.94
N GLY D 550 -36.00 7.87 20.75
CA GLY D 550 -35.80 6.49 20.45
C GLY D 550 -34.87 6.32 19.30
N TRP D 551 -34.21 5.16 19.21
CA TRP D 551 -33.39 5.06 18.04
C TRP D 551 -33.35 3.68 17.48
N LEU D 552 -33.61 3.64 16.18
CA LEU D 552 -33.49 2.49 15.33
C LEU D 552 -32.18 2.56 14.56
N MET D 553 -31.41 1.49 14.61
CA MET D 553 -30.27 1.36 13.71
C MET D 553 -30.70 0.58 12.47
N ARG D 554 -29.87 0.55 11.42
CA ARG D 554 -30.44 0.00 10.18
C ARG D 554 -29.63 -1.01 9.39
N GLY D 555 -28.35 -0.78 9.14
CA GLY D 555 -27.70 -1.51 8.08
C GLY D 555 -27.00 -2.77 8.54
N LEU D 556 -27.42 -3.31 9.68
CA LEU D 556 -26.55 -4.06 10.56
C LEU D 556 -26.36 -5.48 10.07
N LYS D 557 -25.18 -6.05 10.31
CA LYS D 557 -25.02 -7.47 10.13
C LYS D 557 -25.76 -8.20 11.24
N PRO D 558 -26.73 -9.02 10.91
CA PRO D 558 -27.54 -9.65 11.95
C PRO D 558 -26.78 -10.77 12.63
N TRP D 559 -27.16 -11.00 13.90
CA TRP D 559 -26.38 -11.80 14.84
C TRP D 559 -24.95 -11.26 14.95
N THR D 560 -24.82 -10.09 15.58
CA THR D 560 -23.52 -9.44 15.79
C THR D 560 -23.58 -8.56 17.03
N GLN D 561 -22.69 -8.83 17.98
CA GLN D 561 -22.61 -8.09 19.24
C GLN D 561 -22.05 -6.70 19.01
N TYR D 562 -22.68 -5.69 19.61
CA TYR D 562 -22.39 -4.29 19.35
C TYR D 562 -22.23 -3.52 20.65
N ALA D 563 -21.02 -3.05 20.88
CA ALA D 563 -20.74 -2.19 22.02
C ALA D 563 -21.28 -0.80 21.74
N ILE D 564 -22.29 -0.40 22.50
CA ILE D 564 -23.08 0.77 22.19
C ILE D 564 -23.23 1.63 23.43
N PHE D 565 -23.00 2.93 23.28
CA PHE D 565 -23.31 3.77 24.43
C PHE D 565 -23.71 5.16 23.98
N VAL D 566 -24.58 5.78 24.74
CA VAL D 566 -25.04 7.10 24.39
C VAL D 566 -24.24 8.08 25.21
N LYS D 567 -24.19 9.30 24.73
CA LYS D 567 -23.77 10.42 25.53
C LYS D 567 -24.79 11.54 25.36
N THR D 568 -24.96 12.35 26.38
CA THR D 568 -25.71 13.59 26.25
C THR D 568 -24.88 14.57 25.42
N LEU D 569 -25.57 15.45 24.70
CA LEU D 569 -24.93 16.64 24.17
C LEU D 569 -25.60 17.88 24.73
N VAL D 570 -24.84 18.64 25.50
CA VAL D 570 -25.32 19.85 26.14
C VAL D 570 -24.33 20.98 25.90
N THR D 571 -24.60 22.10 26.56
CA THR D 571 -23.81 23.32 26.48
C THR D 571 -22.97 23.44 27.73
N PHE D 572 -21.73 23.93 27.59
CA PHE D 572 -20.95 24.35 28.74
C PHE D 572 -21.63 25.56 29.36
N SER D 573 -21.91 25.49 30.64
CA SER D 573 -22.61 26.60 31.28
C SER D 573 -21.65 27.74 31.57
N ASP D 574 -22.23 28.93 31.67
CA ASP D 574 -21.52 30.14 32.09
C ASP D 574 -21.27 30.11 33.58
N GLU D 575 -21.90 29.17 34.26
CA GLU D 575 -21.90 28.92 35.66
C GLU D 575 -21.25 27.57 35.89
N ARG D 576 -21.40 27.04 37.09
CA ARG D 576 -20.99 25.67 37.39
C ARG D 576 -21.70 24.72 36.45
N ARG D 577 -20.94 24.18 35.51
CA ARG D 577 -21.53 23.51 34.36
C ARG D 577 -22.16 22.19 34.71
N THR D 578 -23.36 21.99 34.21
CA THR D 578 -24.05 20.71 34.32
C THR D 578 -23.33 19.72 33.42
N TYR D 579 -22.78 18.67 34.02
CA TYR D 579 -21.84 17.78 33.34
C TYR D 579 -22.53 16.79 32.43
N GLY D 580 -23.81 16.57 32.60
CA GLY D 580 -24.55 15.70 31.73
C GLY D 580 -24.32 14.24 32.03
N ALA D 581 -24.91 13.43 31.17
CA ALA D 581 -24.91 11.98 31.36
C ALA D 581 -24.37 11.33 30.11
N LYS D 582 -24.07 10.05 30.22
CA LYS D 582 -23.75 9.26 29.04
C LYS D 582 -24.15 7.84 29.31
N SER D 583 -24.63 7.14 28.30
CA SER D 583 -25.13 5.83 28.67
C SER D 583 -24.01 4.83 28.75
N ASP D 584 -24.35 3.70 29.31
CA ASP D 584 -23.39 2.65 29.50
C ASP D 584 -23.09 1.98 28.17
N ILE D 585 -21.86 1.49 28.06
CA ILE D 585 -21.45 0.68 26.94
C ILE D 585 -22.22 -0.63 27.03
N ILE D 586 -23.29 -0.73 26.28
CA ILE D 586 -24.08 -1.93 26.28
C ILE D 586 -23.69 -2.74 25.06
N TYR D 587 -23.67 -4.04 25.24
CA TYR D 587 -23.17 -4.97 24.26
C TYR D 587 -24.33 -5.74 23.65
N VAL D 588 -24.97 -5.15 22.67
CA VAL D 588 -26.20 -5.73 22.16
C VAL D 588 -25.87 -6.51 20.91
N GLN D 589 -26.31 -7.77 20.87
CA GLN D 589 -26.17 -8.58 19.68
C GLN D 589 -27.40 -8.39 18.81
N THR D 590 -27.18 -8.27 17.51
CA THR D 590 -28.27 -8.33 16.56
C THR D 590 -28.88 -9.73 16.49
N ASP D 591 -29.93 -9.88 15.69
CA ASP D 591 -30.66 -11.12 15.77
C ASP D 591 -30.00 -12.17 14.90
N ALA D 592 -29.82 -14.19 15.73
CA ALA D 592 -29.63 -15.42 14.96
C ALA D 592 -30.67 -15.52 13.87
N THR D 593 -30.68 -14.59 12.93
CA THR D 593 -31.76 -14.51 11.95
C THR D 593 -31.55 -15.50 10.83
N ASN D 594 -32.95 -15.20 8.79
CA ASN D 594 -32.49 -15.97 7.65
C ASN D 594 -31.06 -15.59 7.33
N PRO D 595 -30.13 -16.53 7.48
CA PRO D 595 -28.74 -16.25 7.12
C PRO D 595 -28.55 -16.11 5.62
N SER D 596 -27.32 -15.72 5.26
CA SER D 596 -26.98 -15.45 3.87
C SER D 596 -26.88 -16.73 3.07
N VAL D 597 -26.50 -16.60 1.80
CA VAL D 597 -26.32 -17.78 0.95
C VAL D 597 -25.09 -18.55 1.42
N PRO D 598 -25.23 -19.83 1.76
CA PRO D 598 -24.07 -20.63 2.13
C PRO D 598 -23.14 -20.78 0.95
N LEU D 599 -21.94 -20.23 1.12
CA LEU D 599 -21.08 -19.89 0.00
C LEU D 599 -20.47 -21.12 -0.63
N ASP D 600 -20.12 -20.97 -1.91
CA ASP D 600 -19.48 -21.92 -2.82
C ASP D 600 -20.00 -23.36 -2.78
N PRO D 601 -21.24 -23.62 -3.19
CA PRO D 601 -21.69 -25.02 -3.21
C PRO D 601 -21.04 -25.75 -4.37
N ILE D 602 -19.99 -26.51 -4.07
CA ILE D 602 -19.24 -27.21 -5.11
C ILE D 602 -19.70 -28.66 -5.12
N SER D 603 -20.27 -29.07 -6.25
CA SER D 603 -20.93 -30.35 -6.38
C SER D 603 -20.11 -31.21 -7.32
N VAL D 604 -19.38 -32.17 -6.77
CA VAL D 604 -18.52 -33.02 -7.56
C VAL D 604 -19.06 -34.44 -7.50
N SER D 605 -19.46 -34.95 -8.66
CA SER D 605 -20.08 -36.26 -8.75
C SER D 605 -18.96 -37.29 -8.84
N ASN D 606 -18.39 -37.65 -7.70
CA ASN D 606 -17.27 -38.57 -7.65
C ASN D 606 -17.66 -40.02 -7.90
N SER D 607 -18.94 -40.32 -8.11
CA SER D 607 -19.31 -41.64 -8.59
C SER D 607 -20.56 -41.55 -9.43
N SER D 608 -20.98 -42.71 -9.92
CA SER D 608 -22.26 -42.86 -10.58
C SER D 608 -23.42 -42.77 -9.61
N SER D 609 -23.17 -42.80 -8.31
CA SER D 609 -24.19 -42.49 -7.32
C SER D 609 -23.71 -41.60 -6.20
N GLN D 610 -22.46 -41.15 -6.23
CA GLN D 610 -21.95 -40.29 -5.18
C GLN D 610 -21.65 -38.92 -5.73
N ILE D 611 -22.09 -37.90 -5.02
CA ILE D 611 -21.76 -36.52 -5.34
C ILE D 611 -21.38 -35.82 -4.03
N ILE D 612 -20.11 -35.47 -3.90
CA ILE D 612 -19.66 -34.67 -2.76
C ILE D 612 -20.07 -33.21 -3.02
N LEU D 613 -21.18 -32.80 -2.45
CA LEU D 613 -21.49 -31.39 -2.40
C LEU D 613 -20.76 -30.80 -1.20
N LYS D 614 -19.91 -29.83 -1.46
CA LYS D 614 -19.19 -29.14 -0.41
C LYS D 614 -19.47 -27.66 -0.55
N TRP D 615 -19.40 -26.95 0.56
CA TRP D 615 -19.72 -25.54 0.52
C TRP D 615 -19.09 -24.84 1.71
N LYS D 616 -19.17 -23.57 1.67
CA LYS D 616 -18.72 -22.70 2.73
C LYS D 616 -19.91 -22.20 3.54
N PRO D 617 -19.69 -21.65 4.73
CA PRO D 617 -20.77 -20.98 5.44
C PRO D 617 -21.22 -19.75 4.70
N PRO D 618 -22.41 -19.23 5.01
CA PRO D 618 -22.83 -17.95 4.46
C PRO D 618 -21.95 -16.80 4.91
N SER D 619 -21.87 -15.78 4.06
CA SER D 619 -21.09 -14.60 4.37
C SER D 619 -21.65 -13.86 5.57
N ASP D 620 -22.97 -13.85 5.69
CA ASP D 620 -23.66 -13.46 6.91
C ASP D 620 -24.24 -14.76 7.46
N PRO D 621 -23.50 -15.43 8.34
CA PRO D 621 -23.97 -16.69 8.91
C PRO D 621 -25.13 -16.50 9.83
N ASN D 622 -25.21 -15.32 10.44
CA ASN D 622 -26.40 -14.76 11.09
C ASN D 622 -26.98 -15.70 12.10
N GLY D 623 -26.15 -16.37 12.84
CA GLY D 623 -26.61 -17.29 13.88
C GLY D 623 -25.75 -18.54 13.89
N ASN D 624 -25.86 -19.25 15.00
CA ASN D 624 -25.19 -20.54 15.12
C ASN D 624 -25.89 -21.52 14.19
N ILE D 625 -25.30 -21.71 13.01
CA ILE D 625 -25.94 -22.48 11.96
C ILE D 625 -26.04 -23.93 12.37
N THR D 626 -27.25 -24.33 12.79
CA THR D 626 -27.58 -25.65 13.27
C THR D 626 -27.31 -26.70 12.23
N HIS D 627 -28.01 -26.62 11.11
CA HIS D 627 -27.74 -27.50 10.00
C HIS D 627 -27.71 -26.69 8.73
N TYR D 628 -27.11 -27.29 7.72
CA TYR D 628 -27.19 -26.78 6.38
C TYR D 628 -28.23 -27.59 5.63
N LEU D 629 -29.30 -26.87 5.26
CA LEU D 629 -30.51 -27.47 4.72
C LEU D 629 -30.29 -27.74 3.24
N VAL D 630 -29.87 -28.97 2.94
CA VAL D 630 -29.59 -29.39 1.58
C VAL D 630 -30.85 -30.01 1.00
N PHE D 631 -31.32 -29.47 -0.10
CA PHE D 631 -32.38 -30.07 -0.88
C PHE D 631 -31.76 -30.54 -2.18
N TRP D 632 -32.14 -31.71 -2.65
CA TRP D 632 -31.70 -32.08 -3.98
C TRP D 632 -32.86 -32.71 -4.73
N GLU D 633 -32.70 -32.74 -6.04
CA GLU D 633 -33.76 -33.26 -6.88
C GLU D 633 -33.15 -33.83 -8.15
N ARG D 634 -33.67 -34.96 -8.58
CA ARG D 634 -33.25 -35.53 -9.86
C ARG D 634 -33.88 -34.76 -11.01
N GLN D 635 -33.06 -34.34 -11.96
CA GLN D 635 -33.57 -33.74 -13.19
C GLN D 635 -33.55 -34.79 -14.30
N ALA D 636 -34.72 -35.09 -14.84
CA ALA D 636 -34.82 -36.11 -15.87
C ALA D 636 -34.23 -35.60 -17.19
N GLU D 637 -34.04 -36.52 -18.11
CA GLU D 637 -33.44 -36.21 -19.40
C GLU D 637 -34.43 -35.41 -20.25
N ASP D 638 -33.90 -34.63 -21.20
CA ASP D 638 -34.76 -33.74 -21.97
C ASP D 638 -35.61 -34.49 -22.99
N SER D 639 -36.84 -34.00 -23.18
CA SER D 639 -37.87 -34.68 -23.96
C SER D 639 -37.56 -34.72 -25.45
N GLU D 640 -36.91 -33.67 -25.96
CA GLU D 640 -36.61 -33.60 -27.39
C GLU D 640 -35.55 -34.61 -27.78
N LEU D 641 -34.72 -35.03 -26.80
CA LEU D 641 -33.69 -36.01 -27.08
C LEU D 641 -34.26 -37.39 -27.34
N PHE D 642 -35.49 -37.64 -26.91
CA PHE D 642 -36.10 -38.91 -27.21
C PHE D 642 -36.67 -38.97 -28.61
N GLU D 643 -36.87 -37.83 -29.25
CA GLU D 643 -37.57 -37.76 -30.51
C GLU D 643 -36.74 -37.08 -31.59
N LEU D 644 -35.43 -37.08 -31.44
CA LEU D 644 -34.57 -36.61 -32.52
C LEU D 644 -33.97 -37.81 -33.23
N ASP D 645 -33.92 -37.71 -34.56
CA ASP D 645 -33.25 -38.72 -35.37
C ASP D 645 -31.75 -38.44 -35.26
N TYR D 646 -31.07 -39.23 -34.43
CA TYR D 646 -29.64 -39.10 -34.30
C TYR D 646 -28.88 -39.94 -35.31
N CYS D 647 -29.59 -40.56 -36.27
CA CYS D 647 -28.97 -41.11 -37.45
C CYS D 647 -28.65 -40.04 -38.48
N LEU D 648 -29.26 -38.87 -38.33
CA LEU D 648 -28.98 -37.73 -39.20
C LEU D 648 -27.62 -37.17 -38.82
N LYS D 649 -26.83 -36.82 -39.83
CA LYS D 649 -25.57 -36.13 -39.57
C LYS D 649 -25.88 -34.71 -39.10
N GLY D 650 -25.33 -34.34 -37.96
CA GLY D 650 -25.84 -33.26 -37.17
C GLY D 650 -26.19 -33.85 -35.82
N LEU D 651 -25.61 -35.03 -35.59
CA LEU D 651 -25.80 -35.83 -34.38
C LEU D 651 -24.85 -35.42 -33.27
N LYS D 652 -24.44 -34.15 -33.24
CA LYS D 652 -23.46 -33.64 -32.28
C LYS D 652 -24.05 -33.70 -30.88
N LEU D 653 -23.63 -34.70 -30.15
CA LEU D 653 -24.28 -35.07 -28.90
C LEU D 653 -23.46 -34.59 -27.72
N PRO D 654 -24.08 -33.96 -26.73
CA PRO D 654 -23.33 -33.57 -25.52
C PRO D 654 -23.00 -34.78 -24.66
N SER D 655 -21.71 -35.02 -24.47
CA SER D 655 -21.24 -36.11 -23.61
C SER D 655 -21.19 -35.62 -22.16
N ARG D 656 -22.36 -35.71 -21.52
CA ARG D 656 -22.53 -35.12 -20.20
C ARG D 656 -21.77 -35.89 -19.12
N GLU D 754 -48.12 -29.36 -0.57
CA GLU D 754 -46.67 -29.30 -0.70
C GLU D 754 -46.09 -30.64 -1.15
N GLU D 755 -44.84 -30.59 -1.61
CA GLU D 755 -44.12 -31.78 -2.06
C GLU D 755 -42.78 -31.84 -1.33
N HIS D 756 -42.35 -33.05 -1.02
CA HIS D 756 -41.15 -33.27 -0.24
C HIS D 756 -40.10 -33.96 -1.09
N ARG D 757 -38.95 -33.32 -1.23
CA ARG D 757 -37.81 -33.83 -1.95
C ARG D 757 -36.90 -34.58 -1.01
N PRO D 758 -36.02 -35.46 -1.52
CA PRO D 758 -34.97 -36.01 -0.67
C PRO D 758 -34.02 -34.91 -0.24
N PHE D 759 -33.89 -34.76 1.07
CA PHE D 759 -33.26 -33.59 1.64
C PHE D 759 -32.30 -34.03 2.74
N GLU D 760 -31.53 -33.06 3.25
CA GLU D 760 -30.60 -33.37 4.32
C GLU D 760 -30.31 -32.13 5.15
N LYS D 761 -30.50 -32.26 6.46
CA LYS D 761 -30.12 -31.24 7.43
C LYS D 761 -28.69 -31.53 7.88
N VAL D 762 -27.71 -30.96 7.19
CA VAL D 762 -26.33 -31.32 7.43
C VAL D 762 -25.89 -30.56 8.67
N VAL D 763 -26.07 -31.17 9.83
CA VAL D 763 -25.81 -30.53 11.11
C VAL D 763 -24.31 -30.46 11.30
N ASN D 764 -23.80 -29.24 11.50
CA ASN D 764 -22.41 -28.93 11.85
C ASN D 764 -21.43 -29.49 10.83
N LYS D 765 -21.81 -29.48 9.56
CA LYS D 765 -20.95 -29.98 8.50
C LYS D 765 -21.26 -29.21 7.22
N GLU D 766 -20.21 -28.81 6.53
CA GLU D 766 -20.34 -27.92 5.39
C GLU D 766 -19.98 -28.65 4.12
N SER D 767 -20.07 -29.97 4.19
CA SER D 767 -19.88 -30.83 3.04
C SER D 767 -20.98 -31.86 3.09
N LEU D 768 -21.26 -32.46 1.94
CA LEU D 768 -22.23 -33.53 1.92
C LEU D 768 -21.98 -34.39 0.70
N VAL D 769 -21.73 -35.66 0.91
CA VAL D 769 -21.83 -36.62 -0.16
C VAL D 769 -23.23 -37.19 -0.10
N ILE D 770 -23.86 -37.37 -1.26
CA ILE D 770 -25.23 -37.83 -1.33
C ILE D 770 -25.20 -39.18 -2.04
N SER D 771 -25.86 -40.16 -1.45
CA SER D 771 -25.88 -41.52 -1.97
C SER D 771 -27.26 -41.83 -2.53
N GLY D 772 -27.39 -43.03 -3.08
CA GLY D 772 -28.66 -43.53 -3.60
C GLY D 772 -29.10 -42.78 -4.82
N LEU D 773 -28.21 -42.66 -5.80
CA LEU D 773 -28.42 -41.80 -6.94
C LEU D 773 -28.33 -42.61 -8.22
N ARG D 774 -29.08 -42.21 -9.24
CA ARG D 774 -29.01 -42.90 -10.53
C ARG D 774 -27.68 -42.63 -11.20
N HIS D 775 -27.27 -43.54 -12.07
CA HIS D 775 -26.08 -43.33 -12.87
C HIS D 775 -26.40 -42.44 -14.07
N PHE D 776 -25.58 -41.41 -14.25
CA PHE D 776 -25.63 -40.48 -15.38
C PHE D 776 -26.99 -39.80 -15.50
N THR D 777 -27.35 -39.03 -14.47
CA THR D 777 -28.57 -38.25 -14.50
C THR D 777 -28.31 -36.91 -13.83
N GLY D 778 -28.56 -35.83 -14.56
CA GLY D 778 -28.38 -34.51 -14.02
C GLY D 778 -29.34 -34.26 -12.88
N TYR D 779 -28.84 -33.64 -11.81
CA TYR D 779 -29.68 -33.43 -10.63
C TYR D 779 -29.71 -31.94 -10.37
N ARG D 780 -30.75 -31.46 -9.72
CA ARG D 780 -30.77 -30.10 -9.21
C ARG D 780 -30.70 -30.17 -7.70
N ILE D 781 -29.86 -29.34 -7.11
CA ILE D 781 -29.62 -29.36 -5.68
C ILE D 781 -29.84 -27.96 -5.14
N GLU D 782 -30.55 -27.85 -4.02
CA GLU D 782 -30.72 -26.59 -3.30
C GLU D 782 -30.06 -26.68 -1.93
N LEU D 783 -29.26 -25.68 -1.61
CA LEU D 783 -28.64 -25.57 -0.29
C LEU D 783 -29.22 -24.39 0.47
N GLN D 784 -29.59 -24.62 1.72
CA GLN D 784 -29.82 -23.55 2.67
C GLN D 784 -29.03 -23.86 3.93
N ALA D 785 -28.89 -22.85 4.78
CA ALA D 785 -28.28 -22.98 6.10
C ALA D 785 -29.31 -22.65 7.13
N CYS D 786 -29.46 -23.49 8.15
CA CYS D 786 -30.38 -23.14 9.20
C CYS D 786 -29.58 -22.91 10.47
N ASN D 787 -29.75 -21.74 11.04
CA ASN D 787 -29.45 -21.51 12.44
C ASN D 787 -30.67 -21.70 13.31
N GLN D 788 -31.75 -22.21 12.74
CA GLN D 788 -32.96 -22.44 13.50
C GLN D 788 -33.70 -23.61 12.90
N ASP D 789 -33.99 -24.61 13.72
CA ASP D 789 -34.59 -25.85 13.26
C ASP D 789 -35.86 -26.18 14.04
N THR D 790 -35.82 -26.11 15.36
CA THR D 790 -37.02 -26.61 16.01
C THR D 790 -38.11 -25.54 16.06
N PRO D 791 -37.90 -24.32 16.63
CA PRO D 791 -39.05 -23.41 16.48
C PRO D 791 -39.02 -22.71 15.13
N GLU D 792 -39.88 -23.19 14.21
CA GLU D 792 -40.28 -22.47 13.00
C GLU D 792 -39.09 -22.10 12.12
N GLU D 793 -38.47 -23.12 11.48
CA GLU D 793 -37.10 -23.11 10.98
C GLU D 793 -36.71 -21.82 10.26
N ARG D 794 -35.82 -21.07 10.87
CA ARG D 794 -35.31 -19.87 10.22
C ARG D 794 -34.04 -20.34 9.55
N CYS D 795 -34.12 -20.49 8.24
CA CYS D 795 -33.05 -21.06 7.46
C CYS D 795 -32.58 -20.01 6.47
N SER D 796 -31.48 -20.32 5.80
CA SER D 796 -30.97 -19.36 4.85
C SER D 796 -31.82 -19.34 3.60
N VAL D 797 -31.53 -18.36 2.77
CA VAL D 797 -31.98 -18.40 1.41
C VAL D 797 -31.24 -19.49 0.65
N ALA D 798 -31.81 -19.87 -0.49
CA ALA D 798 -31.38 -21.06 -1.20
C ALA D 798 -30.06 -20.84 -1.91
N ALA D 799 -29.27 -21.89 -1.95
CA ALA D 799 -28.06 -21.93 -2.76
C ALA D 799 -28.24 -23.10 -3.71
N TYR D 800 -28.47 -22.80 -4.98
CA TYR D 800 -28.71 -23.84 -5.95
C TYR D 800 -27.43 -24.29 -6.60
N VAL D 801 -27.37 -25.57 -6.95
CA VAL D 801 -26.29 -26.12 -7.75
C VAL D 801 -26.88 -27.32 -8.46
N SER D 802 -26.31 -27.67 -9.60
CA SER D 802 -26.84 -28.77 -10.38
C SER D 802 -25.70 -29.59 -10.96
N ALA D 803 -25.85 -30.92 -10.94
CA ALA D 803 -24.78 -31.81 -11.34
C ALA D 803 -25.34 -33.14 -11.82
N ARG D 804 -24.54 -33.85 -12.61
CA ARG D 804 -24.87 -35.17 -13.13
C ARG D 804 -23.89 -36.19 -12.58
N THR D 805 -24.41 -37.33 -12.11
CA THR D 805 -23.56 -38.41 -11.64
C THR D 805 -22.77 -39.01 -12.80
N MET D 806 -21.78 -39.81 -12.43
CA MET D 806 -21.04 -40.54 -13.41
C MET D 806 -21.93 -41.57 -14.11
N PRO D 807 -21.56 -41.99 -15.30
CA PRO D 807 -22.23 -43.11 -15.94
C PRO D 807 -21.82 -44.43 -15.29
N GLU D 808 -22.65 -45.44 -15.51
CA GLU D 808 -22.15 -46.79 -15.35
C GLU D 808 -21.49 -47.25 -16.65
N ALA D 809 -20.66 -48.26 -16.53
CA ALA D 809 -19.99 -48.82 -17.70
C ALA D 809 -20.92 -49.70 -18.49
N LYS D 810 -21.52 -50.68 -17.84
CA LYS D 810 -22.34 -51.67 -18.51
C LYS D 810 -23.82 -51.32 -18.44
N ALA D 811 -24.13 -50.06 -18.11
CA ALA D 811 -25.48 -49.60 -18.35
C ALA D 811 -25.74 -49.47 -19.83
N ASP D 812 -24.75 -49.01 -20.57
CA ASP D 812 -24.89 -48.81 -22.00
C ASP D 812 -24.59 -50.06 -22.80
N ASP D 813 -23.91 -51.04 -22.22
CA ASP D 813 -23.60 -52.26 -22.94
C ASP D 813 -24.86 -53.09 -23.11
N ILE D 814 -25.07 -53.64 -24.30
CA ILE D 814 -26.38 -54.11 -24.72
C ILE D 814 -26.70 -55.46 -24.10
N VAL D 815 -27.88 -55.56 -23.48
CA VAL D 815 -28.36 -56.82 -22.92
C VAL D 815 -29.33 -57.45 -23.91
N GLY D 816 -29.43 -58.78 -23.85
CA GLY D 816 -30.36 -59.50 -24.67
C GLY D 816 -29.83 -59.90 -26.05
N PRO D 817 -30.51 -60.85 -26.70
CA PRO D 817 -29.92 -61.51 -27.87
C PRO D 817 -30.08 -60.72 -29.16
N VAL D 818 -29.18 -60.99 -30.11
CA VAL D 818 -29.23 -60.40 -31.46
C VAL D 818 -29.99 -61.36 -32.37
N THR D 819 -31.21 -61.00 -32.71
CA THR D 819 -32.06 -61.89 -33.49
C THR D 819 -32.14 -61.42 -34.94
N HIS D 820 -31.84 -62.33 -35.86
CA HIS D 820 -32.00 -62.07 -37.27
C HIS D 820 -33.25 -62.77 -37.75
N GLU D 821 -34.03 -62.07 -38.56
CA GLU D 821 -35.16 -62.67 -39.24
C GLU D 821 -35.09 -62.36 -40.71
N ILE D 822 -34.89 -63.42 -41.50
CA ILE D 822 -34.55 -63.31 -42.91
C ILE D 822 -35.79 -63.71 -43.70
N PHE D 823 -36.24 -62.84 -44.60
CA PHE D 823 -37.51 -63.17 -45.23
C PHE D 823 -37.26 -64.04 -46.45
N GLU D 824 -38.34 -64.30 -47.19
CA GLU D 824 -38.21 -64.97 -48.48
C GLU D 824 -37.52 -64.07 -49.47
N ASN D 825 -37.87 -62.78 -49.48
CA ASN D 825 -37.19 -61.81 -50.33
C ASN D 825 -35.91 -61.30 -49.70
N ASN D 826 -35.49 -61.91 -48.59
CA ASN D 826 -34.28 -61.60 -47.85
C ASN D 826 -34.29 -60.16 -47.36
N VAL D 827 -35.46 -59.65 -47.12
CA VAL D 827 -35.59 -58.45 -46.32
C VAL D 827 -35.36 -58.87 -44.88
N VAL D 828 -34.16 -58.64 -44.39
CA VAL D 828 -33.75 -59.22 -43.13
C VAL D 828 -34.16 -58.25 -42.03
N HIS D 829 -34.96 -58.72 -41.10
CA HIS D 829 -35.35 -57.91 -39.96
C HIS D 829 -34.50 -58.32 -38.75
N LEU D 830 -33.82 -57.35 -38.17
CA LEU D 830 -33.05 -57.59 -36.98
C LEU D 830 -33.84 -57.22 -35.73
N MET D 831 -33.61 -57.96 -34.66
CA MET D 831 -34.22 -57.70 -33.37
C MET D 831 -33.19 -57.83 -32.28
N TRP D 832 -33.34 -57.03 -31.22
CA TRP D 832 -32.49 -57.13 -30.05
C TRP D 832 -33.18 -56.48 -28.85
N GLN D 833 -32.91 -57.04 -27.69
CA GLN D 833 -33.30 -56.37 -26.45
C GLN D 833 -32.43 -55.14 -26.26
N GLU D 834 -33.03 -54.06 -25.80
CA GLU D 834 -32.28 -52.84 -25.66
C GLU D 834 -31.54 -52.83 -24.32
N PRO D 835 -30.55 -51.94 -24.15
CA PRO D 835 -29.98 -51.72 -22.82
C PRO D 835 -31.00 -51.06 -21.90
N LYS D 836 -31.82 -51.90 -21.28
CA LYS D 836 -32.92 -51.55 -20.41
C LYS D 836 -32.64 -50.45 -19.40
N GLU D 837 -31.52 -50.57 -18.68
CA GLU D 837 -31.04 -49.50 -17.81
C GLU D 837 -29.81 -48.89 -18.47
N PRO D 838 -29.98 -47.83 -19.25
CA PRO D 838 -28.81 -47.19 -19.86
C PRO D 838 -28.21 -46.17 -18.91
N ASN D 839 -27.13 -45.52 -19.35
CA ASN D 839 -26.64 -44.30 -18.72
C ASN D 839 -27.53 -43.17 -19.22
N GLY D 840 -28.67 -43.01 -18.56
CA GLY D 840 -29.67 -42.02 -18.94
C GLY D 840 -30.63 -42.50 -20.01
N LEU D 841 -30.22 -42.43 -21.27
CA LEU D 841 -31.07 -42.84 -22.38
C LEU D 841 -30.17 -43.28 -23.51
N ILE D 842 -30.77 -43.82 -24.56
CA ILE D 842 -30.05 -44.31 -25.72
C ILE D 842 -30.47 -43.47 -26.90
N VAL D 843 -29.51 -42.85 -27.59
CA VAL D 843 -29.86 -41.96 -28.70
C VAL D 843 -29.94 -42.67 -30.05
N LEU D 844 -29.16 -43.73 -30.25
CA LEU D 844 -29.05 -44.40 -31.54
C LEU D 844 -28.41 -45.77 -31.31
N TYR D 845 -28.44 -46.59 -32.35
CA TYR D 845 -27.84 -47.92 -32.31
C TYR D 845 -26.95 -48.07 -33.53
N GLU D 846 -25.86 -48.83 -33.40
CA GLU D 846 -24.93 -49.03 -34.51
C GLU D 846 -24.69 -50.51 -34.75
N VAL D 847 -24.79 -50.92 -36.01
CA VAL D 847 -24.71 -52.32 -36.44
C VAL D 847 -23.56 -52.43 -37.45
N SER D 848 -22.73 -53.44 -37.29
CA SER D 848 -21.56 -53.71 -38.14
C SER D 848 -21.78 -54.98 -38.94
N TYR D 849 -21.97 -54.87 -40.25
CA TYR D 849 -22.12 -56.04 -41.10
C TYR D 849 -21.08 -56.09 -42.21
N ARG D 850 -20.44 -57.25 -42.36
CA ARG D 850 -19.38 -57.45 -43.34
C ARG D 850 -19.40 -58.89 -43.81
N ARG D 851 -19.26 -59.11 -45.11
CA ARG D 851 -19.17 -60.46 -45.63
C ARG D 851 -17.77 -61.01 -45.50
N TYR D 852 -17.64 -62.33 -45.43
CA TYR D 852 -16.47 -62.92 -46.04
C TYR D 852 -16.55 -62.62 -47.53
N GLY D 853 -15.77 -61.65 -47.96
CA GLY D 853 -15.94 -61.09 -49.27
C GLY D 853 -16.13 -59.58 -49.27
N ASP D 854 -17.07 -59.05 -48.50
CA ASP D 854 -17.32 -57.62 -48.50
C ASP D 854 -16.54 -56.97 -47.37
N GLU D 855 -16.80 -55.67 -47.18
CA GLU D 855 -16.32 -54.87 -46.07
C GLU D 855 -17.54 -54.44 -45.25
N GLU D 856 -17.28 -53.86 -44.07
CA GLU D 856 -18.35 -53.26 -43.28
C GLU D 856 -19.02 -52.12 -44.00
N LEU D 857 -20.28 -52.32 -44.36
CA LEU D 857 -21.13 -51.23 -44.78
C LEU D 857 -21.94 -50.77 -43.57
N HIS D 858 -22.67 -49.68 -43.73
CA HIS D 858 -23.25 -49.01 -42.57
C HIS D 858 -24.71 -48.65 -42.84
N LEU D 859 -25.51 -48.65 -41.76
CA LEU D 859 -26.90 -48.16 -41.74
C LEU D 859 -27.30 -47.90 -40.28
N CYS D 860 -27.96 -46.77 -40.00
CA CYS D 860 -28.21 -46.34 -38.63
C CYS D 860 -29.61 -46.70 -38.15
N VAL D 861 -29.75 -46.83 -36.82
CA VAL D 861 -31.00 -47.12 -36.13
C VAL D 861 -31.16 -46.10 -35.01
N SER D 862 -32.12 -45.18 -35.16
CA SER D 862 -32.39 -44.18 -34.15
C SER D 862 -33.30 -44.72 -33.07
N ARG D 863 -33.81 -43.81 -32.25
CA ARG D 863 -34.74 -44.18 -31.19
C ARG D 863 -36.08 -44.60 -31.76
N LYS D 864 -36.64 -43.77 -32.63
CA LYS D 864 -37.90 -44.12 -33.27
C LYS D 864 -37.71 -45.20 -34.31
N HIS D 865 -36.52 -45.29 -34.90
CA HIS D 865 -36.24 -46.35 -35.85
C HIS D 865 -36.17 -47.70 -35.15
N PHE D 866 -35.58 -47.74 -33.96
CA PHE D 866 -35.64 -48.94 -33.14
C PHE D 866 -37.05 -49.18 -32.61
N ALA D 867 -37.77 -48.12 -32.23
CA ALA D 867 -39.08 -48.30 -31.61
C ALA D 867 -40.12 -48.72 -32.63
N LEU D 868 -39.92 -48.33 -33.89
CA LEU D 868 -40.86 -48.61 -34.96
C LEU D 868 -40.50 -49.91 -35.65
N GLU D 869 -39.22 -50.08 -35.98
CA GLU D 869 -38.84 -51.31 -36.64
C GLU D 869 -38.67 -52.46 -35.66
N ARG D 870 -38.79 -52.20 -34.36
CA ARG D 870 -38.62 -53.19 -33.28
C ARG D 870 -37.28 -53.89 -33.41
N GLY D 871 -36.23 -53.07 -33.45
CA GLY D 871 -34.94 -53.53 -33.91
C GLY D 871 -34.64 -52.86 -35.23
N CYS D 872 -34.06 -53.61 -36.16
CA CYS D 872 -33.72 -53.06 -37.45
C CYS D 872 -34.31 -53.92 -38.56
N ARG D 873 -34.22 -53.38 -39.77
CA ARG D 873 -34.70 -54.08 -40.97
C ARG D 873 -33.77 -53.75 -42.14
N LEU D 874 -33.10 -54.76 -42.65
CA LEU D 874 -32.29 -54.65 -43.87
C LEU D 874 -33.09 -55.24 -45.03
N ARG D 875 -32.78 -54.78 -46.24
CA ARG D 875 -33.53 -55.13 -47.42
C ARG D 875 -32.56 -55.55 -48.53
N GLY D 876 -32.46 -56.86 -48.80
CA GLY D 876 -31.88 -57.38 -50.03
C GLY D 876 -30.39 -57.19 -50.30
N LEU D 877 -29.52 -58.06 -49.80
CA LEU D 877 -28.07 -57.87 -49.93
C LEU D 877 -27.35 -59.09 -50.52
N SER D 878 -26.02 -59.08 -50.44
CA SER D 878 -25.17 -59.93 -51.29
C SER D 878 -24.92 -61.32 -50.69
N PRO D 879 -24.83 -62.36 -51.52
CA PRO D 879 -24.51 -63.71 -51.03
C PRO D 879 -23.04 -63.88 -50.65
N GLY D 880 -22.81 -64.87 -49.81
CA GLY D 880 -21.63 -64.96 -48.97
C GLY D 880 -21.98 -64.53 -47.56
N ASN D 881 -21.26 -65.10 -46.61
CA ASN D 881 -21.66 -65.06 -45.20
C ASN D 881 -21.33 -63.71 -44.57
N TYR D 882 -22.33 -63.06 -43.94
CA TYR D 882 -22.14 -61.84 -43.16
C TYR D 882 -22.04 -62.16 -41.67
N SER D 883 -21.61 -61.17 -40.88
CA SER D 883 -21.53 -61.26 -39.43
C SER D 883 -21.89 -59.91 -38.83
N VAL D 884 -22.62 -59.92 -37.72
CA VAL D 884 -23.21 -58.70 -37.16
C VAL D 884 -22.82 -58.54 -35.69
N ARG D 885 -22.14 -57.43 -35.40
CA ARG D 885 -21.95 -56.93 -34.04
C ARG D 885 -22.69 -55.60 -33.91
N ILE D 886 -23.26 -55.32 -32.74
CA ILE D 886 -24.11 -54.16 -32.58
C ILE D 886 -23.68 -53.33 -31.38
N ARG D 887 -23.46 -52.03 -31.60
CA ARG D 887 -23.03 -51.13 -30.53
C ARG D 887 -24.20 -50.26 -30.11
N ALA D 888 -24.28 -49.96 -28.82
CA ALA D 888 -25.11 -48.86 -28.38
C ALA D 888 -24.27 -47.61 -28.26
N THR D 889 -24.82 -46.48 -28.66
CA THR D 889 -24.22 -45.18 -28.43
C THR D 889 -25.17 -44.37 -27.56
N SER D 890 -24.67 -43.87 -26.44
CA SER D 890 -25.48 -43.15 -25.48
C SER D 890 -25.04 -41.70 -25.38
N LEU D 891 -25.66 -40.99 -24.45
CA LEU D 891 -25.21 -39.64 -24.10
C LEU D 891 -23.84 -39.69 -23.45
N ALA D 892 -23.60 -40.69 -22.60
CA ALA D 892 -22.32 -40.85 -21.94
C ALA D 892 -21.25 -41.35 -22.90
N GLY D 893 -21.64 -42.14 -23.88
CA GLY D 893 -20.68 -42.74 -24.77
C GLY D 893 -21.23 -44.02 -25.37
N ASN D 894 -20.31 -44.91 -25.69
CA ASN D 894 -20.65 -46.08 -26.49
C ASN D 894 -20.83 -47.31 -25.61
N GLY D 895 -21.94 -48.00 -25.80
CA GLY D 895 -22.13 -49.27 -25.15
C GLY D 895 -21.78 -50.41 -26.09
N SER D 896 -20.87 -51.26 -25.63
CA SER D 896 -20.02 -52.16 -26.42
C SER D 896 -20.73 -53.01 -27.45
N TRP D 897 -19.97 -53.41 -28.47
CA TRP D 897 -20.51 -54.17 -29.59
C TRP D 897 -21.01 -55.53 -29.15
N THR D 898 -22.11 -55.97 -29.75
CA THR D 898 -22.65 -57.29 -29.43
C THR D 898 -21.82 -58.37 -30.07
N GLU D 899 -22.24 -59.58 -29.91
CA GLU D 899 -21.42 -60.66 -30.41
C GLU D 899 -21.66 -60.93 -31.89
N PRO D 900 -20.64 -61.40 -32.61
CA PRO D 900 -20.76 -61.49 -34.08
C PRO D 900 -21.76 -62.56 -34.48
N THR D 901 -22.78 -62.12 -35.20
CA THR D 901 -23.98 -62.90 -35.40
C THR D 901 -24.06 -63.38 -36.85
N TYR D 902 -24.19 -64.69 -37.00
CA TYR D 902 -23.82 -65.39 -38.23
C TYR D 902 -25.07 -65.92 -38.92
N PHE D 903 -25.23 -65.58 -40.21
CA PHE D 903 -26.41 -65.98 -40.99
C PHE D 903 -26.17 -65.78 -42.49
N TYR D 904 -26.93 -66.50 -43.32
CA TYR D 904 -26.77 -66.53 -44.78
C TYR D 904 -28.17 -66.45 -45.43
N VAL D 905 -28.32 -65.58 -46.43
CA VAL D 905 -29.57 -65.49 -47.21
C VAL D 905 -29.47 -66.45 -48.38
N THR D 906 -30.62 -66.77 -48.98
CA THR D 906 -30.70 -67.78 -50.04
C THR D 906 -29.89 -67.34 -51.26
N ASP D 907 -28.98 -68.19 -51.73
CA ASP D 907 -28.12 -67.89 -52.87
C ASP D 907 -28.85 -68.12 -54.19
N TYR D 908 -29.93 -68.92 -54.17
CA TYR D 908 -30.90 -69.12 -55.25
C TYR D 908 -30.31 -69.81 -56.49
N LEU D 909 -29.04 -70.18 -56.46
CA LEU D 909 -28.45 -70.93 -57.56
C LEU D 909 -27.70 -72.12 -57.01
N GLY E 1 32.96 17.41 30.88
CA GLY E 1 32.65 18.77 31.27
C GLY E 1 31.74 19.44 30.26
N ILE E 2 32.33 20.24 29.36
CA ILE E 2 31.53 20.89 28.35
C ILE E 2 31.07 19.91 27.27
N VAL E 3 31.89 18.87 27.03
CA VAL E 3 31.49 17.83 26.09
C VAL E 3 30.38 16.98 26.69
N GLU E 4 30.39 16.80 28.01
CA GLU E 4 29.32 16.05 28.64
C GLU E 4 28.05 16.88 28.76
N GLN E 5 28.16 18.19 28.58
CA GLN E 5 27.00 19.04 28.67
C GLN E 5 26.53 19.55 27.31
N CYS E 6 27.46 20.01 26.47
CA CYS E 6 27.09 20.69 25.25
C CYS E 6 27.22 19.81 24.01
N CYS E 7 27.83 18.64 24.15
CA CYS E 7 28.08 17.77 23.01
C CYS E 7 27.30 16.47 23.12
N THR E 8 27.43 15.76 24.24
CA THR E 8 26.59 14.59 24.49
C THR E 8 25.13 14.99 24.72
N SER E 9 24.91 16.04 25.49
CA SER E 9 23.60 16.65 25.64
C SER E 9 23.62 17.99 24.91
N ILE E 10 22.59 18.78 25.14
CA ILE E 10 22.46 20.06 24.45
C ILE E 10 22.55 21.20 25.46
N CYS E 11 23.38 22.19 25.16
CA CYS E 11 23.50 23.38 25.98
C CYS E 11 22.66 24.52 25.42
N SER E 12 22.32 25.43 26.31
CA SER E 12 21.95 26.78 25.91
C SER E 12 23.21 27.64 25.95
N LEU E 13 23.00 28.96 25.77
CA LEU E 13 24.05 29.90 26.12
C LEU E 13 24.33 29.87 27.61
N TYR E 14 23.31 29.61 28.42
CA TYR E 14 23.45 29.67 29.87
C TYR E 14 24.32 28.54 30.37
N GLN E 15 24.25 27.39 29.71
CA GLN E 15 25.17 26.31 30.05
C GLN E 15 26.56 26.58 29.47
N LEU E 16 26.62 27.39 28.40
CA LEU E 16 27.89 27.85 27.83
C LEU E 16 28.43 29.09 28.52
N GLU E 17 27.59 29.89 29.17
CA GLU E 17 28.09 31.06 29.90
C GLU E 17 28.85 30.63 31.15
N ASN E 18 28.62 29.40 31.63
CA ASN E 18 29.49 28.80 32.61
C ASN E 18 30.90 28.58 32.07
N TYR E 19 31.04 28.41 30.76
CA TYR E 19 32.34 28.28 30.13
C TYR E 19 32.86 29.61 29.62
N CYS E 20 32.21 30.72 29.99
CA CYS E 20 32.82 32.03 29.90
C CYS E 20 33.73 32.27 31.11
N ASN E 21 34.13 33.53 31.29
CA ASN E 21 34.84 33.90 32.49
C ASN E 21 33.93 33.84 33.71
N ASN F 3 30.59 13.27 16.20
CA ASN F 3 31.97 13.72 16.05
C ASN F 3 32.20 14.93 16.94
N GLN F 4 32.96 14.70 18.03
CA GLN F 4 33.24 15.75 19.02
C GLN F 4 34.01 16.90 18.42
N HIS F 5 34.81 16.62 17.40
CA HIS F 5 35.56 17.66 16.72
C HIS F 5 34.61 18.63 16.03
N LEU F 6 33.68 18.09 15.23
CA LEU F 6 32.62 18.90 14.64
C LEU F 6 31.72 19.48 15.71
N CYS F 7 31.44 18.69 16.74
CA CYS F 7 30.65 19.15 17.86
C CYS F 7 31.35 20.29 18.58
N GLY F 8 32.64 20.11 18.87
CA GLY F 8 33.39 21.19 19.49
C GLY F 8 33.74 22.30 18.52
N SER F 9 33.59 22.05 17.21
CA SER F 9 33.96 23.05 16.20
C SER F 9 33.10 24.28 16.31
N HIS F 10 31.86 24.08 16.68
CA HIS F 10 31.01 25.23 16.89
C HIS F 10 31.09 25.69 18.31
N LEU F 11 31.51 24.82 19.22
CA LEU F 11 31.55 25.22 20.62
C LEU F 11 32.51 26.38 20.85
N VAL F 12 33.55 26.50 20.03
CA VAL F 12 34.30 27.75 20.08
C VAL F 12 33.52 28.89 19.42
N GLU F 13 32.75 28.60 18.37
CA GLU F 13 31.91 29.63 17.77
C GLU F 13 30.72 29.92 18.65
N ALA F 14 30.23 28.90 19.35
CA ALA F 14 29.28 29.11 20.42
C ALA F 14 29.87 30.01 21.48
N LEU F 15 30.96 29.57 22.10
CA LEU F 15 31.49 30.28 23.25
C LEU F 15 32.11 31.62 22.87
N TYR F 16 32.49 31.81 21.62
CA TYR F 16 32.85 33.16 21.23
C TYR F 16 31.61 34.03 21.13
N LEU F 17 30.49 33.45 20.70
CA LEU F 17 29.25 34.21 20.73
C LEU F 17 28.71 34.29 22.15
N VAL F 18 28.94 33.25 22.94
CA VAL F 18 28.46 33.24 24.32
C VAL F 18 29.28 34.17 25.20
N CYS F 19 30.60 34.05 25.17
CA CYS F 19 31.41 34.88 26.03
C CYS F 19 31.71 36.24 25.43
N GLY F 20 32.02 36.29 24.15
CA GLY F 20 32.18 37.58 23.48
C GLY F 20 33.46 38.23 23.91
N GLU F 21 33.31 39.39 24.55
CA GLU F 21 34.44 40.06 25.17
C GLU F 21 34.91 39.37 26.45
N ARG F 22 34.09 38.50 27.04
CA ARG F 22 34.55 37.78 28.22
C ARG F 22 35.58 36.73 27.86
N GLY F 23 35.36 36.01 26.78
CA GLY F 23 36.28 34.96 26.40
C GLY F 23 36.04 33.69 27.19
N PHE F 24 36.70 32.65 26.74
CA PHE F 24 36.34 31.33 27.20
C PHE F 24 37.58 30.45 27.21
N PHE F 25 37.73 29.70 28.29
CA PHE F 25 38.74 28.66 28.35
C PHE F 25 38.10 27.37 27.86
N TYR F 26 38.75 26.75 26.88
CA TYR F 26 38.15 25.65 26.16
C TYR F 26 39.18 24.54 25.99
N THR F 27 38.86 23.38 26.52
CA THR F 27 39.72 22.22 26.42
C THR F 27 38.97 21.07 25.74
N PRO F 28 39.26 20.80 24.49
CA PRO F 28 38.51 19.76 23.80
C PRO F 28 39.02 18.35 24.06
N LYS F 29 40.33 18.16 24.16
CA LYS F 29 40.90 16.83 24.03
C LYS F 29 40.72 15.97 25.28
N THR F 30 39.94 14.91 25.16
CA THR F 30 39.79 13.83 26.15
C THR F 30 39.37 14.31 27.54
N GLY G 1 -43.01 10.85 -1.56
CA GLY G 1 -43.47 11.19 -0.23
C GLY G 1 -42.59 10.56 0.82
N ILE G 2 -43.03 9.43 1.38
CA ILE G 2 -42.25 8.74 2.38
C ILE G 2 -41.02 8.07 1.78
N VAL G 3 -41.16 7.63 0.51
CA VAL G 3 -40.02 7.05 -0.18
C VAL G 3 -39.01 8.13 -0.53
N GLU G 4 -39.48 9.35 -0.80
CA GLU G 4 -38.57 10.44 -1.08
C GLU G 4 -37.93 10.97 0.19
N GLN G 5 -38.48 10.62 1.35
CA GLN G 5 -37.93 11.07 2.61
C GLN G 5 -37.21 9.98 3.36
N CYS G 6 -37.80 8.79 3.45
CA CYS G 6 -37.29 7.74 4.32
C CYS G 6 -36.51 6.67 3.57
N CYS G 7 -36.59 6.67 2.25
CA CYS G 7 -35.95 5.64 1.44
C CYS G 7 -34.83 6.19 0.59
N THR G 8 -35.10 7.23 -0.20
CA THR G 8 -34.03 7.92 -0.91
C THR G 8 -33.12 8.67 0.05
N SER G 9 -33.69 9.36 1.02
CA SER G 9 -32.93 9.95 2.11
C SER G 9 -33.21 9.14 3.37
N ILE G 10 -32.80 9.67 4.50
CA ILE G 10 -32.94 8.97 5.78
C ILE G 10 -33.89 9.73 6.68
N CYS G 11 -34.86 9.01 7.24
CA CYS G 11 -35.79 9.57 8.20
C CYS G 11 -35.36 9.28 9.63
N SER G 12 -35.82 10.13 10.53
CA SER G 12 -35.92 9.77 11.94
C SER G 12 -37.31 9.21 12.19
N LEU G 13 -37.61 8.99 13.47
CA LEU G 13 -39.00 8.79 13.86
C LEU G 13 -39.83 10.02 13.58
N TYR G 14 -39.22 11.20 13.72
CA TYR G 14 -39.96 12.45 13.60
C TYR G 14 -40.40 12.68 12.17
N GLN G 15 -39.60 12.23 11.21
CA GLN G 15 -40.04 12.28 9.82
C GLN G 15 -41.03 11.17 9.53
N LEU G 16 -40.99 10.08 10.32
CA LEU G 16 -41.96 9.01 10.24
C LEU G 16 -43.21 9.28 11.08
N GLU G 17 -43.12 10.12 12.11
CA GLU G 17 -44.31 10.47 12.88
C GLU G 17 -45.26 11.33 12.08
N ASN G 18 -44.76 11.99 11.04
CA ASN G 18 -45.62 12.60 10.04
C ASN G 18 -46.45 11.56 9.29
N TYR G 19 -45.95 10.33 9.19
CA TYR G 19 -46.70 9.25 8.58
C TYR G 19 -47.47 8.44 9.59
N CYS G 20 -47.55 8.91 10.84
CA CYS G 20 -48.56 8.45 11.77
C CYS G 20 -49.89 9.15 11.51
N ASN G 21 -50.81 9.01 12.45
CA ASN G 21 -52.05 9.78 12.40
C ASN G 21 -51.77 11.26 12.62
N GLN H 4 -36.78 -0.79 -3.26
CA GLN H 4 -37.85 -0.12 -2.55
C GLN H 4 -38.61 -1.11 -1.69
N HIS H 5 -38.61 -2.36 -2.16
CA HIS H 5 -39.42 -3.42 -1.54
C HIS H 5 -38.88 -3.77 -0.17
N LEU H 6 -37.55 -3.96 -0.06
CA LEU H 6 -36.92 -4.11 1.24
C LEU H 6 -37.02 -2.82 2.02
N CYS H 7 -36.86 -1.70 1.34
CA CYS H 7 -36.86 -0.38 1.97
C CYS H 7 -38.21 -0.07 2.60
N GLY H 8 -39.30 -0.36 1.89
CA GLY H 8 -40.60 -0.10 2.45
C GLY H 8 -41.01 -1.14 3.46
N SER H 9 -40.39 -2.33 3.42
CA SER H 9 -40.81 -3.44 4.26
C SER H 9 -40.55 -3.16 5.72
N HIS H 10 -39.52 -2.39 5.99
CA HIS H 10 -39.22 -2.00 7.35
C HIS H 10 -40.00 -0.78 7.76
N LEU H 11 -40.43 0.01 6.77
CA LEU H 11 -41.10 1.26 7.10
C LEU H 11 -42.37 0.97 7.87
N VAL H 12 -43.06 -0.09 7.50
CA VAL H 12 -44.20 -0.50 8.31
C VAL H 12 -43.75 -1.09 9.64
N GLU H 13 -42.57 -1.68 9.71
CA GLU H 13 -42.06 -2.09 11.00
C GLU H 13 -41.66 -0.87 11.80
N ALA H 14 -41.10 0.11 11.10
CA ALA H 14 -40.83 1.38 11.71
C ALA H 14 -42.12 2.07 12.11
N LEU H 15 -43.04 2.25 11.17
CA LEU H 15 -44.26 3.00 11.45
C LEU H 15 -45.17 2.27 12.43
N TYR H 16 -45.00 0.96 12.58
CA TYR H 16 -45.71 0.29 13.66
C TYR H 16 -45.13 0.70 15.01
N LEU H 17 -43.84 1.00 15.04
CA LEU H 17 -43.26 1.46 16.28
C LEU H 17 -43.44 2.97 16.41
N VAL H 18 -43.34 3.68 15.29
CA VAL H 18 -43.46 5.12 15.29
C VAL H 18 -44.88 5.55 15.66
N CYS H 19 -45.89 4.89 15.10
CA CYS H 19 -47.26 5.23 15.40
C CYS H 19 -47.83 4.41 16.54
N GLY H 20 -47.61 3.10 16.53
CA GLY H 20 -48.00 2.28 17.67
C GLY H 20 -49.48 2.08 17.70
N GLU H 21 -50.09 2.61 18.76
CA GLU H 21 -51.53 2.65 18.86
C GLU H 21 -52.15 3.66 17.91
N ARG H 22 -51.36 4.62 17.41
CA ARG H 22 -51.90 5.56 16.44
C ARG H 22 -52.16 4.88 15.13
N GLY H 23 -51.23 4.06 14.67
CA GLY H 23 -51.36 3.44 13.38
C GLY H 23 -51.03 4.42 12.28
N PHE H 24 -51.01 3.88 11.08
CA PHE H 24 -50.42 4.62 9.98
C PHE H 24 -51.08 4.20 8.70
N PHE H 25 -51.12 5.12 7.75
CA PHE H 25 -51.56 4.83 6.40
C PHE H 25 -50.34 4.70 5.52
N TYR H 26 -50.29 3.64 4.74
CA TYR H 26 -49.10 3.29 4.00
C TYR H 26 -49.47 2.85 2.61
N THR H 27 -49.14 3.67 1.63
CA THR H 27 -49.23 3.34 0.22
C THR H 27 -47.86 3.00 -0.32
N PRO H 28 -47.66 1.77 -0.74
CA PRO H 28 -46.33 1.38 -1.22
C PRO H 28 -46.11 1.58 -2.71
N LYS H 29 -47.17 1.67 -3.49
CA LYS H 29 -47.02 1.47 -4.93
C LYS H 29 -46.39 2.65 -5.66
N THR H 30 -45.19 2.41 -6.19
CA THR H 30 -44.47 3.32 -7.10
C THR H 30 -44.23 4.73 -6.54
N GLY I 1 28.82 -5.57 13.59
CA GLY I 1 29.25 -4.20 13.81
C GLY I 1 29.81 -3.59 12.54
N ILE I 2 31.14 -3.59 12.42
CA ILE I 2 31.77 -3.05 11.24
C ILE I 2 31.60 -3.98 10.05
N VAL I 3 31.52 -5.30 10.32
CA VAL I 3 31.28 -6.25 9.26
C VAL I 3 29.83 -6.14 8.79
N GLU I 4 28.92 -5.81 9.69
CA GLU I 4 27.53 -5.63 9.30
C GLU I 4 27.32 -4.30 8.59
N GLN I 5 28.29 -3.39 8.69
CA GLN I 5 28.16 -2.10 8.05
C GLN I 5 29.07 -1.97 6.83
N CYS I 6 30.33 -2.38 6.95
CA CYS I 6 31.33 -2.11 5.92
C CYS I 6 31.60 -3.31 5.04
N CYS I 7 31.12 -4.49 5.42
CA CYS I 7 31.41 -5.72 4.70
C CYS I 7 30.16 -6.31 4.06
N THR I 8 29.10 -6.52 4.85
CA THR I 8 27.81 -6.91 4.27
C THR I 8 27.20 -5.79 3.46
N SER I 9 27.24 -4.57 3.98
CA SER I 9 26.86 -3.38 3.24
C SER I 9 28.13 -2.61 2.92
N ILE I 10 27.96 -1.39 2.45
CA ILE I 10 29.09 -0.56 2.03
C ILE I 10 29.20 0.65 2.94
N CYS I 11 30.41 0.89 3.43
CA CYS I 11 30.70 2.06 4.24
C CYS I 11 31.31 3.17 3.40
N SER I 12 31.15 4.39 3.89
CA SER I 12 32.02 5.49 3.53
C SER I 12 33.16 5.56 4.54
N LEU I 13 33.95 6.61 4.44
CA LEU I 13 34.84 6.97 5.54
C LEU I 13 34.05 7.34 6.78
N TYR I 14 32.88 7.95 6.59
CA TYR I 14 32.11 8.46 7.71
C TYR I 14 31.54 7.31 8.54
N GLN I 15 31.22 6.20 7.88
CA GLN I 15 30.82 5.02 8.63
C GLN I 15 32.03 4.33 9.23
N LEU I 16 33.21 4.54 8.63
CA LEU I 16 34.47 4.05 9.18
C LEU I 16 35.09 5.00 10.20
N GLU I 17 34.75 6.29 10.15
CA GLU I 17 35.25 7.22 11.17
C GLU I 17 34.62 6.96 12.53
N ASN I 18 33.47 6.29 12.54
CA ASN I 18 32.92 5.73 13.77
C ASN I 18 33.83 4.66 14.34
N TYR I 19 34.61 3.98 13.51
CA TYR I 19 35.57 3.00 13.98
C TYR I 19 36.96 3.59 14.16
N CYS I 20 37.07 4.92 14.09
CA CYS I 20 38.23 5.61 14.63
C CYS I 20 38.09 5.79 16.13
N ASN I 21 38.95 6.63 16.69
CA ASN I 21 38.80 7.01 18.09
C ASN I 21 37.55 7.85 18.29
N GLY J 1 -25.55 -2.08 -17.30
CA GLY J 1 -26.59 -2.20 -16.30
C GLY J 1 -26.87 -3.65 -15.97
N ILE J 2 -27.91 -4.21 -16.58
CA ILE J 2 -28.24 -5.61 -16.34
C ILE J 2 -27.24 -6.53 -17.03
N VAL J 3 -26.69 -6.08 -18.16
CA VAL J 3 -25.66 -6.87 -18.84
C VAL J 3 -24.36 -6.81 -18.05
N GLU J 4 -24.10 -5.70 -17.38
CA GLU J 4 -22.90 -5.62 -16.56
C GLU J 4 -23.08 -6.38 -15.26
N GLN J 5 -24.31 -6.73 -14.90
CA GLN J 5 -24.55 -7.47 -13.67
C GLN J 5 -24.90 -8.92 -13.92
N CYS J 6 -25.79 -9.18 -14.88
CA CYS J 6 -26.35 -10.52 -15.05
C CYS J 6 -25.71 -11.28 -16.21
N CYS J 7 -24.93 -10.60 -17.04
CA CYS J 7 -24.35 -11.22 -18.22
C CYS J 7 -22.84 -11.31 -18.13
N THR J 8 -22.17 -10.18 -17.86
CA THR J 8 -20.73 -10.22 -17.59
C THR J 8 -20.44 -10.90 -16.27
N SER J 9 -21.21 -10.60 -15.23
CA SER J 9 -21.15 -11.32 -13.98
C SER J 9 -22.42 -12.15 -13.87
N ILE J 10 -22.67 -12.70 -12.69
CA ILE J 10 -23.80 -13.58 -12.46
C ILE J 10 -24.77 -12.94 -11.49
N CYS J 11 -26.04 -12.92 -11.86
CA CYS J 11 -27.11 -12.42 -11.00
C CYS J 11 -27.79 -13.55 -10.25
N SER J 12 -28.39 -13.20 -9.13
CA SER J 12 -29.46 -13.98 -8.56
C SER J 12 -30.78 -13.44 -9.06
N LEU J 13 -31.88 -13.95 -8.49
CA LEU J 13 -33.16 -13.28 -8.65
C LEU J 13 -33.13 -11.90 -8.01
N TYR J 14 -32.38 -11.75 -6.92
CA TYR J 14 -32.38 -10.51 -6.18
C TYR J 14 -31.71 -9.40 -6.95
N GLN J 15 -30.72 -9.75 -7.75
CA GLN J 15 -30.12 -8.76 -8.64
C GLN J 15 -31.03 -8.53 -9.85
N LEU J 16 -31.86 -9.52 -10.19
CA LEU J 16 -32.87 -9.38 -11.23
C LEU J 16 -34.17 -8.76 -10.72
N GLU J 17 -34.46 -8.86 -9.43
CA GLU J 17 -35.66 -8.21 -8.88
C GLU J 17 -35.51 -6.70 -8.88
N ASN J 18 -34.28 -6.20 -8.94
CA ASN J 18 -34.04 -4.79 -9.23
C ASN J 18 -34.50 -4.43 -10.63
N TYR J 19 -34.54 -5.39 -11.55
CA TYR J 19 -35.04 -5.16 -12.89
C TYR J 19 -36.51 -5.54 -13.02
N CYS J 20 -37.17 -5.82 -11.89
CA CYS J 20 -38.63 -5.80 -11.86
C CYS J 20 -39.14 -4.38 -11.71
N ASN J 21 -40.42 -4.26 -11.38
CA ASN J 21 -40.98 -2.96 -11.04
C ASN J 21 -40.41 -2.45 -9.72
N HIS K 5 31.84 -3.07 -0.22
CA HIS K 5 31.80 -4.28 0.59
C HIS K 5 33.20 -4.74 0.93
N LEU K 6 33.85 -4.05 1.87
CA LEU K 6 35.23 -4.33 2.22
C LEU K 6 35.26 -5.46 3.23
N CYS K 7 35.87 -6.58 2.85
CA CYS K 7 35.64 -7.86 3.50
C CYS K 7 36.95 -8.62 3.66
N GLY K 8 37.05 -9.37 4.76
CA GLY K 8 38.23 -10.13 5.08
C GLY K 8 39.35 -9.23 5.56
N SER K 9 40.55 -9.49 5.03
CA SER K 9 41.70 -8.64 5.35
C SER K 9 41.71 -7.37 4.51
N HIS K 10 40.81 -7.25 3.54
CA HIS K 10 40.67 -6.02 2.77
C HIS K 10 40.12 -4.90 3.65
N LEU K 11 39.18 -5.23 4.53
CA LEU K 11 38.68 -4.24 5.48
C LEU K 11 39.71 -3.90 6.54
N VAL K 12 40.63 -4.84 6.83
CA VAL K 12 41.68 -4.60 7.81
C VAL K 12 42.62 -3.52 7.33
N GLU K 13 43.05 -3.63 6.07
CA GLU K 13 43.91 -2.62 5.51
C GLU K 13 43.12 -1.37 5.16
N ALA K 14 41.81 -1.50 4.96
CA ALA K 14 40.97 -0.31 4.81
C ALA K 14 40.84 0.42 6.13
N LEU K 15 40.84 -0.32 7.24
CA LEU K 15 40.79 0.33 8.55
C LEU K 15 42.10 1.03 8.87
N TYR K 16 43.24 0.37 8.62
CA TYR K 16 44.51 1.00 8.94
C TYR K 16 44.80 2.14 7.98
N LEU K 17 44.19 2.13 6.80
CA LEU K 17 44.19 3.29 5.93
C LEU K 17 43.38 4.43 6.52
N VAL K 18 42.17 4.13 7.02
CA VAL K 18 41.32 5.19 7.58
C VAL K 18 41.87 5.65 8.92
N CYS K 19 42.34 4.70 9.74
CA CYS K 19 42.90 5.07 11.04
C CYS K 19 44.29 5.69 10.88
N GLY K 20 45.26 4.92 10.38
CA GLY K 20 46.59 5.49 10.26
C GLY K 20 47.29 5.45 11.60
N GLU K 21 47.21 6.57 12.31
CA GLU K 21 47.64 6.65 13.69
C GLU K 21 46.59 6.01 14.60
N ARG K 22 46.68 6.33 15.90
CA ARG K 22 46.30 5.48 17.05
C ARG K 22 45.10 4.55 16.84
N GLY K 23 44.03 5.08 16.25
CA GLY K 23 43.03 4.22 15.64
C GLY K 23 41.82 3.84 16.46
N PHE K 24 41.98 3.07 17.53
CA PHE K 24 40.82 2.58 18.26
C PHE K 24 41.22 2.30 19.70
N PHE K 25 40.42 2.79 20.63
CA PHE K 25 40.76 2.80 22.05
C PHE K 25 39.95 1.74 22.79
N TYR K 26 40.21 1.64 24.08
CA TYR K 26 39.66 0.58 24.92
C TYR K 26 39.23 1.16 26.26
N THR K 27 38.45 2.24 26.23
CA THR K 27 37.84 2.75 27.44
C THR K 27 36.33 2.91 27.24
N HIS L 5 -23.98 -16.53 -15.79
CA HIS L 5 -23.70 -15.50 -16.78
C HIS L 5 -24.78 -15.59 -17.84
N LEU L 6 -25.91 -14.93 -17.61
CA LEU L 6 -27.07 -15.04 -18.50
C LEU L 6 -26.99 -13.99 -19.58
N CYS L 7 -26.82 -14.46 -20.83
CA CYS L 7 -26.40 -13.62 -21.94
C CYS L 7 -27.20 -13.94 -23.19
N GLY L 8 -27.22 -12.97 -24.10
CA GLY L 8 -27.92 -13.03 -25.35
C GLY L 8 -29.43 -13.00 -25.19
N SER L 9 -30.10 -13.81 -26.01
CA SER L 9 -31.54 -13.92 -25.92
C SER L 9 -31.97 -14.81 -24.75
N HIS L 10 -31.02 -15.51 -24.13
CA HIS L 10 -31.32 -16.28 -22.93
C HIS L 10 -31.62 -15.38 -21.75
N LEU L 11 -31.04 -14.18 -21.73
CA LEU L 11 -31.34 -13.25 -20.65
C LEU L 11 -32.76 -12.73 -20.75
N VAL L 12 -33.34 -12.68 -21.96
CA VAL L 12 -34.70 -12.15 -22.16
C VAL L 12 -35.70 -13.04 -21.45
N GLU L 13 -35.52 -14.36 -21.59
CA GLU L 13 -36.42 -15.29 -20.95
C GLU L 13 -36.04 -15.50 -19.49
N ALA L 14 -34.77 -15.25 -19.15
CA ALA L 14 -34.36 -15.22 -17.75
C ALA L 14 -34.98 -14.04 -17.03
N LEU L 15 -35.20 -12.95 -17.76
CA LEU L 15 -35.88 -11.79 -17.17
C LEU L 15 -37.37 -12.00 -17.08
N TYR L 16 -37.98 -12.46 -18.17
CA TYR L 16 -39.43 -12.55 -18.19
C TYR L 16 -39.93 -13.67 -17.28
N LEU L 17 -39.07 -14.64 -16.99
CA LEU L 17 -39.37 -15.57 -15.91
C LEU L 17 -39.33 -14.88 -14.56
N VAL L 18 -38.38 -13.96 -14.37
CA VAL L 18 -38.35 -13.19 -13.12
C VAL L 18 -39.43 -12.12 -13.15
N CYS L 19 -39.66 -11.52 -14.32
CA CYS L 19 -40.73 -10.53 -14.45
C CYS L 19 -42.11 -11.19 -14.35
N GLY L 20 -42.45 -12.03 -15.32
CA GLY L 20 -43.77 -12.63 -15.28
C GLY L 20 -44.83 -11.60 -15.61
N GLU L 21 -45.49 -11.09 -14.59
CA GLU L 21 -46.40 -9.98 -14.76
C GLU L 21 -45.61 -8.68 -14.89
N ARG L 22 -46.32 -7.55 -14.73
CA ARG L 22 -46.11 -6.27 -15.42
C ARG L 22 -44.67 -5.90 -15.78
N GLY L 23 -43.74 -6.12 -14.86
CA GLY L 23 -42.35 -6.18 -15.23
C GLY L 23 -41.48 -4.95 -15.09
N PHE L 24 -41.75 -3.87 -15.82
CA PHE L 24 -40.79 -2.76 -15.87
C PHE L 24 -41.51 -1.51 -16.33
N PHE L 25 -41.31 -0.42 -15.59
CA PHE L 25 -42.10 0.81 -15.72
C PHE L 25 -41.23 1.94 -16.25
N TYR L 26 -41.87 3.08 -16.47
CA TYR L 26 -41.24 4.22 -17.12
C TYR L 26 -41.65 5.52 -16.41
N THR L 27 -41.52 5.53 -15.10
CA THR L 27 -41.70 6.78 -14.37
C THR L 27 -40.44 7.09 -13.56
#